data_4HCS
# 
_entry.id   4HCS 
# 
_audit_conform.dict_name       mmcif_pdbx.dic 
_audit_conform.dict_version    5.397 
_audit_conform.dict_location   http://mmcif.pdb.org/dictionaries/ascii/mmcif_pdbx.dic 
# 
loop_
_database_2.database_id 
_database_2.database_code 
_database_2.pdbx_database_accession 
_database_2.pdbx_DOI 
PDB   4HCS         pdb_00004hcs 10.2210/pdb4hcs/pdb 
RCSB  RCSB075303   ?            ?                   
WWPDB D_1000075303 ?            ?                   
# 
loop_
_pdbx_audit_revision_history.ordinal 
_pdbx_audit_revision_history.data_content_type 
_pdbx_audit_revision_history.major_revision 
_pdbx_audit_revision_history.minor_revision 
_pdbx_audit_revision_history.revision_date 
1 'Structure model' 1 0 2013-10-16 
2 'Structure model' 1 1 2013-10-30 
3 'Structure model' 1 2 2014-04-23 
4 'Structure model' 1 3 2024-10-16 
# 
_pdbx_audit_revision_details.ordinal             1 
_pdbx_audit_revision_details.revision_ordinal    1 
_pdbx_audit_revision_details.data_content_type   'Structure model' 
_pdbx_audit_revision_details.provider            repository 
_pdbx_audit_revision_details.type                'Initial release' 
_pdbx_audit_revision_details.description         ? 
_pdbx_audit_revision_details.details             ? 
# 
loop_
_pdbx_audit_revision_group.ordinal 
_pdbx_audit_revision_group.revision_ordinal 
_pdbx_audit_revision_group.data_content_type 
_pdbx_audit_revision_group.group 
1 2 'Structure model' 'Database references' 
2 3 'Structure model' 'Database references' 
3 4 'Structure model' 'Data collection'     
4 4 'Structure model' 'Database references' 
5 4 'Structure model' 'Structure summary'   
# 
loop_
_pdbx_audit_revision_category.ordinal 
_pdbx_audit_revision_category.revision_ordinal 
_pdbx_audit_revision_category.data_content_type 
_pdbx_audit_revision_category.category 
1 4 'Structure model' chem_comp_atom            
2 4 'Structure model' chem_comp_bond            
3 4 'Structure model' database_2                
4 4 'Structure model' pdbx_entry_details        
5 4 'Structure model' pdbx_modification_feature 
# 
loop_
_pdbx_audit_revision_item.ordinal 
_pdbx_audit_revision_item.revision_ordinal 
_pdbx_audit_revision_item.data_content_type 
_pdbx_audit_revision_item.item 
1 4 'Structure model' '_database_2.pdbx_DOI'                
2 4 'Structure model' '_database_2.pdbx_database_accession' 
# 
_pdbx_database_status.status_code                     REL 
_pdbx_database_status.entry_id                        4HCS 
_pdbx_database_status.recvd_initial_deposition_date   2012-10-01 
_pdbx_database_status.deposit_site                    RCSB 
_pdbx_database_status.process_site                    RCSB 
_pdbx_database_status.status_code_sf                  REL 
_pdbx_database_status.status_code_mr                  ? 
_pdbx_database_status.SG_entry                        ? 
_pdbx_database_status.status_code_cs                  ? 
_pdbx_database_status.methods_development_category    ? 
_pdbx_database_status.pdb_format_compatible           Y 
_pdbx_database_status.status_code_nmr_data            ? 
# 
_pdbx_database_related.db_name        PDB 
_pdbx_database_related.db_id          4HED 
_pdbx_database_related.details        . 
_pdbx_database_related.content_type   unspecified 
# 
loop_
_audit_author.name 
_audit_author.pdbx_ordinal 
'Rajasekaran, D.' 1 
'Fan, C.'         2 
'Meng, W.'        3 
'Pflugrath, J.W.' 4 
'Lolis, E.J.'     5 
# 
_citation.id                        primary 
_citation.title                     'Structural insight into the evolution of a new chemokine family from zebrafish.' 
_citation.journal_abbrev            Proteins 
_citation.journal_volume            82 
_citation.page_first                708 
_citation.page_last                 716 
_citation.year                      2014 
_citation.journal_id_ASTM           PSFGEY 
_citation.country                   US 
_citation.journal_id_ISSN           0887-3585 
_citation.journal_id_CSD            0867 
_citation.book_publisher            ? 
_citation.pdbx_database_id_PubMed   23900850 
_citation.pdbx_database_id_DOI      10.1002/prot.24380 
# 
loop_
_citation_author.citation_id 
_citation_author.name 
_citation_author.ordinal 
_citation_author.identifier_ORCID 
primary 'Rajasekaran, D.' 1 ? 
primary 'Fan, C.'         2 ? 
primary 'Meng, W.'        3 ? 
primary 'Pflugrath, J.W.' 4 ? 
primary 'Lolis, E.J.'     5 ? 
# 
loop_
_entity.id 
_entity.type 
_entity.src_method 
_entity.pdbx_description 
_entity.formula_weight 
_entity.pdbx_number_of_molecules 
_entity.pdbx_ec 
_entity.pdbx_mutation 
_entity.pdbx_fragment 
_entity.details 
1 polymer man 'Uncharacterized protein' 9315.854 1   ? ? CXL-C24a ? 
2 water   nat water                     18.015   113 ? ? ?        ? 
# 
_entity_poly.entity_id                      1 
_entity_poly.type                           'polypeptide(L)' 
_entity_poly.nstd_linkage                   no 
_entity_poly.nstd_monomer                   no 
_entity_poly.pdbx_seq_one_letter_code       
;WSSTDKNFDNRPGVCFKVLTTKEPKANIKRCYNLPKTNNCLKCVLFVDASNRMKCIDPNASWLAERLYRLKEKGVTCRGE
A
;
_entity_poly.pdbx_seq_one_letter_code_can   
;WSSTDKNFDNRPGVCFKVLTTKEPKANIKRCYNLPKTNNCLKCVLFVDASNRMKCIDPNASWLAERLYRLKEKGVTCRGE
A
;
_entity_poly.pdbx_strand_id                 A 
_entity_poly.pdbx_target_identifier         ? 
# 
_pdbx_entity_nonpoly.entity_id   2 
_pdbx_entity_nonpoly.name        water 
_pdbx_entity_nonpoly.comp_id     HOH 
# 
loop_
_entity_poly_seq.entity_id 
_entity_poly_seq.num 
_entity_poly_seq.mon_id 
_entity_poly_seq.hetero 
1 1  TRP n 
1 2  SER n 
1 3  SER n 
1 4  THR n 
1 5  ASP n 
1 6  LYS n 
1 7  ASN n 
1 8  PHE n 
1 9  ASP n 
1 10 ASN n 
1 11 ARG n 
1 12 PRO n 
1 13 GLY n 
1 14 VAL n 
1 15 CYS n 
1 16 PHE n 
1 17 LYS n 
1 18 VAL n 
1 19 LEU n 
1 20 THR n 
1 21 THR n 
1 22 LYS n 
1 23 GLU n 
1 24 PRO n 
1 25 LYS n 
1 26 ALA n 
1 27 ASN n 
1 28 ILE n 
1 29 LYS n 
1 30 ARG n 
1 31 CYS n 
1 32 TYR n 
1 33 ASN n 
1 34 LEU n 
1 35 PRO n 
1 36 LYS n 
1 37 THR n 
1 38 ASN n 
1 39 ASN n 
1 40 CYS n 
1 41 LEU n 
1 42 LYS n 
1 43 CYS n 
1 44 VAL n 
1 45 LEU n 
1 46 PHE n 
1 47 VAL n 
1 48 ASP n 
1 49 ALA n 
1 50 SER n 
1 51 ASN n 
1 52 ARG n 
1 53 MET n 
1 54 LYS n 
1 55 CYS n 
1 56 ILE n 
1 57 ASP n 
1 58 PRO n 
1 59 ASN n 
1 60 ALA n 
1 61 SER n 
1 62 TRP n 
1 63 LEU n 
1 64 ALA n 
1 65 GLU n 
1 66 ARG n 
1 67 LEU n 
1 68 TYR n 
1 69 ARG n 
1 70 LEU n 
1 71 LYS n 
1 72 GLU n 
1 73 LYS n 
1 74 GLY n 
1 75 VAL n 
1 76 THR n 
1 77 CYS n 
1 78 ARG n 
1 79 GLY n 
1 80 GLU n 
1 81 ALA n 
# 
_entity_src_gen.entity_id                          1 
_entity_src_gen.pdbx_src_id                        1 
_entity_src_gen.pdbx_alt_source_flag               sample 
_entity_src_gen.pdbx_seq_type                      ? 
_entity_src_gen.pdbx_beg_seq_num                   ? 
_entity_src_gen.pdbx_end_seq_num                   ? 
_entity_src_gen.gene_src_common_name               'leopard danio,zebra danio,zebra fish' 
_entity_src_gen.gene_src_genus                     ? 
_entity_src_gen.pdbx_gene_src_gene                 si:dkey-25o1.2 
_entity_src_gen.gene_src_species                   ? 
_entity_src_gen.gene_src_strain                    ? 
_entity_src_gen.gene_src_tissue                    ? 
_entity_src_gen.gene_src_tissue_fraction           ? 
_entity_src_gen.gene_src_details                   ? 
_entity_src_gen.pdbx_gene_src_fragment             ? 
_entity_src_gen.pdbx_gene_src_scientific_name      'Danio rerio' 
_entity_src_gen.pdbx_gene_src_ncbi_taxonomy_id     7955 
_entity_src_gen.pdbx_gene_src_variant              ? 
_entity_src_gen.pdbx_gene_src_cell_line            ? 
_entity_src_gen.pdbx_gene_src_atcc                 ? 
_entity_src_gen.pdbx_gene_src_organ                ? 
_entity_src_gen.pdbx_gene_src_organelle            ? 
_entity_src_gen.pdbx_gene_src_cell                 ? 
_entity_src_gen.pdbx_gene_src_cellular_location    ? 
_entity_src_gen.host_org_common_name               ? 
_entity_src_gen.pdbx_host_org_scientific_name      Pichia 
_entity_src_gen.pdbx_host_org_ncbi_taxonomy_id     4919 
_entity_src_gen.host_org_genus                     ? 
_entity_src_gen.pdbx_host_org_gene                 ? 
_entity_src_gen.pdbx_host_org_organ                ? 
_entity_src_gen.host_org_species                   ? 
_entity_src_gen.pdbx_host_org_tissue               ? 
_entity_src_gen.pdbx_host_org_tissue_fraction      ? 
_entity_src_gen.pdbx_host_org_strain               ? 
_entity_src_gen.pdbx_host_org_variant              ? 
_entity_src_gen.pdbx_host_org_cell_line            ? 
_entity_src_gen.pdbx_host_org_atcc                 ? 
_entity_src_gen.pdbx_host_org_culture_collection   ? 
_entity_src_gen.pdbx_host_org_cell                 ? 
_entity_src_gen.pdbx_host_org_organelle            ? 
_entity_src_gen.pdbx_host_org_cellular_location    ? 
_entity_src_gen.pdbx_host_org_vector_type          ? 
_entity_src_gen.pdbx_host_org_vector               ? 
_entity_src_gen.host_org_details                   ? 
_entity_src_gen.expression_system_id               ? 
_entity_src_gen.plasmid_name                       ? 
_entity_src_gen.plasmid_details                    ? 
_entity_src_gen.pdbx_description                   ? 
# 
loop_
_chem_comp.id 
_chem_comp.type 
_chem_comp.mon_nstd_flag 
_chem_comp.name 
_chem_comp.pdbx_synonyms 
_chem_comp.formula 
_chem_comp.formula_weight 
ALA 'L-peptide linking' y ALANINE         ? 'C3 H7 N O2'     89.093  
ARG 'L-peptide linking' y ARGININE        ? 'C6 H15 N4 O2 1' 175.209 
ASN 'L-peptide linking' y ASPARAGINE      ? 'C4 H8 N2 O3'    132.118 
ASP 'L-peptide linking' y 'ASPARTIC ACID' ? 'C4 H7 N O4'     133.103 
CYS 'L-peptide linking' y CYSTEINE        ? 'C3 H7 N O2 S'   121.158 
GLU 'L-peptide linking' y 'GLUTAMIC ACID' ? 'C5 H9 N O4'     147.129 
GLY 'peptide linking'   y GLYCINE         ? 'C2 H5 N O2'     75.067  
HOH non-polymer         . WATER           ? 'H2 O'           18.015  
ILE 'L-peptide linking' y ISOLEUCINE      ? 'C6 H13 N O2'    131.173 
LEU 'L-peptide linking' y LEUCINE         ? 'C6 H13 N O2'    131.173 
LYS 'L-peptide linking' y LYSINE          ? 'C6 H15 N2 O2 1' 147.195 
MET 'L-peptide linking' y METHIONINE      ? 'C5 H11 N O2 S'  149.211 
PHE 'L-peptide linking' y PHENYLALANINE   ? 'C9 H11 N O2'    165.189 
PRO 'L-peptide linking' y PROLINE         ? 'C5 H9 N O2'     115.130 
SER 'L-peptide linking' y SERINE          ? 'C3 H7 N O3'     105.093 
THR 'L-peptide linking' y THREONINE       ? 'C4 H9 N O3'     119.119 
TRP 'L-peptide linking' y TRYPTOPHAN      ? 'C11 H12 N2 O2'  204.225 
TYR 'L-peptide linking' y TYROSINE        ? 'C9 H11 N O3'    181.189 
VAL 'L-peptide linking' y VALINE          ? 'C5 H11 N O2'    117.146 
# 
loop_
_pdbx_poly_seq_scheme.asym_id 
_pdbx_poly_seq_scheme.entity_id 
_pdbx_poly_seq_scheme.seq_id 
_pdbx_poly_seq_scheme.mon_id 
_pdbx_poly_seq_scheme.ndb_seq_num 
_pdbx_poly_seq_scheme.pdb_seq_num 
_pdbx_poly_seq_scheme.auth_seq_num 
_pdbx_poly_seq_scheme.pdb_mon_id 
_pdbx_poly_seq_scheme.auth_mon_id 
_pdbx_poly_seq_scheme.pdb_strand_id 
_pdbx_poly_seq_scheme.pdb_ins_code 
_pdbx_poly_seq_scheme.hetero 
A 1 1  TRP 1  1  ?  ?   ?   A . n 
A 1 2  SER 2  2  ?  ?   ?   A . n 
A 1 3  SER 3  3  ?  ?   ?   A . n 
A 1 4  THR 4  4  ?  ?   ?   A . n 
A 1 5  ASP 5  5  ?  ?   ?   A . n 
A 1 6  LYS 6  6  ?  ?   ?   A . n 
A 1 7  ASN 7  7  ?  ?   ?   A . n 
A 1 8  PHE 8  8  ?  ?   ?   A . n 
A 1 9  ASP 9  9  ?  ?   ?   A . n 
A 1 10 ASN 10 10 ?  ?   ?   A . n 
A 1 11 ARG 11 11 ?  ?   ?   A . n 
A 1 12 PRO 12 12 12 PRO PRO A . n 
A 1 13 GLY 13 13 13 GLY GLY A . n 
A 1 14 VAL 14 14 14 VAL VAL A . n 
A 1 15 CYS 15 15 15 CYS CYS A . n 
A 1 16 PHE 16 16 16 PHE PHE A . n 
A 1 17 LYS 17 17 17 LYS LYS A . n 
A 1 18 VAL 18 18 18 VAL VAL A . n 
A 1 19 LEU 19 19 19 LEU LEU A . n 
A 1 20 THR 20 20 20 THR THR A . n 
A 1 21 THR 21 21 21 THR THR A . n 
A 1 22 LYS 22 22 22 LYS LYS A . n 
A 1 23 GLU 23 23 23 GLU GLU A . n 
A 1 24 PRO 24 24 24 PRO PRO A . n 
A 1 25 LYS 25 25 25 LYS LYS A . n 
A 1 26 ALA 26 26 26 ALA ALA A . n 
A 1 27 ASN 27 27 27 ASN ASN A . n 
A 1 28 ILE 28 28 28 ILE ILE A . n 
A 1 29 LYS 29 29 29 LYS LYS A . n 
A 1 30 ARG 30 30 30 ARG ARG A . n 
A 1 31 CYS 31 31 31 CYS CYS A . n 
A 1 32 TYR 32 32 32 TYR TYR A . n 
A 1 33 ASN 33 33 33 ASN ASN A . n 
A 1 34 LEU 34 34 34 LEU LEU A . n 
A 1 35 PRO 35 35 35 PRO PRO A . n 
A 1 36 LYS 36 36 36 LYS LYS A . n 
A 1 37 THR 37 37 37 THR THR A . n 
A 1 38 ASN 38 38 38 ASN ASN A . n 
A 1 39 ASN 39 39 39 ASN ASN A . n 
A 1 40 CYS 40 40 40 CYS CYS A . n 
A 1 41 LEU 41 41 41 LEU LEU A . n 
A 1 42 LYS 42 42 42 LYS LYS A . n 
A 1 43 CYS 43 43 43 CYS CYS A . n 
A 1 44 VAL 44 44 44 VAL VAL A . n 
A 1 45 LEU 45 45 45 LEU LEU A . n 
A 1 46 PHE 46 46 46 PHE PHE A . n 
A 1 47 VAL 47 47 47 VAL VAL A . n 
A 1 48 ASP 48 48 48 ASP ASP A . n 
A 1 49 ALA 49 49 49 ALA ALA A . n 
A 1 50 SER 50 50 50 SER SER A . n 
A 1 51 ASN 51 51 51 ASN ASN A . n 
A 1 52 ARG 52 52 52 ARG ARG A . n 
A 1 53 MET 53 53 53 MET MET A . n 
A 1 54 LYS 54 54 54 LYS LYS A . n 
A 1 55 CYS 55 55 55 CYS CYS A . n 
A 1 56 ILE 56 56 56 ILE ILE A . n 
A 1 57 ASP 57 57 57 ASP ASP A . n 
A 1 58 PRO 58 58 58 PRO PRO A . n 
A 1 59 ASN 59 59 59 ASN ASN A . n 
A 1 60 ALA 60 60 60 ALA ALA A . n 
A 1 61 SER 61 61 61 SER SER A . n 
A 1 62 TRP 62 62 62 TRP TRP A . n 
A 1 63 LEU 63 63 63 LEU LEU A . n 
A 1 64 ALA 64 64 64 ALA ALA A . n 
A 1 65 GLU 65 65 65 GLU GLU A . n 
A 1 66 ARG 66 66 66 ARG ARG A . n 
A 1 67 LEU 67 67 67 LEU LEU A . n 
A 1 68 TYR 68 68 68 TYR TYR A . n 
A 1 69 ARG 69 69 69 ARG ARG A . n 
A 1 70 LEU 70 70 70 LEU LEU A . n 
A 1 71 LYS 71 71 71 LYS LYS A . n 
A 1 72 GLU 72 72 72 GLU GLU A . n 
A 1 73 LYS 73 73 73 LYS LYS A . n 
A 1 74 GLY 74 74 74 GLY GLY A . n 
A 1 75 VAL 75 75 75 VAL VAL A . n 
A 1 76 THR 76 76 76 THR THR A . n 
A 1 77 CYS 77 77 77 CYS CYS A . n 
A 1 78 ARG 78 78 78 ARG ARG A . n 
A 1 79 GLY 79 79 ?  ?   ?   A . n 
A 1 80 GLU 80 80 ?  ?   ?   A . n 
A 1 81 ALA 81 81 ?  ?   ?   A . n 
# 
loop_
_pdbx_nonpoly_scheme.asym_id 
_pdbx_nonpoly_scheme.entity_id 
_pdbx_nonpoly_scheme.mon_id 
_pdbx_nonpoly_scheme.ndb_seq_num 
_pdbx_nonpoly_scheme.pdb_seq_num 
_pdbx_nonpoly_scheme.auth_seq_num 
_pdbx_nonpoly_scheme.pdb_mon_id 
_pdbx_nonpoly_scheme.auth_mon_id 
_pdbx_nonpoly_scheme.pdb_strand_id 
_pdbx_nonpoly_scheme.pdb_ins_code 
B 2 HOH 1   101 101 HOH HOH A . 
B 2 HOH 2   102 102 HOH HOH A . 
B 2 HOH 3   103 103 HOH HOH A . 
B 2 HOH 4   104 104 HOH HOH A . 
B 2 HOH 5   105 105 HOH HOH A . 
B 2 HOH 6   106 106 HOH HOH A . 
B 2 HOH 7   107 107 HOH HOH A . 
B 2 HOH 8   108 108 HOH HOH A . 
B 2 HOH 9   109 109 HOH HOH A . 
B 2 HOH 10  110 110 HOH HOH A . 
B 2 HOH 11  111 111 HOH HOH A . 
B 2 HOH 12  112 112 HOH HOH A . 
B 2 HOH 13  113 113 HOH HOH A . 
B 2 HOH 14  114 114 HOH HOH A . 
B 2 HOH 15  115 115 HOH HOH A . 
B 2 HOH 16  116 116 HOH HOH A . 
B 2 HOH 17  117 117 HOH HOH A . 
B 2 HOH 18  118 118 HOH HOH A . 
B 2 HOH 19  119 119 HOH HOH A . 
B 2 HOH 20  120 120 HOH HOH A . 
B 2 HOH 21  121 121 HOH HOH A . 
B 2 HOH 22  122 122 HOH HOH A . 
B 2 HOH 23  123 123 HOH HOH A . 
B 2 HOH 24  124 124 HOH HOH A . 
B 2 HOH 25  125 125 HOH HOH A . 
B 2 HOH 26  126 126 HOH HOH A . 
B 2 HOH 27  127 127 HOH HOH A . 
B 2 HOH 28  128 128 HOH HOH A . 
B 2 HOH 29  129 129 HOH HOH A . 
B 2 HOH 30  130 130 HOH HOH A . 
B 2 HOH 31  131 131 HOH HOH A . 
B 2 HOH 32  132 132 HOH HOH A . 
B 2 HOH 33  133 133 HOH HOH A . 
B 2 HOH 34  134 134 HOH HOH A . 
B 2 HOH 35  135 135 HOH HOH A . 
B 2 HOH 36  136 136 HOH HOH A . 
B 2 HOH 37  137 137 HOH HOH A . 
B 2 HOH 38  138 138 HOH HOH A . 
B 2 HOH 39  139 139 HOH HOH A . 
B 2 HOH 40  140 140 HOH HOH A . 
B 2 HOH 41  141 141 HOH HOH A . 
B 2 HOH 42  142 142 HOH HOH A . 
B 2 HOH 43  143 143 HOH HOH A . 
B 2 HOH 44  144 144 HOH HOH A . 
B 2 HOH 45  145 145 HOH HOH A . 
B 2 HOH 46  146 146 HOH HOH A . 
B 2 HOH 47  147 147 HOH HOH A . 
B 2 HOH 48  148 148 HOH HOH A . 
B 2 HOH 49  149 149 HOH HOH A . 
B 2 HOH 50  150 150 HOH HOH A . 
B 2 HOH 51  151 151 HOH HOH A . 
B 2 HOH 52  152 152 HOH HOH A . 
B 2 HOH 53  153 153 HOH HOH A . 
B 2 HOH 54  154 154 HOH HOH A . 
B 2 HOH 55  155 155 HOH HOH A . 
B 2 HOH 56  156 156 HOH HOH A . 
B 2 HOH 57  157 157 HOH HOH A . 
B 2 HOH 58  158 158 HOH HOH A . 
B 2 HOH 59  159 159 HOH HOH A . 
B 2 HOH 60  160 160 HOH HOH A . 
B 2 HOH 61  161 161 HOH HOH A . 
B 2 HOH 62  162 162 HOH HOH A . 
B 2 HOH 63  163 163 HOH HOH A . 
B 2 HOH 64  164 164 HOH HOH A . 
B 2 HOH 65  165 165 HOH HOH A . 
B 2 HOH 66  166 166 HOH HOH A . 
B 2 HOH 67  167 167 HOH HOH A . 
B 2 HOH 68  168 168 HOH HOH A . 
B 2 HOH 69  169 169 HOH HOH A . 
B 2 HOH 70  170 170 HOH HOH A . 
B 2 HOH 71  171 171 HOH HOH A . 
B 2 HOH 72  172 172 HOH HOH A . 
B 2 HOH 73  173 173 HOH HOH A . 
B 2 HOH 74  174 174 HOH HOH A . 
B 2 HOH 75  175 175 HOH HOH A . 
B 2 HOH 76  176 176 HOH HOH A . 
B 2 HOH 77  177 177 HOH HOH A . 
B 2 HOH 78  178 178 HOH HOH A . 
B 2 HOH 79  179 179 HOH HOH A . 
B 2 HOH 80  180 180 HOH HOH A . 
B 2 HOH 81  181 181 HOH HOH A . 
B 2 HOH 82  182 182 HOH HOH A . 
B 2 HOH 83  183 183 HOH HOH A . 
B 2 HOH 84  184 184 HOH HOH A . 
B 2 HOH 85  185 185 HOH HOH A . 
B 2 HOH 86  186 186 HOH HOH A . 
B 2 HOH 87  187 187 HOH HOH A . 
B 2 HOH 88  188 188 HOH HOH A . 
B 2 HOH 89  189 189 HOH HOH A . 
B 2 HOH 90  190 190 HOH HOH A . 
B 2 HOH 91  191 191 HOH HOH A . 
B 2 HOH 92  192 192 HOH HOH A . 
B 2 HOH 93  193 193 HOH HOH A . 
B 2 HOH 94  194 194 HOH HOH A . 
B 2 HOH 95  195 195 HOH HOH A . 
B 2 HOH 96  196 196 HOH HOH A . 
B 2 HOH 97  197 197 HOH HOH A . 
B 2 HOH 98  198 198 HOH HOH A . 
B 2 HOH 99  199 199 HOH HOH A . 
B 2 HOH 100 200 200 HOH HOH A . 
B 2 HOH 101 201 201 HOH HOH A . 
B 2 HOH 102 202 202 HOH HOH A . 
B 2 HOH 103 203 203 HOH HOH A . 
B 2 HOH 104 204 204 HOH HOH A . 
B 2 HOH 105 205 205 HOH HOH A . 
B 2 HOH 106 206 206 HOH HOH A . 
B 2 HOH 107 207 207 HOH HOH A . 
B 2 HOH 108 208 208 HOH HOH A . 
B 2 HOH 109 209 209 HOH HOH A . 
B 2 HOH 110 210 210 HOH HOH A . 
B 2 HOH 111 211 211 HOH HOH A . 
B 2 HOH 112 212 212 HOH HOH A . 
B 2 HOH 113 213 213 HOH HOH A . 
# 
_software.name             PHENIX 
_software.classification   refinement 
_software.version          '(phenix.refine: 1.8_1069)' 
_software.citation_id      ? 
_software.pdbx_ordinal     1 
# 
_cell.entry_id           4HCS 
_cell.length_a           44.640 
_cell.length_b           44.640 
_cell.length_c           142.190 
_cell.angle_alpha        90.00 
_cell.angle_beta         90.00 
_cell.angle_gamma        120.00 
_cell.Z_PDB              12 
_cell.pdbx_unique_axis   ? 
_cell.length_a_esd       ? 
_cell.length_b_esd       ? 
_cell.length_c_esd       ? 
_cell.angle_alpha_esd    ? 
_cell.angle_beta_esd     ? 
_cell.angle_gamma_esd    ? 
# 
_symmetry.entry_id                         4HCS 
_symmetry.space_group_name_H-M             'P 61 2 2' 
_symmetry.pdbx_full_space_group_name_H-M   ? 
_symmetry.cell_setting                     ? 
_symmetry.Int_Tables_number                178 
_symmetry.space_group_name_Hall            ? 
# 
_exptl.entry_id          4HCS 
_exptl.method            'X-RAY DIFFRACTION' 
_exptl.crystals_number   1 
# 
_exptl_crystal.id                    1 
_exptl_crystal.density_meas          ? 
_exptl_crystal.density_Matthews      2.20 
_exptl_crystal.density_percent_sol   43.96 
_exptl_crystal.description           ? 
_exptl_crystal.F_000                 ? 
_exptl_crystal.preparation           ? 
# 
_exptl_crystal_grow.crystal_id      1 
_exptl_crystal_grow.method          'VAPOR DIFFUSION, HANGING DROP' 
_exptl_crystal_grow.temp            298 
_exptl_crystal_grow.temp_details    ? 
_exptl_crystal_grow.pH              7.0 
_exptl_crystal_grow.pdbx_pH_range   ? 
_exptl_crystal_grow.pdbx_details    '2.4 M Sodium Malonate, pH 7.0, VAPOR DIFFUSION, HANGING DROP, temperature 298K' 
# 
_diffrn.id                     1 
_diffrn.ambient_temp           ? 
_diffrn.ambient_temp_details   ? 
_diffrn.crystal_id             1 
# 
_diffrn_radiation.diffrn_id                        1 
_diffrn_radiation.wavelength_id                    1 
_diffrn_radiation.pdbx_monochromatic_or_laue_m_l   ? 
_diffrn_radiation.monochromator                    ? 
_diffrn_radiation.pdbx_diffrn_protocol             ? 
_diffrn_radiation.pdbx_scattering_type             x-ray 
# 
_diffrn_radiation_wavelength.id           1 
_diffrn_radiation_wavelength.wavelength   0.97924 
_diffrn_radiation_wavelength.wt           1.0 
# 
_diffrn_source.diffrn_id                   1 
_diffrn_source.source                      SYNCHROTRON 
_diffrn_source.type                        'APS BEAMLINE 21-ID-D' 
_diffrn_source.pdbx_synchrotron_site       APS 
_diffrn_source.pdbx_synchrotron_beamline   21-ID-D 
_diffrn_source.pdbx_wavelength             ? 
_diffrn_source.pdbx_wavelength_list        0.97924 
# 
_reflns.pdbx_diffrn_id               1 
_reflns.pdbx_ordinal                 1 
_reflns.entry_id                     4HCS 
_reflns.observed_criterion_sigma_I   ? 
_reflns.observed_criterion_sigma_F   ? 
_reflns.d_resolution_low             23 
_reflns.d_resolution_high            1.28 
_reflns.number_obs                   21906 
_reflns.number_all                   ? 
_reflns.percent_possible_obs         ? 
_reflns.pdbx_Rmerge_I_obs            ? 
_reflns.pdbx_Rsym_value              ? 
_reflns.pdbx_netI_over_sigmaI        ? 
_reflns.B_iso_Wilson_estimate        ? 
_reflns.pdbx_redundancy              ? 
_reflns.R_free_details               ? 
_reflns.limit_h_max                  ? 
_reflns.limit_h_min                  ? 
_reflns.limit_k_max                  ? 
_reflns.limit_k_min                  ? 
_reflns.limit_l_max                  ? 
_reflns.limit_l_min                  ? 
_reflns.observed_criterion_F_max     ? 
_reflns.observed_criterion_F_min     ? 
_reflns.pdbx_chi_squared             ? 
_reflns.pdbx_scaling_rejects         ? 
# 
_refine.pdbx_refine_id                           'X-RAY DIFFRACTION' 
_refine.entry_id                                 4HCS 
_refine.pdbx_diffrn_id                           1 
_refine.pdbx_TLS_residual_ADP_flag               ? 
_refine.ls_number_reflns_obs                     21906 
_refine.ls_number_reflns_all                     ? 
_refine.pdbx_ls_sigma_I                          ? 
_refine.pdbx_ls_sigma_F                          1.35 
_refine.pdbx_data_cutoff_high_absF               ? 
_refine.pdbx_data_cutoff_low_absF                ? 
_refine.pdbx_data_cutoff_high_rms_absF           ? 
_refine.ls_d_res_low                             22.908 
_refine.ls_d_res_high                            1.28 
_refine.ls_percent_reflns_obs                    97.25 
_refine.ls_R_factor_obs                          0.1843 
_refine.ls_R_factor_all                          ? 
_refine.ls_R_factor_R_work                       0.1832 
_refine.ls_R_factor_R_free                       0.2061 
_refine.ls_R_factor_R_free_error                 ? 
_refine.ls_R_factor_R_free_error_details         ? 
_refine.ls_percent_reflns_R_free                 5.14 
_refine.ls_number_reflns_R_free                  2026 
_refine.ls_number_parameters                     ? 
_refine.ls_number_restraints                     ? 
_refine.occupancy_min                            ? 
_refine.occupancy_max                            ? 
_refine.correlation_coeff_Fo_to_Fc               ? 
_refine.correlation_coeff_Fo_to_Fc_free          ? 
_refine.B_iso_mean                               ? 
_refine.aniso_B[1][1]                            ? 
_refine.aniso_B[2][2]                            ? 
_refine.aniso_B[3][3]                            ? 
_refine.aniso_B[1][2]                            ? 
_refine.aniso_B[1][3]                            ? 
_refine.aniso_B[2][3]                            ? 
_refine.solvent_model_details                    'FLAT BULK SOLVENT MODEL' 
_refine.solvent_model_param_ksol                 ? 
_refine.solvent_model_param_bsol                 ? 
_refine.pdbx_solvent_vdw_probe_radii             1.11 
_refine.pdbx_solvent_ion_probe_radii             ? 
_refine.pdbx_solvent_shrinkage_radii             0.90 
_refine.pdbx_ls_cross_valid_method               ? 
_refine.details                                  ? 
_refine.pdbx_starting_model                      ? 
_refine.pdbx_method_to_determine_struct          SAD 
_refine.pdbx_isotropic_thermal_model             ? 
_refine.pdbx_stereochemistry_target_values       ML 
_refine.pdbx_stereochem_target_val_spec_case     ? 
_refine.pdbx_R_Free_selection_details            ? 
_refine.pdbx_overall_ESU_R                       ? 
_refine.pdbx_overall_ESU_R_Free                  ? 
_refine.overall_SU_ML                            0.13 
_refine.pdbx_overall_phase_error                 19.23 
_refine.overall_SU_B                             ? 
_refine.overall_SU_R_Cruickshank_DPI             ? 
_refine.pdbx_overall_SU_R_free_Cruickshank_DPI   ? 
_refine.pdbx_overall_SU_R_Blow_DPI               ? 
_refine.pdbx_overall_SU_R_free_Blow_DPI          ? 
_refine.ls_redundancy_reflns_obs                 ? 
_refine.B_iso_min                                ? 
_refine.B_iso_max                                ? 
_refine.overall_SU_R_free                        ? 
_refine.ls_wR_factor_R_free                      ? 
_refine.ls_wR_factor_R_work                      ? 
_refine.overall_FOM_free_R_set                   ? 
_refine.overall_FOM_work_R_set                   ? 
# 
_refine_hist.pdbx_refine_id                   'X-RAY DIFFRACTION' 
_refine_hist.cycle_id                         LAST 
_refine_hist.pdbx_number_atoms_protein        534 
_refine_hist.pdbx_number_atoms_nucleic_acid   0 
_refine_hist.pdbx_number_atoms_ligand         0 
_refine_hist.number_atoms_solvent             113 
_refine_hist.number_atoms_total               647 
_refine_hist.d_res_high                       1.28 
_refine_hist.d_res_low                        22.908 
# 
loop_
_refine_ls_restr.type 
_refine_ls_restr.dev_ideal 
_refine_ls_restr.dev_ideal_target 
_refine_ls_restr.weight 
_refine_ls_restr.number 
_refine_ls_restr.pdbx_refine_id 
_refine_ls_restr.pdbx_restraint_function 
f_bond_d           0.005 ? ? 546 'X-RAY DIFFRACTION' ? 
f_angle_d          1.013 ? ? 729 'X-RAY DIFFRACTION' ? 
f_dihedral_angle_d 8.894 ? ? 214 'X-RAY DIFFRACTION' ? 
f_chiral_restr     0.080 ? ? 83  'X-RAY DIFFRACTION' ? 
f_plane_restr      0.004 ? ? 90  'X-RAY DIFFRACTION' ? 
# 
loop_
_refine_ls_shell.pdbx_refine_id 
_refine_ls_shell.pdbx_total_number_of_bins_used 
_refine_ls_shell.d_res_high 
_refine_ls_shell.d_res_low 
_refine_ls_shell.number_reflns_R_work 
_refine_ls_shell.R_factor_R_work 
_refine_ls_shell.percent_reflns_obs 
_refine_ls_shell.R_factor_R_free 
_refine_ls_shell.R_factor_R_free_error 
_refine_ls_shell.percent_reflns_R_free 
_refine_ls_shell.number_reflns_R_free 
_refine_ls_shell.number_reflns_all 
_refine_ls_shell.R_factor_all 
_refine_ls_shell.redundancy_reflns_obs 
_refine_ls_shell.number_reflns_obs 
'X-RAY DIFFRACTION' . 1.28   1.3154  2723 0.2526 99.00  0.2891 . . 143 . . . . 
'X-RAY DIFFRACTION' . 1.3154 1.3509  2721 0.2401 99.00  0.2830 . . 157 . . . . 
'X-RAY DIFFRACTION' . 1.3509 1.3907  2719 0.2198 99.00  0.2649 . . 144 . . . . 
'X-RAY DIFFRACTION' . 1.3907 1.4355  2705 0.2036 99.00  0.2489 . . 151 . . . . 
'X-RAY DIFFRACTION' . 1.4355 1.4868  2750 0.1878 99.00  0.2116 . . 137 . . . . 
'X-RAY DIFFRACTION' . 1.4868 1.5464  2714 0.1657 99.00  0.1859 . . 140 . . . . 
'X-RAY DIFFRACTION' . 1.5464 1.6167  2720 0.1627 100.00 0.1826 . . 156 . . . . 
'X-RAY DIFFRACTION' . 1.6167 1.7019  2747 0.1592 100.00 0.2057 . . 156 . . . . 
'X-RAY DIFFRACTION' . 1.7019 1.8085  2728 0.1632 100.00 0.1817 . . 158 . . . . 
'X-RAY DIFFRACTION' . 1.8085 1.9481  2719 0.1638 100.00 0.2178 . . 177 . . . . 
'X-RAY DIFFRACTION' . 1.9481 2.1440  2770 0.1640 100.00 0.1738 . . 127 . . . . 
'X-RAY DIFFRACTION' . 2.1440 2.4539  2724 0.1655 100.00 0.1930 . . 159 . . . . 
'X-RAY DIFFRACTION' . 2.4539 3.0905  2729 0.1849 99.00  0.2126 . . 157 . . . . 
'X-RAY DIFFRACTION' . 3.0905 22.9114 1930 0.2201 69.00  0.2134 . . 64  . . . . 
# 
_struct.entry_id                  4HCS 
_struct.title                     'Structure of Novel subfamily CX chemokine solved by sulfur SAD' 
_struct.pdbx_model_details        ? 
_struct.pdbx_CASP_flag            ? 
_struct.pdbx_model_type_details   ? 
# 
_struct_keywords.entry_id        4HCS 
_struct_keywords.pdbx_keywords   'SIGNALING PROTEIN' 
_struct_keywords.text            
'novel chemokine subfamily CX, chemokine fold, chemotaxis, ZEBRAFISH FISH CHEMOKINE STRUCTURE, CXCL1a, SULFUR-SAD, SIGNALING PROTEIN' 
# 
loop_
_struct_asym.id 
_struct_asym.pdbx_blank_PDB_chainid_flag 
_struct_asym.pdbx_modified 
_struct_asym.entity_id 
_struct_asym.details 
A N N 1 ? 
B N N 2 ? 
# 
_struct_ref.id                         1 
_struct_ref.db_name                    UNP 
_struct_ref.db_code                    F1Q6N2_DANRE 
_struct_ref.pdbx_db_accession          F1Q6N2 
_struct_ref.entity_id                  1 
_struct_ref.pdbx_seq_one_letter_code   
;WSSTDKNFDNRPGVCFKVLTTKEPKANIKRCYNLPKTNNCLKCVLFVDASNRMKCIDPNASWLAERLYRLKEKGVTCRGE
A
;
_struct_ref.pdbx_align_begin           35 
_struct_ref.pdbx_db_isoform            ? 
# 
_struct_ref_seq.align_id                      1 
_struct_ref_seq.ref_id                        1 
_struct_ref_seq.pdbx_PDB_id_code              4HCS 
_struct_ref_seq.pdbx_strand_id                A 
_struct_ref_seq.seq_align_beg                 1 
_struct_ref_seq.pdbx_seq_align_beg_ins_code   ? 
_struct_ref_seq.seq_align_end                 81 
_struct_ref_seq.pdbx_seq_align_end_ins_code   ? 
_struct_ref_seq.pdbx_db_accession             F1Q6N2 
_struct_ref_seq.db_align_beg                  35 
_struct_ref_seq.pdbx_db_align_beg_ins_code    ? 
_struct_ref_seq.db_align_end                  115 
_struct_ref_seq.pdbx_db_align_end_ins_code    ? 
_struct_ref_seq.pdbx_auth_seq_align_beg       1 
_struct_ref_seq.pdbx_auth_seq_align_end       81 
# 
_pdbx_struct_assembly.id                   1 
_pdbx_struct_assembly.details              author_and_software_defined_assembly 
_pdbx_struct_assembly.method_details       PISA 
_pdbx_struct_assembly.oligomeric_details   monomeric 
_pdbx_struct_assembly.oligomeric_count     1 
# 
_pdbx_struct_assembly_gen.assembly_id       1 
_pdbx_struct_assembly_gen.oper_expression   1 
_pdbx_struct_assembly_gen.asym_id_list      A,B 
# 
_pdbx_struct_oper_list.id                   1 
_pdbx_struct_oper_list.type                 'identity operation' 
_pdbx_struct_oper_list.name                 1_555 
_pdbx_struct_oper_list.symmetry_operation   x,y,z 
_pdbx_struct_oper_list.matrix[1][1]         1.0000000000 
_pdbx_struct_oper_list.matrix[1][2]         0.0000000000 
_pdbx_struct_oper_list.matrix[1][3]         0.0000000000 
_pdbx_struct_oper_list.vector[1]            0.0000000000 
_pdbx_struct_oper_list.matrix[2][1]         0.0000000000 
_pdbx_struct_oper_list.matrix[2][2]         1.0000000000 
_pdbx_struct_oper_list.matrix[2][3]         0.0000000000 
_pdbx_struct_oper_list.vector[2]            0.0000000000 
_pdbx_struct_oper_list.matrix[3][1]         0.0000000000 
_pdbx_struct_oper_list.matrix[3][2]         0.0000000000 
_pdbx_struct_oper_list.matrix[3][3]         1.0000000000 
_pdbx_struct_oper_list.vector[3]            0.0000000000 
# 
_struct_biol.id        1 
_struct_biol.details   ? 
# 
_struct_conf.conf_type_id            HELX_P 
_struct_conf.id                      HELX_P1 
_struct_conf.pdbx_PDB_helix_id       1 
_struct_conf.beg_label_comp_id       TRP 
_struct_conf.beg_label_asym_id       A 
_struct_conf.beg_label_seq_id        62 
_struct_conf.pdbx_beg_PDB_ins_code   ? 
_struct_conf.end_label_comp_id       LYS 
_struct_conf.end_label_asym_id       A 
_struct_conf.end_label_seq_id        73 
_struct_conf.pdbx_end_PDB_ins_code   ? 
_struct_conf.beg_auth_comp_id        TRP 
_struct_conf.beg_auth_asym_id        A 
_struct_conf.beg_auth_seq_id         62 
_struct_conf.end_auth_comp_id        LYS 
_struct_conf.end_auth_asym_id        A 
_struct_conf.end_auth_seq_id         73 
_struct_conf.pdbx_PDB_helix_class    1 
_struct_conf.details                 ? 
_struct_conf.pdbx_PDB_helix_length   12 
# 
_struct_conf_type.id          HELX_P 
_struct_conf_type.criteria    ? 
_struct_conf_type.reference   ? 
# 
loop_
_struct_conn.id 
_struct_conn.conn_type_id 
_struct_conn.pdbx_leaving_atom_flag 
_struct_conn.pdbx_PDB_id 
_struct_conn.ptnr1_label_asym_id 
_struct_conn.ptnr1_label_comp_id 
_struct_conn.ptnr1_label_seq_id 
_struct_conn.ptnr1_label_atom_id 
_struct_conn.pdbx_ptnr1_label_alt_id 
_struct_conn.pdbx_ptnr1_PDB_ins_code 
_struct_conn.pdbx_ptnr1_standard_comp_id 
_struct_conn.ptnr1_symmetry 
_struct_conn.ptnr2_label_asym_id 
_struct_conn.ptnr2_label_comp_id 
_struct_conn.ptnr2_label_seq_id 
_struct_conn.ptnr2_label_atom_id 
_struct_conn.pdbx_ptnr2_label_alt_id 
_struct_conn.pdbx_ptnr2_PDB_ins_code 
_struct_conn.ptnr1_auth_asym_id 
_struct_conn.ptnr1_auth_comp_id 
_struct_conn.ptnr1_auth_seq_id 
_struct_conn.ptnr2_auth_asym_id 
_struct_conn.ptnr2_auth_comp_id 
_struct_conn.ptnr2_auth_seq_id 
_struct_conn.ptnr2_symmetry 
_struct_conn.pdbx_ptnr3_label_atom_id 
_struct_conn.pdbx_ptnr3_label_seq_id 
_struct_conn.pdbx_ptnr3_label_comp_id 
_struct_conn.pdbx_ptnr3_label_asym_id 
_struct_conn.pdbx_ptnr3_label_alt_id 
_struct_conn.pdbx_ptnr3_PDB_ins_code 
_struct_conn.details 
_struct_conn.pdbx_dist_value 
_struct_conn.pdbx_value_order 
_struct_conn.pdbx_role 
disulf1 disulf ? ? A CYS 15 SG ? ? ? 1_555 A CYS 40 SG ? ? A CYS 15 A CYS 40 1_555 ? ? ? ? ? ? ? 2.032 ? ? 
disulf2 disulf ? ? A CYS 31 SG ? ? ? 1_555 A CYS 77 SG ? ? A CYS 31 A CYS 77 1_555 ? ? ? ? ? ? ? 2.048 ? ? 
disulf3 disulf ? ? A CYS 43 SG ? ? ? 1_555 A CYS 55 SG ? ? A CYS 43 A CYS 55 1_555 ? ? ? ? ? ? ? 2.028 ? ? 
# 
_struct_conn_type.id          disulf 
_struct_conn_type.criteria    ? 
_struct_conn_type.reference   ? 
# 
loop_
_pdbx_modification_feature.ordinal 
_pdbx_modification_feature.label_comp_id 
_pdbx_modification_feature.label_asym_id 
_pdbx_modification_feature.label_seq_id 
_pdbx_modification_feature.label_alt_id 
_pdbx_modification_feature.modified_residue_label_comp_id 
_pdbx_modification_feature.modified_residue_label_asym_id 
_pdbx_modification_feature.modified_residue_label_seq_id 
_pdbx_modification_feature.modified_residue_label_alt_id 
_pdbx_modification_feature.auth_comp_id 
_pdbx_modification_feature.auth_asym_id 
_pdbx_modification_feature.auth_seq_id 
_pdbx_modification_feature.PDB_ins_code 
_pdbx_modification_feature.symmetry 
_pdbx_modification_feature.modified_residue_auth_comp_id 
_pdbx_modification_feature.modified_residue_auth_asym_id 
_pdbx_modification_feature.modified_residue_auth_seq_id 
_pdbx_modification_feature.modified_residue_PDB_ins_code 
_pdbx_modification_feature.modified_residue_symmetry 
_pdbx_modification_feature.comp_id_linking_atom 
_pdbx_modification_feature.modified_residue_id_linking_atom 
_pdbx_modification_feature.modified_residue_id 
_pdbx_modification_feature.ref_pcm_id 
_pdbx_modification_feature.ref_comp_id 
_pdbx_modification_feature.type 
_pdbx_modification_feature.category 
1 CYS A 15 ? CYS A 40 ? CYS A 15 ? 1_555 CYS A 40 ? 1_555 SG SG . . . None 'Disulfide bridge' 
2 CYS A 31 ? CYS A 77 ? CYS A 31 ? 1_555 CYS A 77 ? 1_555 SG SG . . . None 'Disulfide bridge' 
3 CYS A 43 ? CYS A 55 ? CYS A 43 ? 1_555 CYS A 55 ? 1_555 SG SG . . . None 'Disulfide bridge' 
# 
_struct_sheet.id               A 
_struct_sheet.type             ? 
_struct_sheet.number_strands   3 
_struct_sheet.details          ? 
# 
loop_
_struct_sheet_order.sheet_id 
_struct_sheet_order.range_id_1 
_struct_sheet_order.range_id_2 
_struct_sheet_order.offset 
_struct_sheet_order.sense 
A 1 2 ? anti-parallel 
A 2 3 ? anti-parallel 
# 
loop_
_struct_sheet_range.sheet_id 
_struct_sheet_range.id 
_struct_sheet_range.beg_label_comp_id 
_struct_sheet_range.beg_label_asym_id 
_struct_sheet_range.beg_label_seq_id 
_struct_sheet_range.pdbx_beg_PDB_ins_code 
_struct_sheet_range.end_label_comp_id 
_struct_sheet_range.end_label_asym_id 
_struct_sheet_range.end_label_seq_id 
_struct_sheet_range.pdbx_end_PDB_ins_code 
_struct_sheet_range.beg_auth_comp_id 
_struct_sheet_range.beg_auth_asym_id 
_struct_sheet_range.beg_auth_seq_id 
_struct_sheet_range.end_auth_comp_id 
_struct_sheet_range.end_auth_asym_id 
_struct_sheet_range.end_auth_seq_id 
A 1 ILE A 28 ? LEU A 34 ? ILE A 28 LEU A 34 
A 2 CYS A 43 ? ASP A 48 ? CYS A 43 ASP A 48 
A 3 MET A 53 ? ILE A 56 ? MET A 53 ILE A 56 
# 
loop_
_pdbx_struct_sheet_hbond.sheet_id 
_pdbx_struct_sheet_hbond.range_id_1 
_pdbx_struct_sheet_hbond.range_id_2 
_pdbx_struct_sheet_hbond.range_1_label_atom_id 
_pdbx_struct_sheet_hbond.range_1_label_comp_id 
_pdbx_struct_sheet_hbond.range_1_label_asym_id 
_pdbx_struct_sheet_hbond.range_1_label_seq_id 
_pdbx_struct_sheet_hbond.range_1_PDB_ins_code 
_pdbx_struct_sheet_hbond.range_1_auth_atom_id 
_pdbx_struct_sheet_hbond.range_1_auth_comp_id 
_pdbx_struct_sheet_hbond.range_1_auth_asym_id 
_pdbx_struct_sheet_hbond.range_1_auth_seq_id 
_pdbx_struct_sheet_hbond.range_2_label_atom_id 
_pdbx_struct_sheet_hbond.range_2_label_comp_id 
_pdbx_struct_sheet_hbond.range_2_label_asym_id 
_pdbx_struct_sheet_hbond.range_2_label_seq_id 
_pdbx_struct_sheet_hbond.range_2_PDB_ins_code 
_pdbx_struct_sheet_hbond.range_2_auth_atom_id 
_pdbx_struct_sheet_hbond.range_2_auth_comp_id 
_pdbx_struct_sheet_hbond.range_2_auth_asym_id 
_pdbx_struct_sheet_hbond.range_2_auth_seq_id 
A 1 2 N LEU A 34 ? N LEU A 34 O CYS A 43 ? O CYS A 43 
A 2 3 N VAL A 44 ? N VAL A 44 O ILE A 56 ? O ILE A 56 
# 
_pdbx_entry_details.entry_id                   4HCS 
_pdbx_entry_details.compound_details           ? 
_pdbx_entry_details.source_details             ? 
_pdbx_entry_details.nonpolymer_details         ? 
_pdbx_entry_details.sequence_details           ? 
_pdbx_entry_details.has_ligand_of_interest     ? 
_pdbx_entry_details.has_protein_modification   Y 
# 
loop_
_pdbx_refine_tls.pdbx_refine_id 
_pdbx_refine_tls.id 
_pdbx_refine_tls.details 
_pdbx_refine_tls.method 
_pdbx_refine_tls.origin_x 
_pdbx_refine_tls.origin_y 
_pdbx_refine_tls.origin_z 
_pdbx_refine_tls.T[1][1] 
_pdbx_refine_tls.T[2][2] 
_pdbx_refine_tls.T[3][3] 
_pdbx_refine_tls.T[1][2] 
_pdbx_refine_tls.T[1][3] 
_pdbx_refine_tls.T[2][3] 
_pdbx_refine_tls.L[1][1] 
_pdbx_refine_tls.L[2][2] 
_pdbx_refine_tls.L[3][3] 
_pdbx_refine_tls.L[1][2] 
_pdbx_refine_tls.L[1][3] 
_pdbx_refine_tls.L[2][3] 
_pdbx_refine_tls.S[1][1] 
_pdbx_refine_tls.S[1][2] 
_pdbx_refine_tls.S[1][3] 
_pdbx_refine_tls.S[2][1] 
_pdbx_refine_tls.S[2][2] 
_pdbx_refine_tls.S[2][3] 
_pdbx_refine_tls.S[3][1] 
_pdbx_refine_tls.S[3][2] 
_pdbx_refine_tls.S[3][3] 
'X-RAY DIFFRACTION' 1 ? refined 3.7342   2.7310  7.7211   0.2419 0.2480 0.2024 0.0266 -0.1044 0.0017  10.0855 7.2287 0.2741 6.0738  0.7287  -0.4350 -0.1685 -0.1155 0.3159  0.1141  0.0772  -0.1641 -0.2803 -0.0170 0.1399  
'X-RAY DIFFRACTION' 2 ? refined -10.4861 0.7424  2.1296   0.1744 0.2973 0.2010 0.0708 -0.0637 0.0354  3.6263  8.7687 7.3260 -2.4235 1.5618  -7.9360 -0.2726 -0.4840 -0.1198 0.3339  0.3646  0.2011  -0.5147 -0.7394 -0.0463 
'X-RAY DIFFRACTION' 3 ? refined 2.9716   2.0131  -2.5077  0.1774 0.2346 0.1718 0.0393 -0.0834 0.0012  2.5534  2.9396 3.1690 -2.0803 1.8482  -2.7661 0.0309  0.2790  0.0849  -0.0149 -0.2046 -0.2444 0.0411  0.3716  0.1730  
'X-RAY DIFFRACTION' 4 ? refined 7.1776   -0.7666 6.0785   0.2055 0.2241 0.2202 0.0346 -0.1072 0.0212  3.9922  2.0427 4.8528 -1.2844 1.4506  -0.7985 -0.0814 -0.1645 0.1153  0.1635  -0.0413 -0.3664 -0.1285 0.2440  0.1256  
'X-RAY DIFFRACTION' 5 ? refined -3.7693  -0.1349 0.5773   0.1641 0.2081 0.1518 0.0463 -0.0812 0.0102  1.2795  1.7330 1.9120 0.5383  0.4545  -1.1108 -0.0056 -0.0406 0.0289  0.0568  0.1044  0.1468  -0.0269 -0.0872 -0.0965 
'X-RAY DIFFRACTION' 6 ? refined -2.5799  -2.8751 -10.4652 0.2784 0.2235 0.1603 0.0540 -0.0961 -0.0034 2.5190  5.6148 6.3374 1.5740  -1.5653 -0.1375 0.0776  0.1977  -0.0880 -0.5196 0.0650  -0.0960 0.5216  0.1010  -0.1179  
# 
loop_
_pdbx_refine_tls_group.pdbx_refine_id 
_pdbx_refine_tls_group.id 
_pdbx_refine_tls_group.refine_tls_id 
_pdbx_refine_tls_group.beg_auth_asym_id 
_pdbx_refine_tls_group.beg_auth_seq_id 
_pdbx_refine_tls_group.beg_label_asym_id 
_pdbx_refine_tls_group.beg_label_seq_id 
_pdbx_refine_tls_group.end_auth_asym_id 
_pdbx_refine_tls_group.end_auth_seq_id 
_pdbx_refine_tls_group.end_label_asym_id 
_pdbx_refine_tls_group.end_label_seq_id 
_pdbx_refine_tls_group.selection 
_pdbx_refine_tls_group.selection_details 
'X-RAY DIFFRACTION' 1 1 ? ? ? ? ? ? ? ? ? 'CHAIN A AND (RESID 12:21)' 
'X-RAY DIFFRACTION' 2 2 ? ? ? ? ? ? ? ? ? 'CHAIN A AND (RESID 22:26)' 
'X-RAY DIFFRACTION' 3 3 ? ? ? ? ? ? ? ? ? 'CHAIN A AND (RESID 27:36)' 
'X-RAY DIFFRACTION' 4 4 ? ? ? ? ? ? ? ? ? 'CHAIN A AND (RESID 37:46)' 
'X-RAY DIFFRACTION' 5 5 ? ? ? ? ? ? ? ? ? 'CHAIN A AND (RESID 47:66)' 
'X-RAY DIFFRACTION' 6 6 ? ? ? ? ? ? ? ? ? 'CHAIN A AND (RESID 67:78)' 
# 
loop_
_pdbx_unobs_or_zero_occ_residues.id 
_pdbx_unobs_or_zero_occ_residues.PDB_model_num 
_pdbx_unobs_or_zero_occ_residues.polymer_flag 
_pdbx_unobs_or_zero_occ_residues.occupancy_flag 
_pdbx_unobs_or_zero_occ_residues.auth_asym_id 
_pdbx_unobs_or_zero_occ_residues.auth_comp_id 
_pdbx_unobs_or_zero_occ_residues.auth_seq_id 
_pdbx_unobs_or_zero_occ_residues.PDB_ins_code 
_pdbx_unobs_or_zero_occ_residues.label_asym_id 
_pdbx_unobs_or_zero_occ_residues.label_comp_id 
_pdbx_unobs_or_zero_occ_residues.label_seq_id 
1  1 Y 1 A TRP 1  ? A TRP 1  
2  1 Y 1 A SER 2  ? A SER 2  
3  1 Y 1 A SER 3  ? A SER 3  
4  1 Y 1 A THR 4  ? A THR 4  
5  1 Y 1 A ASP 5  ? A ASP 5  
6  1 Y 1 A LYS 6  ? A LYS 6  
7  1 Y 1 A ASN 7  ? A ASN 7  
8  1 Y 1 A PHE 8  ? A PHE 8  
9  1 Y 1 A ASP 9  ? A ASP 9  
10 1 Y 1 A ASN 10 ? A ASN 10 
11 1 Y 1 A ARG 11 ? A ARG 11 
12 1 Y 1 A GLY 79 ? A GLY 79 
13 1 Y 1 A GLU 80 ? A GLU 80 
14 1 Y 1 A ALA 81 ? A ALA 81 
# 
loop_
_chem_comp_atom.comp_id 
_chem_comp_atom.atom_id 
_chem_comp_atom.type_symbol 
_chem_comp_atom.pdbx_aromatic_flag 
_chem_comp_atom.pdbx_stereo_config 
_chem_comp_atom.pdbx_ordinal 
ALA N    N N N 1   
ALA CA   C N S 2   
ALA C    C N N 3   
ALA O    O N N 4   
ALA CB   C N N 5   
ALA OXT  O N N 6   
ALA H    H N N 7   
ALA H2   H N N 8   
ALA HA   H N N 9   
ALA HB1  H N N 10  
ALA HB2  H N N 11  
ALA HB3  H N N 12  
ALA HXT  H N N 13  
ARG N    N N N 14  
ARG CA   C N S 15  
ARG C    C N N 16  
ARG O    O N N 17  
ARG CB   C N N 18  
ARG CG   C N N 19  
ARG CD   C N N 20  
ARG NE   N N N 21  
ARG CZ   C N N 22  
ARG NH1  N N N 23  
ARG NH2  N N N 24  
ARG OXT  O N N 25  
ARG H    H N N 26  
ARG H2   H N N 27  
ARG HA   H N N 28  
ARG HB2  H N N 29  
ARG HB3  H N N 30  
ARG HG2  H N N 31  
ARG HG3  H N N 32  
ARG HD2  H N N 33  
ARG HD3  H N N 34  
ARG HE   H N N 35  
ARG HH11 H N N 36  
ARG HH12 H N N 37  
ARG HH21 H N N 38  
ARG HH22 H N N 39  
ARG HXT  H N N 40  
ASN N    N N N 41  
ASN CA   C N S 42  
ASN C    C N N 43  
ASN O    O N N 44  
ASN CB   C N N 45  
ASN CG   C N N 46  
ASN OD1  O N N 47  
ASN ND2  N N N 48  
ASN OXT  O N N 49  
ASN H    H N N 50  
ASN H2   H N N 51  
ASN HA   H N N 52  
ASN HB2  H N N 53  
ASN HB3  H N N 54  
ASN HD21 H N N 55  
ASN HD22 H N N 56  
ASN HXT  H N N 57  
ASP N    N N N 58  
ASP CA   C N S 59  
ASP C    C N N 60  
ASP O    O N N 61  
ASP CB   C N N 62  
ASP CG   C N N 63  
ASP OD1  O N N 64  
ASP OD2  O N N 65  
ASP OXT  O N N 66  
ASP H    H N N 67  
ASP H2   H N N 68  
ASP HA   H N N 69  
ASP HB2  H N N 70  
ASP HB3  H N N 71  
ASP HD2  H N N 72  
ASP HXT  H N N 73  
CYS N    N N N 74  
CYS CA   C N R 75  
CYS C    C N N 76  
CYS O    O N N 77  
CYS CB   C N N 78  
CYS SG   S N N 79  
CYS OXT  O N N 80  
CYS H    H N N 81  
CYS H2   H N N 82  
CYS HA   H N N 83  
CYS HB2  H N N 84  
CYS HB3  H N N 85  
CYS HG   H N N 86  
CYS HXT  H N N 87  
GLU N    N N N 88  
GLU CA   C N S 89  
GLU C    C N N 90  
GLU O    O N N 91  
GLU CB   C N N 92  
GLU CG   C N N 93  
GLU CD   C N N 94  
GLU OE1  O N N 95  
GLU OE2  O N N 96  
GLU OXT  O N N 97  
GLU H    H N N 98  
GLU H2   H N N 99  
GLU HA   H N N 100 
GLU HB2  H N N 101 
GLU HB3  H N N 102 
GLU HG2  H N N 103 
GLU HG3  H N N 104 
GLU HE2  H N N 105 
GLU HXT  H N N 106 
GLY N    N N N 107 
GLY CA   C N N 108 
GLY C    C N N 109 
GLY O    O N N 110 
GLY OXT  O N N 111 
GLY H    H N N 112 
GLY H2   H N N 113 
GLY HA2  H N N 114 
GLY HA3  H N N 115 
GLY HXT  H N N 116 
HOH O    O N N 117 
HOH H1   H N N 118 
HOH H2   H N N 119 
ILE N    N N N 120 
ILE CA   C N S 121 
ILE C    C N N 122 
ILE O    O N N 123 
ILE CB   C N S 124 
ILE CG1  C N N 125 
ILE CG2  C N N 126 
ILE CD1  C N N 127 
ILE OXT  O N N 128 
ILE H    H N N 129 
ILE H2   H N N 130 
ILE HA   H N N 131 
ILE HB   H N N 132 
ILE HG12 H N N 133 
ILE HG13 H N N 134 
ILE HG21 H N N 135 
ILE HG22 H N N 136 
ILE HG23 H N N 137 
ILE HD11 H N N 138 
ILE HD12 H N N 139 
ILE HD13 H N N 140 
ILE HXT  H N N 141 
LEU N    N N N 142 
LEU CA   C N S 143 
LEU C    C N N 144 
LEU O    O N N 145 
LEU CB   C N N 146 
LEU CG   C N N 147 
LEU CD1  C N N 148 
LEU CD2  C N N 149 
LEU OXT  O N N 150 
LEU H    H N N 151 
LEU H2   H N N 152 
LEU HA   H N N 153 
LEU HB2  H N N 154 
LEU HB3  H N N 155 
LEU HG   H N N 156 
LEU HD11 H N N 157 
LEU HD12 H N N 158 
LEU HD13 H N N 159 
LEU HD21 H N N 160 
LEU HD22 H N N 161 
LEU HD23 H N N 162 
LEU HXT  H N N 163 
LYS N    N N N 164 
LYS CA   C N S 165 
LYS C    C N N 166 
LYS O    O N N 167 
LYS CB   C N N 168 
LYS CG   C N N 169 
LYS CD   C N N 170 
LYS CE   C N N 171 
LYS NZ   N N N 172 
LYS OXT  O N N 173 
LYS H    H N N 174 
LYS H2   H N N 175 
LYS HA   H N N 176 
LYS HB2  H N N 177 
LYS HB3  H N N 178 
LYS HG2  H N N 179 
LYS HG3  H N N 180 
LYS HD2  H N N 181 
LYS HD3  H N N 182 
LYS HE2  H N N 183 
LYS HE3  H N N 184 
LYS HZ1  H N N 185 
LYS HZ2  H N N 186 
LYS HZ3  H N N 187 
LYS HXT  H N N 188 
MET N    N N N 189 
MET CA   C N S 190 
MET C    C N N 191 
MET O    O N N 192 
MET CB   C N N 193 
MET CG   C N N 194 
MET SD   S N N 195 
MET CE   C N N 196 
MET OXT  O N N 197 
MET H    H N N 198 
MET H2   H N N 199 
MET HA   H N N 200 
MET HB2  H N N 201 
MET HB3  H N N 202 
MET HG2  H N N 203 
MET HG3  H N N 204 
MET HE1  H N N 205 
MET HE2  H N N 206 
MET HE3  H N N 207 
MET HXT  H N N 208 
PHE N    N N N 209 
PHE CA   C N S 210 
PHE C    C N N 211 
PHE O    O N N 212 
PHE CB   C N N 213 
PHE CG   C Y N 214 
PHE CD1  C Y N 215 
PHE CD2  C Y N 216 
PHE CE1  C Y N 217 
PHE CE2  C Y N 218 
PHE CZ   C Y N 219 
PHE OXT  O N N 220 
PHE H    H N N 221 
PHE H2   H N N 222 
PHE HA   H N N 223 
PHE HB2  H N N 224 
PHE HB3  H N N 225 
PHE HD1  H N N 226 
PHE HD2  H N N 227 
PHE HE1  H N N 228 
PHE HE2  H N N 229 
PHE HZ   H N N 230 
PHE HXT  H N N 231 
PRO N    N N N 232 
PRO CA   C N S 233 
PRO C    C N N 234 
PRO O    O N N 235 
PRO CB   C N N 236 
PRO CG   C N N 237 
PRO CD   C N N 238 
PRO OXT  O N N 239 
PRO H    H N N 240 
PRO HA   H N N 241 
PRO HB2  H N N 242 
PRO HB3  H N N 243 
PRO HG2  H N N 244 
PRO HG3  H N N 245 
PRO HD2  H N N 246 
PRO HD3  H N N 247 
PRO HXT  H N N 248 
SER N    N N N 249 
SER CA   C N S 250 
SER C    C N N 251 
SER O    O N N 252 
SER CB   C N N 253 
SER OG   O N N 254 
SER OXT  O N N 255 
SER H    H N N 256 
SER H2   H N N 257 
SER HA   H N N 258 
SER HB2  H N N 259 
SER HB3  H N N 260 
SER HG   H N N 261 
SER HXT  H N N 262 
THR N    N N N 263 
THR CA   C N S 264 
THR C    C N N 265 
THR O    O N N 266 
THR CB   C N R 267 
THR OG1  O N N 268 
THR CG2  C N N 269 
THR OXT  O N N 270 
THR H    H N N 271 
THR H2   H N N 272 
THR HA   H N N 273 
THR HB   H N N 274 
THR HG1  H N N 275 
THR HG21 H N N 276 
THR HG22 H N N 277 
THR HG23 H N N 278 
THR HXT  H N N 279 
TRP N    N N N 280 
TRP CA   C N S 281 
TRP C    C N N 282 
TRP O    O N N 283 
TRP CB   C N N 284 
TRP CG   C Y N 285 
TRP CD1  C Y N 286 
TRP CD2  C Y N 287 
TRP NE1  N Y N 288 
TRP CE2  C Y N 289 
TRP CE3  C Y N 290 
TRP CZ2  C Y N 291 
TRP CZ3  C Y N 292 
TRP CH2  C Y N 293 
TRP OXT  O N N 294 
TRP H    H N N 295 
TRP H2   H N N 296 
TRP HA   H N N 297 
TRP HB2  H N N 298 
TRP HB3  H N N 299 
TRP HD1  H N N 300 
TRP HE1  H N N 301 
TRP HE3  H N N 302 
TRP HZ2  H N N 303 
TRP HZ3  H N N 304 
TRP HH2  H N N 305 
TRP HXT  H N N 306 
TYR N    N N N 307 
TYR CA   C N S 308 
TYR C    C N N 309 
TYR O    O N N 310 
TYR CB   C N N 311 
TYR CG   C Y N 312 
TYR CD1  C Y N 313 
TYR CD2  C Y N 314 
TYR CE1  C Y N 315 
TYR CE2  C Y N 316 
TYR CZ   C Y N 317 
TYR OH   O N N 318 
TYR OXT  O N N 319 
TYR H    H N N 320 
TYR H2   H N N 321 
TYR HA   H N N 322 
TYR HB2  H N N 323 
TYR HB3  H N N 324 
TYR HD1  H N N 325 
TYR HD2  H N N 326 
TYR HE1  H N N 327 
TYR HE2  H N N 328 
TYR HH   H N N 329 
TYR HXT  H N N 330 
VAL N    N N N 331 
VAL CA   C N S 332 
VAL C    C N N 333 
VAL O    O N N 334 
VAL CB   C N N 335 
VAL CG1  C N N 336 
VAL CG2  C N N 337 
VAL OXT  O N N 338 
VAL H    H N N 339 
VAL H2   H N N 340 
VAL HA   H N N 341 
VAL HB   H N N 342 
VAL HG11 H N N 343 
VAL HG12 H N N 344 
VAL HG13 H N N 345 
VAL HG21 H N N 346 
VAL HG22 H N N 347 
VAL HG23 H N N 348 
VAL HXT  H N N 349 
# 
loop_
_chem_comp_bond.comp_id 
_chem_comp_bond.atom_id_1 
_chem_comp_bond.atom_id_2 
_chem_comp_bond.value_order 
_chem_comp_bond.pdbx_aromatic_flag 
_chem_comp_bond.pdbx_stereo_config 
_chem_comp_bond.pdbx_ordinal 
ALA N   CA   sing N N 1   
ALA N   H    sing N N 2   
ALA N   H2   sing N N 3   
ALA CA  C    sing N N 4   
ALA CA  CB   sing N N 5   
ALA CA  HA   sing N N 6   
ALA C   O    doub N N 7   
ALA C   OXT  sing N N 8   
ALA CB  HB1  sing N N 9   
ALA CB  HB2  sing N N 10  
ALA CB  HB3  sing N N 11  
ALA OXT HXT  sing N N 12  
ARG N   CA   sing N N 13  
ARG N   H    sing N N 14  
ARG N   H2   sing N N 15  
ARG CA  C    sing N N 16  
ARG CA  CB   sing N N 17  
ARG CA  HA   sing N N 18  
ARG C   O    doub N N 19  
ARG C   OXT  sing N N 20  
ARG CB  CG   sing N N 21  
ARG CB  HB2  sing N N 22  
ARG CB  HB3  sing N N 23  
ARG CG  CD   sing N N 24  
ARG CG  HG2  sing N N 25  
ARG CG  HG3  sing N N 26  
ARG CD  NE   sing N N 27  
ARG CD  HD2  sing N N 28  
ARG CD  HD3  sing N N 29  
ARG NE  CZ   sing N N 30  
ARG NE  HE   sing N N 31  
ARG CZ  NH1  sing N N 32  
ARG CZ  NH2  doub N N 33  
ARG NH1 HH11 sing N N 34  
ARG NH1 HH12 sing N N 35  
ARG NH2 HH21 sing N N 36  
ARG NH2 HH22 sing N N 37  
ARG OXT HXT  sing N N 38  
ASN N   CA   sing N N 39  
ASN N   H    sing N N 40  
ASN N   H2   sing N N 41  
ASN CA  C    sing N N 42  
ASN CA  CB   sing N N 43  
ASN CA  HA   sing N N 44  
ASN C   O    doub N N 45  
ASN C   OXT  sing N N 46  
ASN CB  CG   sing N N 47  
ASN CB  HB2  sing N N 48  
ASN CB  HB3  sing N N 49  
ASN CG  OD1  doub N N 50  
ASN CG  ND2  sing N N 51  
ASN ND2 HD21 sing N N 52  
ASN ND2 HD22 sing N N 53  
ASN OXT HXT  sing N N 54  
ASP N   CA   sing N N 55  
ASP N   H    sing N N 56  
ASP N   H2   sing N N 57  
ASP CA  C    sing N N 58  
ASP CA  CB   sing N N 59  
ASP CA  HA   sing N N 60  
ASP C   O    doub N N 61  
ASP C   OXT  sing N N 62  
ASP CB  CG   sing N N 63  
ASP CB  HB2  sing N N 64  
ASP CB  HB3  sing N N 65  
ASP CG  OD1  doub N N 66  
ASP CG  OD2  sing N N 67  
ASP OD2 HD2  sing N N 68  
ASP OXT HXT  sing N N 69  
CYS N   CA   sing N N 70  
CYS N   H    sing N N 71  
CYS N   H2   sing N N 72  
CYS CA  C    sing N N 73  
CYS CA  CB   sing N N 74  
CYS CA  HA   sing N N 75  
CYS C   O    doub N N 76  
CYS C   OXT  sing N N 77  
CYS CB  SG   sing N N 78  
CYS CB  HB2  sing N N 79  
CYS CB  HB3  sing N N 80  
CYS SG  HG   sing N N 81  
CYS OXT HXT  sing N N 82  
GLU N   CA   sing N N 83  
GLU N   H    sing N N 84  
GLU N   H2   sing N N 85  
GLU CA  C    sing N N 86  
GLU CA  CB   sing N N 87  
GLU CA  HA   sing N N 88  
GLU C   O    doub N N 89  
GLU C   OXT  sing N N 90  
GLU CB  CG   sing N N 91  
GLU CB  HB2  sing N N 92  
GLU CB  HB3  sing N N 93  
GLU CG  CD   sing N N 94  
GLU CG  HG2  sing N N 95  
GLU CG  HG3  sing N N 96  
GLU CD  OE1  doub N N 97  
GLU CD  OE2  sing N N 98  
GLU OE2 HE2  sing N N 99  
GLU OXT HXT  sing N N 100 
GLY N   CA   sing N N 101 
GLY N   H    sing N N 102 
GLY N   H2   sing N N 103 
GLY CA  C    sing N N 104 
GLY CA  HA2  sing N N 105 
GLY CA  HA3  sing N N 106 
GLY C   O    doub N N 107 
GLY C   OXT  sing N N 108 
GLY OXT HXT  sing N N 109 
HOH O   H1   sing N N 110 
HOH O   H2   sing N N 111 
ILE N   CA   sing N N 112 
ILE N   H    sing N N 113 
ILE N   H2   sing N N 114 
ILE CA  C    sing N N 115 
ILE CA  CB   sing N N 116 
ILE CA  HA   sing N N 117 
ILE C   O    doub N N 118 
ILE C   OXT  sing N N 119 
ILE CB  CG1  sing N N 120 
ILE CB  CG2  sing N N 121 
ILE CB  HB   sing N N 122 
ILE CG1 CD1  sing N N 123 
ILE CG1 HG12 sing N N 124 
ILE CG1 HG13 sing N N 125 
ILE CG2 HG21 sing N N 126 
ILE CG2 HG22 sing N N 127 
ILE CG2 HG23 sing N N 128 
ILE CD1 HD11 sing N N 129 
ILE CD1 HD12 sing N N 130 
ILE CD1 HD13 sing N N 131 
ILE OXT HXT  sing N N 132 
LEU N   CA   sing N N 133 
LEU N   H    sing N N 134 
LEU N   H2   sing N N 135 
LEU CA  C    sing N N 136 
LEU CA  CB   sing N N 137 
LEU CA  HA   sing N N 138 
LEU C   O    doub N N 139 
LEU C   OXT  sing N N 140 
LEU CB  CG   sing N N 141 
LEU CB  HB2  sing N N 142 
LEU CB  HB3  sing N N 143 
LEU CG  CD1  sing N N 144 
LEU CG  CD2  sing N N 145 
LEU CG  HG   sing N N 146 
LEU CD1 HD11 sing N N 147 
LEU CD1 HD12 sing N N 148 
LEU CD1 HD13 sing N N 149 
LEU CD2 HD21 sing N N 150 
LEU CD2 HD22 sing N N 151 
LEU CD2 HD23 sing N N 152 
LEU OXT HXT  sing N N 153 
LYS N   CA   sing N N 154 
LYS N   H    sing N N 155 
LYS N   H2   sing N N 156 
LYS CA  C    sing N N 157 
LYS CA  CB   sing N N 158 
LYS CA  HA   sing N N 159 
LYS C   O    doub N N 160 
LYS C   OXT  sing N N 161 
LYS CB  CG   sing N N 162 
LYS CB  HB2  sing N N 163 
LYS CB  HB3  sing N N 164 
LYS CG  CD   sing N N 165 
LYS CG  HG2  sing N N 166 
LYS CG  HG3  sing N N 167 
LYS CD  CE   sing N N 168 
LYS CD  HD2  sing N N 169 
LYS CD  HD3  sing N N 170 
LYS CE  NZ   sing N N 171 
LYS CE  HE2  sing N N 172 
LYS CE  HE3  sing N N 173 
LYS NZ  HZ1  sing N N 174 
LYS NZ  HZ2  sing N N 175 
LYS NZ  HZ3  sing N N 176 
LYS OXT HXT  sing N N 177 
MET N   CA   sing N N 178 
MET N   H    sing N N 179 
MET N   H2   sing N N 180 
MET CA  C    sing N N 181 
MET CA  CB   sing N N 182 
MET CA  HA   sing N N 183 
MET C   O    doub N N 184 
MET C   OXT  sing N N 185 
MET CB  CG   sing N N 186 
MET CB  HB2  sing N N 187 
MET CB  HB3  sing N N 188 
MET CG  SD   sing N N 189 
MET CG  HG2  sing N N 190 
MET CG  HG3  sing N N 191 
MET SD  CE   sing N N 192 
MET CE  HE1  sing N N 193 
MET CE  HE2  sing N N 194 
MET CE  HE3  sing N N 195 
MET OXT HXT  sing N N 196 
PHE N   CA   sing N N 197 
PHE N   H    sing N N 198 
PHE N   H2   sing N N 199 
PHE CA  C    sing N N 200 
PHE CA  CB   sing N N 201 
PHE CA  HA   sing N N 202 
PHE C   O    doub N N 203 
PHE C   OXT  sing N N 204 
PHE CB  CG   sing N N 205 
PHE CB  HB2  sing N N 206 
PHE CB  HB3  sing N N 207 
PHE CG  CD1  doub Y N 208 
PHE CG  CD2  sing Y N 209 
PHE CD1 CE1  sing Y N 210 
PHE CD1 HD1  sing N N 211 
PHE CD2 CE2  doub Y N 212 
PHE CD2 HD2  sing N N 213 
PHE CE1 CZ   doub Y N 214 
PHE CE1 HE1  sing N N 215 
PHE CE2 CZ   sing Y N 216 
PHE CE2 HE2  sing N N 217 
PHE CZ  HZ   sing N N 218 
PHE OXT HXT  sing N N 219 
PRO N   CA   sing N N 220 
PRO N   CD   sing N N 221 
PRO N   H    sing N N 222 
PRO CA  C    sing N N 223 
PRO CA  CB   sing N N 224 
PRO CA  HA   sing N N 225 
PRO C   O    doub N N 226 
PRO C   OXT  sing N N 227 
PRO CB  CG   sing N N 228 
PRO CB  HB2  sing N N 229 
PRO CB  HB3  sing N N 230 
PRO CG  CD   sing N N 231 
PRO CG  HG2  sing N N 232 
PRO CG  HG3  sing N N 233 
PRO CD  HD2  sing N N 234 
PRO CD  HD3  sing N N 235 
PRO OXT HXT  sing N N 236 
SER N   CA   sing N N 237 
SER N   H    sing N N 238 
SER N   H2   sing N N 239 
SER CA  C    sing N N 240 
SER CA  CB   sing N N 241 
SER CA  HA   sing N N 242 
SER C   O    doub N N 243 
SER C   OXT  sing N N 244 
SER CB  OG   sing N N 245 
SER CB  HB2  sing N N 246 
SER CB  HB3  sing N N 247 
SER OG  HG   sing N N 248 
SER OXT HXT  sing N N 249 
THR N   CA   sing N N 250 
THR N   H    sing N N 251 
THR N   H2   sing N N 252 
THR CA  C    sing N N 253 
THR CA  CB   sing N N 254 
THR CA  HA   sing N N 255 
THR C   O    doub N N 256 
THR C   OXT  sing N N 257 
THR CB  OG1  sing N N 258 
THR CB  CG2  sing N N 259 
THR CB  HB   sing N N 260 
THR OG1 HG1  sing N N 261 
THR CG2 HG21 sing N N 262 
THR CG2 HG22 sing N N 263 
THR CG2 HG23 sing N N 264 
THR OXT HXT  sing N N 265 
TRP N   CA   sing N N 266 
TRP N   H    sing N N 267 
TRP N   H2   sing N N 268 
TRP CA  C    sing N N 269 
TRP CA  CB   sing N N 270 
TRP CA  HA   sing N N 271 
TRP C   O    doub N N 272 
TRP C   OXT  sing N N 273 
TRP CB  CG   sing N N 274 
TRP CB  HB2  sing N N 275 
TRP CB  HB3  sing N N 276 
TRP CG  CD1  doub Y N 277 
TRP CG  CD2  sing Y N 278 
TRP CD1 NE1  sing Y N 279 
TRP CD1 HD1  sing N N 280 
TRP CD2 CE2  doub Y N 281 
TRP CD2 CE3  sing Y N 282 
TRP NE1 CE2  sing Y N 283 
TRP NE1 HE1  sing N N 284 
TRP CE2 CZ2  sing Y N 285 
TRP CE3 CZ3  doub Y N 286 
TRP CE3 HE3  sing N N 287 
TRP CZ2 CH2  doub Y N 288 
TRP CZ2 HZ2  sing N N 289 
TRP CZ3 CH2  sing Y N 290 
TRP CZ3 HZ3  sing N N 291 
TRP CH2 HH2  sing N N 292 
TRP OXT HXT  sing N N 293 
TYR N   CA   sing N N 294 
TYR N   H    sing N N 295 
TYR N   H2   sing N N 296 
TYR CA  C    sing N N 297 
TYR CA  CB   sing N N 298 
TYR CA  HA   sing N N 299 
TYR C   O    doub N N 300 
TYR C   OXT  sing N N 301 
TYR CB  CG   sing N N 302 
TYR CB  HB2  sing N N 303 
TYR CB  HB3  sing N N 304 
TYR CG  CD1  doub Y N 305 
TYR CG  CD2  sing Y N 306 
TYR CD1 CE1  sing Y N 307 
TYR CD1 HD1  sing N N 308 
TYR CD2 CE2  doub Y N 309 
TYR CD2 HD2  sing N N 310 
TYR CE1 CZ   doub Y N 311 
TYR CE1 HE1  sing N N 312 
TYR CE2 CZ   sing Y N 313 
TYR CE2 HE2  sing N N 314 
TYR CZ  OH   sing N N 315 
TYR OH  HH   sing N N 316 
TYR OXT HXT  sing N N 317 
VAL N   CA   sing N N 318 
VAL N   H    sing N N 319 
VAL N   H2   sing N N 320 
VAL CA  C    sing N N 321 
VAL CA  CB   sing N N 322 
VAL CA  HA   sing N N 323 
VAL C   O    doub N N 324 
VAL C   OXT  sing N N 325 
VAL CB  CG1  sing N N 326 
VAL CB  CG2  sing N N 327 
VAL CB  HB   sing N N 328 
VAL CG1 HG11 sing N N 329 
VAL CG1 HG12 sing N N 330 
VAL CG1 HG13 sing N N 331 
VAL CG2 HG21 sing N N 332 
VAL CG2 HG22 sing N N 333 
VAL CG2 HG23 sing N N 334 
VAL OXT HXT  sing N N 335 
# 
_atom_sites.entry_id                    4HCS 
_atom_sites.fract_transf_matrix[1][1]   0.00757289 
_atom_sites.fract_transf_matrix[1][2]   -0.02000052 
_atom_sites.fract_transf_matrix[1][3]   -0.01454984 
_atom_sites.fract_transf_matrix[2][1]   0.01566381 
_atom_sites.fract_transf_matrix[2][2]   0.00390727 
_atom_sites.fract_transf_matrix[2][3]   -0.02021089 
_atom_sites.fract_transf_matrix[3][1]   0.00559631 
_atom_sites.fract_transf_matrix[3][2]   -0.00090850 
_atom_sites.fract_transf_matrix[3][3]   0.00416161 
_atom_sites.fract_transf_vector[1]      0.537997 
_atom_sites.fract_transf_vector[2]      0.461341 
_atom_sites.fract_transf_vector[3]      0.016912 
# 
loop_
_atom_type.symbol 
C 
H 
N 
O 
S 
# 
loop_
_atom_site.group_PDB 
_atom_site.id 
_atom_site.type_symbol 
_atom_site.label_atom_id 
_atom_site.label_alt_id 
_atom_site.label_comp_id 
_atom_site.label_asym_id 
_atom_site.label_entity_id 
_atom_site.label_seq_id 
_atom_site.pdbx_PDB_ins_code 
_atom_site.Cartn_x 
_atom_site.Cartn_y 
_atom_site.Cartn_z 
_atom_site.occupancy 
_atom_site.B_iso_or_equiv 
_atom_site.pdbx_formal_charge 
_atom_site.auth_seq_id 
_atom_site.auth_comp_id 
_atom_site.auth_asym_id 
_atom_site.auth_atom_id 
_atom_site.pdbx_PDB_model_num 
ATOM   1   N N   . PRO A 1 12 ? 9.721   6.629   -1.791  1.00 38.76 ? 12  PRO A N   1 
ATOM   2   C CA  . PRO A 1 12 ? 9.442   7.729   -0.862  1.00 40.37 ? 12  PRO A CA  1 
ATOM   3   C C   . PRO A 1 12 ? 10.131  7.514   0.479   1.00 29.68 ? 12  PRO A C   1 
ATOM   4   O O   . PRO A 1 12 ? 10.189  6.386   0.973   1.00 33.16 ? 12  PRO A O   1 
ATOM   5   C CB  . PRO A 1 12 ? 7.922   7.668   -0.696  1.00 39.15 ? 12  PRO A CB  1 
ATOM   6   C CG  . PRO A 1 12 ? 7.573   6.250   -0.974  1.00 51.15 ? 12  PRO A CG  1 
ATOM   7   C CD  . PRO A 1 12 ? 8.532   5.794   -2.033  1.00 49.02 ? 12  PRO A CD  1 
ATOM   8   N N   . GLY A 1 13 ? 10.642  8.591   1.058   1.00 29.17 ? 13  GLY A N   1 
ATOM   9   C CA  . GLY A 1 13 ? 11.389  8.508   2.298   1.00 30.78 ? 13  GLY A CA  1 
ATOM   10  C C   . GLY A 1 13 ? 10.492  8.481   3.516   1.00 32.19 ? 13  GLY A C   1 
ATOM   11  O O   . GLY A 1 13 ? 10.572  9.355   4.381   1.00 55.33 ? 13  GLY A O   1 
ATOM   12  N N   . VAL A 1 14 ? 9.638   7.466   3.587   1.00 25.65 ? 14  VAL A N   1 
ATOM   13  C CA  . VAL A 1 14 ? 8.680   7.335   4.672   1.00 23.49 ? 14  VAL A CA  1 
ATOM   14  C C   . VAL A 1 14 ? 8.959   6.069   5.469   1.00 23.08 ? 14  VAL A C   1 
ATOM   15  O O   . VAL A 1 14 ? 9.636   5.160   4.994   1.00 29.53 ? 14  VAL A O   1 
ATOM   16  C CB  . VAL A 1 14 ? 7.240   7.294   4.143   1.00 24.01 ? 14  VAL A CB  1 
ATOM   17  C CG1 . VAL A 1 14 ? 6.960   8.536   3.314   1.00 28.95 ? 14  VAL A CG1 1 
ATOM   18  C CG2 . VAL A 1 14 ? 7.017   6.027   3.322   1.00 26.21 ? 14  VAL A CG2 1 
ATOM   19  N N   . CYS A 1 15 ? 8.423   6.016   6.680   1.00 22.12 ? 15  CYS A N   1 
ATOM   20  C CA  . CYS A 1 15 ? 8.724   4.923   7.592   1.00 21.14 ? 15  CYS A CA  1 
ATOM   21  C C   . CYS A 1 15 ? 7.526   4.637   8.487   1.00 21.95 ? 15  CYS A C   1 
ATOM   22  O O   . CYS A 1 15 ? 7.256   5.372   9.436   1.00 25.05 ? 15  CYS A O   1 
ATOM   23  C CB  . CYS A 1 15 ? 9.946   5.288   8.438   1.00 22.50 ? 15  CYS A CB  1 
ATOM   24  S SG  . CYS A 1 15 ? 10.353  4.108   9.738   1.00 23.07 ? 15  CYS A SG  1 
ATOM   25  N N   . PHE A 1 16 ? 6.801   3.567   8.184   1.00 19.85 ? 16  PHE A N   1 
ATOM   26  C CA  . PHE A 1 16 ? 5.582   3.273   8.924   1.00 19.40 ? 16  PHE A CA  1 
ATOM   27  C C   . PHE A 1 16 ? 5.806   2.382   10.140  1.00 20.89 ? 16  PHE A C   1 
ATOM   28  O O   . PHE A 1 16 ? 6.564   1.415   10.080  1.00 21.99 ? 16  PHE A O   1 
ATOM   29  C CB  . PHE A 1 16 ? 4.522   2.689   7.989   1.00 19.56 ? 16  PHE A CB  1 
ATOM   30  C CG  . PHE A 1 16 ? 3.846   3.728   7.150   1.00 18.81 ? 16  PHE A CG  1 
ATOM   31  C CD1 . PHE A 1 16 ? 4.445   4.212   5.999   1.00 20.78 ? 16  PHE A CD1 1 
ATOM   32  C CD2 . PHE A 1 16 ? 2.628   4.254   7.539   1.00 19.30 ? 16  PHE A CD2 1 
ATOM   33  C CE1 . PHE A 1 16 ? 3.828   5.189   5.236   1.00 20.78 ? 16  PHE A CE1 1 
ATOM   34  C CE2 . PHE A 1 16 ? 2.002   5.228   6.774   1.00 20.36 ? 16  PHE A CE2 1 
ATOM   35  C CZ  . PHE A 1 16 ? 2.614   5.699   5.627   1.00 22.91 ? 16  PHE A CZ  1 
ATOM   36  N N   . LYS A 1 17 ? 5.146   2.724   11.244  1.00 21.75 ? 17  LYS A N   1 
ATOM   37  C CA  . LYS A 1 17 ? 5.208   1.923   12.456  1.00 22.61 ? 17  LYS A CA  1 
ATOM   38  C C   . LYS A 1 17 ? 3.827   1.396   12.806  1.00 23.34 ? 17  LYS A C   1 
ATOM   39  O O   . LYS A 1 17 ? 3.649   0.720   13.820  1.00 26.16 ? 17  LYS A O   1 
ATOM   40  C CB  . LYS A 1 17 ? 5.771   2.750   13.612  1.00 26.59 ? 17  LYS A CB  1 
ATOM   41  C CG  . LYS A 1 17 ? 7.194   3.233   13.367  1.00 31.20 ? 17  LYS A CG  1 
ATOM   42  C CD  . LYS A 1 17 ? 7.718   4.063   14.525  1.00 37.96 ? 17  LYS A CD  1 
ATOM   43  C CE  . LYS A 1 17 ? 9.147   4.518   14.262  1.00 48.83 ? 17  LYS A CE  1 
ATOM   44  N NZ  . LYS A 1 17 ? 9.732   5.232   15.433  1.00 57.15 ? 17  LYS A NZ  1 
ATOM   45  N N   . VAL A 1 18 ? 2.852   1.724   11.966  1.00 21.11 ? 18  VAL A N   1 
ATOM   46  C CA  . VAL A 1 18 ? 1.506   1.188   12.107  1.00 22.71 ? 18  VAL A CA  1 
ATOM   47  C C   . VAL A 1 18 ? 0.999   0.680   10.763  1.00 20.72 ? 18  VAL A C   1 
ATOM   48  O O   . VAL A 1 18 ? 1.245   1.288   9.721   1.00 22.55 ? 18  VAL A O   1 
ATOM   49  C CB  . VAL A 1 18 ? 0.518   2.233   12.677  1.00 41.55 ? 18  VAL A CB  1 
ATOM   50  C CG1 . VAL A 1 18 ? 0.924   2.646   14.086  1.00 39.80 ? 18  VAL A CG1 1 
ATOM   51  C CG2 . VAL A 1 18 ? 0.441   3.443   11.773  1.00 32.75 ? 18  VAL A CG2 1 
ATOM   52  N N   . LEU A 1 19 ? 0.315   -0.457  10.793  1.00 18.51 ? 19  LEU A N   1 
ATOM   53  C CA  . LEU A 1 19 ? -0.215  -1.065  9.584   1.00 18.65 ? 19  LEU A CA  1 
ATOM   54  C C   . LEU A 1 19 ? -1.673  -0.702  9.385   1.00 17.39 ? 19  LEU A C   1 
ATOM   55  O O   . LEU A 1 19 ? -2.453  -0.667  10.335  1.00 19.62 ? 19  LEU A O   1 
ATOM   56  C CB  . LEU A 1 19 ? -0.096  -2.586  9.661   1.00 18.73 ? 19  LEU A CB  1 
ATOM   57  C CG  . LEU A 1 19 ? 1.321   -3.148  9.751   1.00 17.97 ? 19  LEU A CG  1 
ATOM   58  C CD1 . LEU A 1 19 ? 1.284   -4.658  9.922   1.00 19.61 ? 19  LEU A CD1 1 
ATOM   59  C CD2 . LEU A 1 19 ? 2.125   -2.764  8.518   1.00 17.75 ? 19  LEU A CD2 1 
ATOM   60  N N   . THR A 1 20 ? -2.038  -0.439  8.137   1.00 16.92 ? 20  THR A N   1 
ATOM   61  C CA  . THR A 1 20 ? -3.437  -0.323  7.768   1.00 17.47 ? 20  THR A CA  1 
ATOM   62  C C   . THR A 1 20 ? -3.955  -1.717  7.449   1.00 16.55 ? 20  THR A C   1 
ATOM   63  O O   . THR A 1 20 ? -3.318  -2.459  6.693   1.00 17.42 ? 20  THR A O   1 
ATOM   64  C CB  . THR A 1 20 ? -3.595  0.577   6.543   1.00 17.99 ? 20  THR A CB  1 
ATOM   65  O OG1 . THR A 1 20 ? -3.212  1.912   6.892   1.00 19.99 ? 20  THR A OG1 1 
ATOM   66  C CG2 . THR A 1 20 ? -5.039  0.574   6.037   1.00 18.92 ? 20  THR A CG2 1 
ATOM   67  N N   . THR A 1 21 ? -5.098  -2.072  8.026   1.00 17.39 ? 21  THR A N   1 
ATOM   68  C CA  . THR A 1 21 ? -5.680  -3.390  7.805   1.00 16.62 ? 21  THR A CA  1 
ATOM   69  C C   . THR A 1 21 ? -7.005  -3.343  7.062   1.00 18.39 ? 21  THR A C   1 
ATOM   70  O O   . THR A 1 21 ? -7.363  -4.304  6.392   1.00 18.28 ? 21  THR A O   1 
ATOM   71  C CB  . THR A 1 21 ? -5.864  -4.155  9.137   1.00 16.86 ? 21  THR A CB  1 
ATOM   72  O OG1 . THR A 1 21 ? -6.700  -3.389  10.015  1.00 20.00 ? 21  THR A OG1 1 
ATOM   73  C CG2 . THR A 1 21 ? -4.511  -4.407  9.800   1.00 18.17 ? 21  THR A CG2 1 
ATOM   74  N N   . LYS A 1 22 ? -7.729  -2.243  7.214   1.00 19.79 ? 22  LYS A N   1 
ATOM   75  C CA  . LYS A 1 22 ? -9.004  -2.058  6.529   1.00 20.43 ? 22  LYS A CA  1 
ATOM   76  C C   . LYS A 1 22 ? -8.773  -1.625  5.089   1.00 18.19 ? 22  LYS A C   1 
ATOM   77  O O   . LYS A 1 22 ? -7.915  -0.786  4.810   1.00 19.17 ? 22  LYS A O   1 
ATOM   78  C CB  . LYS A 1 22 ? -9.841  -1.002  7.247   1.00 23.65 ? 22  LYS A CB  1 
ATOM   79  C CG  . LYS A 1 22 ? -10.163 -1.328  8.697   1.00 38.61 ? 22  LYS A CG  1 
ATOM   80  C CD  . LYS A 1 22 ? -11.119 -0.299  9.285   1.00 46.40 ? 22  LYS A CD  1 
ATOM   81  C CE  . LYS A 1 22 ? -11.517 -0.652  10.712  1.00 54.38 ? 22  LYS A CE  1 
ATOM   82  N NZ  . LYS A 1 22 ? -10.373 -0.545  11.660  1.00 65.15 ? 22  LYS A NZ  1 
ATOM   83  N N   . GLU A 1 23 ? -9.564  -2.168  4.170   1.00 18.53 ? 23  GLU A N   1 
ATOM   84  C CA  . GLU A 1 23 ? -9.378  -1.840  2.763   1.00 19.56 ? 23  GLU A CA  1 
ATOM   85  C C   . GLU A 1 23 ? -9.786  -0.397  2.463   1.00 17.85 ? 23  GLU A C   1 
ATOM   86  O O   . GLU A 1 23 ? -10.931 -0.013  2.708   1.00 19.14 ? 23  GLU A O   1 
ATOM   87  C CB  . GLU A 1 23 ? -10.156 -2.810  1.875   1.00 19.55 ? 23  GLU A CB  1 
ATOM   88  C CG  . GLU A 1 23 ? -9.978  -2.496  0.409   1.00 18.92 ? 23  GLU A CG  1 
ATOM   89  C CD  . GLU A 1 23 ? -10.395 -3.614  -0.518  1.00 19.46 ? 23  GLU A CD  1 
ATOM   90  O OE1 . GLU A 1 23 ? -11.112 -4.534  -0.082  1.00 21.19 ? 23  GLU A OE1 1 
ATOM   91  O OE2 . GLU A 1 23 ? -9.992  -3.556  -1.702  1.00 20.14 ? 23  GLU A OE2 1 
ATOM   92  N N   . PRO A 1 24 ? -8.857  0.415   1.925   1.00 17.56 ? 24  PRO A N   1 
ATOM   93  C CA  . PRO A 1 24 ? -9.228  1.798   1.580   1.00 20.01 ? 24  PRO A CA  1 
ATOM   94  C C   . PRO A 1 24 ? -10.274 1.878   0.475   1.00 19.62 ? 24  PRO A C   1 
ATOM   95  O O   . PRO A 1 24 ? -10.205 1.138   -0.500  1.00 19.40 ? 24  PRO A O   1 
ATOM   96  C CB  . PRO A 1 24 ? -7.912  2.397   1.068   1.00 21.26 ? 24  PRO A CB  1 
ATOM   97  C CG  . PRO A 1 24 ? -6.840  1.528   1.632   1.00 22.79 ? 24  PRO A CG  1 
ATOM   98  C CD  . PRO A 1 24 ? -7.430  0.149   1.671   1.00 18.24 ? 24  PRO A CD  1 
ATOM   99  N N   . LYS A 1 25 ? -11.220 2.796   0.625   1.00 18.14 ? 25  LYS A N   1 
ATOM   100 C CA  . LYS A 1 25 ? -12.281 2.957   -0.367  1.00 18.68 ? 25  LYS A CA  1 
ATOM   101 C C   . LYS A 1 25 ? -11.839 3.799   -1.563  1.00 18.47 ? 25  LYS A C   1 
ATOM   102 O O   . LYS A 1 25 ? -12.364 3.636   -2.661  1.00 20.30 ? 25  LYS A O   1 
ATOM   103 C CB  . LYS A 1 25 ? -13.517 3.570   0.289   1.00 22.64 ? 25  LYS A CB  1 
ATOM   104 C CG  . LYS A 1 25 ? -14.128 2.700   1.379   1.00 25.79 ? 25  LYS A CG  1 
ATOM   105 C CD  . LYS A 1 25 ? -15.226 3.442   2.127   1.00 34.42 ? 25  LYS A CD  1 
ATOM   106 C CE  . LYS A 1 25 ? -15.879 2.548   3.170   1.00 50.87 ? 25  LYS A CE  1 
ATOM   107 N NZ  . LYS A 1 25 ? -14.884 1.992   4.130   1.00 58.01 ? 25  LYS A NZ  1 
ATOM   108 N N   . ALA A 1 26 ? -10.899 4.713   -1.349  1.00 17.64 ? 26  ALA A N   1 
ATOM   109 C CA  . ALA A 1 26 ? -10.463 5.648   -2.385  1.00 17.54 ? 26  ALA A CA  1 
ATOM   110 C C   . ALA A 1 26 ? -9.691  4.968   -3.504  1.00 16.34 ? 26  ALA A C   1 
ATOM   111 O O   . ALA A 1 26 ? -9.073  3.927   -3.299  1.00 17.89 ? 26  ALA A O   1 
ATOM   112 C CB  . ALA A 1 26 ? -9.599  6.744   -1.763  1.00 21.18 ? 26  ALA A CB  1 
ATOM   113 N N   . ASN A 1 27 ? -9.703  5.564   -4.692  1.00 14.92 ? 27  ASN A N   1 
ATOM   114 C CA  . ASN A 1 27 ? -8.831  5.098   -5.761  1.00 14.62 ? 27  ASN A CA  1 
ATOM   115 C C   . ASN A 1 27 ? -7.361  5.249   -5.391  1.00 15.32 ? 27  ASN A C   1 
ATOM   116 O O   . ASN A 1 27 ? -6.958  6.257   -4.815  1.00 15.30 ? 27  ASN A O   1 
ATOM   117 C CB  . ASN A 1 27 ? -9.107  5.877   -7.057  1.00 16.44 ? 27  ASN A CB  1 
ATOM   118 C CG  . ASN A 1 27 ? -10.515 5.661   -7.595  1.00 16.95 ? 27  ASN A CG  1 
ATOM   119 O OD1 . ASN A 1 27 ? -11.098 4.599   -7.425  1.00 20.51 ? 27  ASN A OD1 1 
ATOM   120 N ND2 . ASN A 1 27 ? -11.053 6.671   -8.249  1.00 17.82 ? 27  ASN A ND2 1 
ATOM   121 N N   . ILE A 1 28 ? -6.567  4.260   -5.775  1.00 14.13 ? 28  ILE A N   1 
ATOM   122 C CA  . ILE A 1 28 ? -5.136  4.274   -5.503  1.00 13.89 ? 28  ILE A CA  1 
ATOM   123 C C   . ILE A 1 28 ? -4.375  4.626   -6.773  1.00 14.16 ? 28  ILE A C   1 
ATOM   124 O O   . ILE A 1 28 ? -4.583  4.003   -7.821  1.00 14.74 ? 28  ILE A O   1 
ATOM   125 C CB  . ILE A 1 28 ? -4.666  2.905   -4.982  1.00 14.78 ? 28  ILE A CB  1 
ATOM   126 C CG1 . ILE A 1 28 ? -5.458  2.514   -3.733  1.00 15.51 ? 28  ILE A CG1 1 
ATOM   127 C CG2 . ILE A 1 28 ? -3.161  2.930   -4.685  1.00 14.74 ? 28  ILE A CG2 1 
ATOM   128 C CD1 . ILE A 1 28 ? -5.467  3.566   -2.635  1.00 17.04 ? 28  ILE A CD1 1 
ATOM   129 N N   . LYS A 1 29 ? -3.498  5.625   -6.699  1.00 14.15 ? 29  LYS A N   1 
ATOM   130 C CA  . LYS A 1 29 ? -2.752  6.017   -7.892  1.00 16.21 ? 29  LYS A CA  1 
ATOM   131 C C   . LYS A 1 29 ? -1.323  5.493   -7.974  1.00 15.34 ? 29  LYS A C   1 
ATOM   132 O O   . LYS A 1 29 ? -0.779  5.363   -9.071  1.00 18.21 ? 29  LYS A O   1 
ATOM   133 C CB  . LYS A 1 29 ? -2.789  7.529   -8.120  1.00 18.28 ? 29  LYS A CB  1 
ATOM   134 C CG  . LYS A 1 29 ? -2.178  8.380   -7.033  1.00 18.27 ? 29  LYS A CG  1 
ATOM   135 C CD  . LYS A 1 29 ? -2.129  9.824   -7.532  1.00 20.56 ? 29  LYS A CD  1 
ATOM   136 C CE  . LYS A 1 29 ? -1.685  10.781  -6.458  1.00 19.60 ? 29  LYS A CE  1 
ATOM   137 N NZ  . LYS A 1 29 ? -1.681  12.179  -6.987  1.00 20.43 ? 29  LYS A NZ  1 
ATOM   138 N N   . ARG A 1 30 ? -0.713  5.198   -6.832  1.00 16.04 ? 30  ARG A N   1 
ATOM   139 C CA  . ARG A 1 30 ? 0.634   4.650   -6.812  1.00 15.84 ? 30  ARG A CA  1 
ATOM   140 C C   . ARG A 1 30 ? 0.738   3.678   -5.663  1.00 15.26 ? 30  ARG A C   1 
ATOM   141 O O   . ARG A 1 30 ? 0.071   3.841   -4.638  1.00 15.27 ? 30  ARG A O   1 
ATOM   142 C CB  . ARG A 1 30 ? 1.683   5.750   -6.593  1.00 18.99 ? 30  ARG A CB  1 
ATOM   143 C CG  . ARG A 1 30 ? 1.841   6.705   -7.755  1.00 19.78 ? 30  ARG A CG  1 
ATOM   144 C CD  . ARG A 1 30 ? 3.153   7.475   -7.649  1.00 22.10 ? 30  ARG A CD  1 
ATOM   145 N NE  . ARG A 1 30 ? 3.266   8.271   -6.426  1.00 21.65 ? 30  ARG A NE  1 
ATOM   146 C CZ  . ARG A 1 30 ? 2.685   9.457   -6.252  1.00 22.32 ? 30  ARG A CZ  1 
ATOM   147 N NH1 . ARG A 1 30 ? 1.914   9.974   -7.200  1.00 24.38 ? 30  ARG A NH1 1 
ATOM   148 N NH2 . ARG A 1 30 ? 2.854   10.112  -5.112  1.00 22.93 ? 30  ARG A NH2 1 
ATOM   149 N N   . CYS A 1 31 ? 1.618   2.692   -5.802  1.00 16.08 ? 31  CYS A N   1 
ATOM   150 C CA  . CYS A 1 31 ? 1.932   1.829   -4.682  1.00 16.66 ? 31  CYS A CA  1 
ATOM   151 C C   . CYS A 1 31 ? 3.395   1.406   -4.679  1.00 16.57 ? 31  CYS A C   1 
ATOM   152 O O   . CYS A 1 31 ? 4.064   1.434   -5.715  1.00 17.60 ? 31  CYS A O   1 
ATOM   153 C CB  . CYS A 1 31 ? 0.982   0.631   -4.588  1.00 19.28 ? 31  CYS A CB  1 
ATOM   154 S SG  . CYS A 1 31 ? 0.901   -0.446  -6.023  1.00 20.52 ? 31  CYS A SG  1 
ATOM   155 N N   . TYR A 1 32 ? 3.882   1.037   -3.493  1.00 16.70 ? 32  TYR A N   1 
ATOM   156 C CA  . TYR A 1 32 ? 5.280   0.690   -3.280  1.00 18.34 ? 32  TYR A CA  1 
ATOM   157 C C   . TYR A 1 32 ? 5.383   -0.452  -2.289  1.00 18.63 ? 32  TYR A C   1 
ATOM   158 O O   . TYR A 1 32 ? 4.640   -0.511  -1.303  1.00 19.99 ? 32  TYR A O   1 
ATOM   159 C CB  . TYR A 1 32 ? 6.040   1.876   -2.689  1.00 19.32 ? 32  TYR A CB  1 
ATOM   160 C CG  . TYR A 1 32 ? 5.908   3.188   -3.431  1.00 18.68 ? 32  TYR A CG  1 
ATOM   161 C CD1 . TYR A 1 32 ? 4.834   4.040   -3.195  1.00 19.25 ? 32  TYR A CD1 1 
ATOM   162 C CD2 . TYR A 1 32 ? 6.872   3.589   -4.340  1.00 22.55 ? 32  TYR A CD2 1 
ATOM   163 C CE1 . TYR A 1 32 ? 4.724   5.249   -3.853  1.00 21.05 ? 32  TYR A CE1 1 
ATOM   164 C CE2 . TYR A 1 32 ? 6.766   4.796   -5.015  1.00 24.49 ? 32  TYR A CE2 1 
ATOM   165 C CZ  . TYR A 1 32 ? 5.691   5.622   -4.763  1.00 21.55 ? 32  TYR A CZ  1 
ATOM   166 O OH  . TYR A 1 32 ? 5.582   6.824   -5.421  1.00 29.81 ? 32  TYR A OH  1 
ATOM   167 N N   . ASN A 1 33 ? 6.326   -1.355  -2.527  1.00 17.83 ? 33  ASN A N   1 
ATOM   168 C CA  . ASN A 1 33 ? 6.672   -2.351  -1.523  1.00 19.82 ? 33  ASN A CA  1 
ATOM   169 C C   . ASN A 1 33 ? 7.748   -1.802  -0.603  1.00 18.58 ? 33  ASN A C   1 
ATOM   170 O O   . ASN A 1 33 ? 8.885   -1.609  -1.031  1.00 23.97 ? 33  ASN A O   1 
ATOM   171 C CB  . ASN A 1 33 ? 7.167   -3.629  -2.189  1.00 22.07 ? 33  ASN A CB  1 
ATOM   172 C CG  . ASN A 1 33 ? 6.132   -4.235  -3.105  1.00 25.75 ? 33  ASN A CG  1 
ATOM   173 O OD1 . ASN A 1 33 ? 5.119   -4.764  -2.653  1.00 29.93 ? 33  ASN A OD1 1 
ATOM   174 N ND2 . ASN A 1 33 ? 6.384   -4.165  -4.404  1.00 28.55 ? 33  ASN A ND2 1 
ATOM   175 N N   . LEU A 1 34 ? 7.390   -1.537  0.649   1.00 17.41 ? 34  LEU A N   1 
ATOM   176 C CA  . LEU A 1 34 ? 8.364   -1.041  1.617   1.00 18.01 ? 34  LEU A CA  1 
ATOM   177 C C   . LEU A 1 34 ? 8.918   -2.169  2.467   1.00 18.21 ? 34  LEU A C   1 
ATOM   178 O O   . LEU A 1 34 ? 8.169   -3.004  2.956   1.00 17.63 ? 34  LEU A O   1 
ATOM   179 C CB  . LEU A 1 34 ? 7.757   0.013   2.537   1.00 17.57 ? 34  LEU A CB  1 
ATOM   180 C CG  . LEU A 1 34 ? 7.089   1.205   1.856   1.00 18.21 ? 34  LEU A CG  1 
ATOM   181 C CD1 . LEU A 1 34 ? 6.742   2.265   2.882   1.00 19.85 ? 34  LEU A CD1 1 
ATOM   182 C CD2 . LEU A 1 34 ? 7.973   1.772   0.755   1.00 25.31 ? 34  LEU A CD2 1 
ATOM   183 N N   . PRO A 1 35 ? 10.238  -2.191  2.645   1.00 19.83 ? 35  PRO A N   1 
ATOM   184 C CA  . PRO A 1 35 ? 10.897  -3.275  3.379   1.00 19.77 ? 35  PRO A CA  1 
ATOM   185 C C   . PRO A 1 35 ? 10.878  -3.101  4.894   1.00 19.55 ? 35  PRO A C   1 
ATOM   186 O O   . PRO A 1 35 ? 10.809  -1.988  5.408   1.00 21.03 ? 35  PRO A O   1 
ATOM   187 C CB  . PRO A 1 35 ? 12.335  -3.190  2.872   1.00 22.31 ? 35  PRO A CB  1 
ATOM   188 C CG  . PRO A 1 35 ? 12.539  -1.743  2.627   1.00 23.87 ? 35  PRO A CG  1 
ATOM   189 C CD  . PRO A 1 35 ? 11.212  -1.232  2.096   1.00 21.85 ? 35  PRO A CD  1 
ATOM   190 N N   . LYS A 1 36 ? 10.941  -4.227  5.595   1.00 19.41 ? 36  LYS A N   1 
ATOM   191 C CA  . LYS A 1 36 ? 11.188  -4.227  7.031   1.00 19.62 ? 36  LYS A CA  1 
ATOM   192 C C   . LYS A 1 36 ? 12.591  -3.702  7.300   1.00 21.08 ? 36  LYS A C   1 
ATOM   193 O O   . LYS A 1 36 ? 13.556  -4.153  6.681   1.00 23.60 ? 36  LYS A O   1 
ATOM   194 C CB  . LYS A 1 36 ? 11.074  -5.651  7.579   1.00 19.39 ? 36  LYS A CB  1 
ATOM   195 C CG  . LYS A 1 36 ? 11.578  -5.834  9.013   1.00 19.91 ? 36  LYS A CG  1 
ATOM   196 C CD  . LYS A 1 36 ? 10.654  -5.170  10.031  1.00 19.53 ? 36  LYS A CD  1 
ATOM   197 C CE  . LYS A 1 36 ? 11.141  -5.490  11.453  1.00 20.28 ? 36  LYS A CE  1 
ATOM   198 N NZ  . LYS A 1 36 ? 10.261  -4.912  12.508  1.00 20.56 ? 36  LYS A NZ  1 
ATOM   199 N N   . THR A 1 37 ? 12.700  -2.740  8.213   1.00 22.03 ? 37  THR A N   1 
ATOM   200 C CA  . THR A 1 37 ? 13.994  -2.330  8.756   1.00 24.62 ? 37  THR A CA  1 
ATOM   201 C C   . THR A 1 37 ? 13.867  -2.303  10.274  1.00 24.32 ? 37  THR A C   1 
ATOM   202 O O   . THR A 1 37 ? 12.809  -2.610  10.818  1.00 23.46 ? 37  THR A O   1 
ATOM   203 C CB  . THR A 1 37 ? 14.420  -0.930  8.276   1.00 28.36 ? 37  THR A CB  1 
ATOM   204 O OG1 . THR A 1 37 ? 13.580  0.062   8.883   1.00 27.84 ? 37  THR A OG1 1 
ATOM   205 C CG2 . THR A 1 37 ? 14.331  -0.818  6.756   1.00 33.72 ? 37  THR A CG2 1 
ATOM   206 N N   . ASN A 1 38 ? 14.937  -1.935  10.971  1.00 26.44 ? 38  ASN A N   1 
ATOM   207 C CA  . ASN A 1 38 ? 14.842  -1.817  12.423  1.00 26.97 ? 38  ASN A CA  1 
ATOM   208 C C   . ASN A 1 38 ? 13.809  -0.787  12.885  1.00 32.66 ? 38  ASN A C   1 
ATOM   209 O O   . ASN A 1 38 ? 13.196  -0.943  13.942  1.00 41.62 ? 38  ASN A O   1 
ATOM   210 C CB  . ASN A 1 38 ? 16.210  -1.531  13.052  1.00 35.57 ? 38  ASN A CB  1 
ATOM   211 C CG  . ASN A 1 38 ? 17.094  -2.761  13.101  1.00 49.80 ? 38  ASN A CG  1 
ATOM   212 O OD1 . ASN A 1 38 ? 18.242  -2.735  12.656  1.00 54.16 ? 38  ASN A OD1 1 
ATOM   213 N ND2 . ASN A 1 38 ? 16.560  -3.851  13.642  1.00 47.26 ? 38  ASN A ND2 1 
ATOM   214 N N   . ASN A 1 39 ? 13.607  0.248   12.076  1.00 26.15 ? 39  ASN A N   1 
ATOM   215 C CA  . ASN A 1 39 ? 12.717  1.343   12.441  1.00 28.30 ? 39  ASN A CA  1 
ATOM   216 C C   . ASN A 1 39 ? 11.346  1.290   11.778  1.00 24.22 ? 39  ASN A C   1 
ATOM   217 O O   . ASN A 1 39 ? 10.418  1.937   12.257  1.00 24.57 ? 39  ASN A O   1 
ATOM   218 C CB  . ASN A 1 39 ? 13.360  2.693   12.104  1.00 31.30 ? 39  ASN A CB  1 
ATOM   219 C CG  . ASN A 1 39 ? 14.492  3.049   13.031  1.00 37.73 ? 39  ASN A CG  1 
ATOM   220 O OD1 . ASN A 1 39 ? 14.621  2.489   14.118  1.00 35.65 ? 39  ASN A OD1 1 
ATOM   221 N ND2 . ASN A 1 39 ? 15.314  4.000   12.611  1.00 41.62 ? 39  ASN A ND2 1 
ATOM   222 N N   . CYS A 1 40 ? 11.223  0.528   10.691  1.00 22.85 ? 40  CYS A N   1 
ATOM   223 C CA  . CYS A 1 40 ? 10.058  0.628   9.804   1.00 21.32 ? 40  CYS A CA  1 
ATOM   224 C C   . CYS A 1 40 ? 9.471   -0.745  9.504   1.00 20.10 ? 40  CYS A C   1 
ATOM   225 O O   . CYS A 1 40 ? 10.208  -1.716  9.325   1.00 20.42 ? 40  CYS A O   1 
ATOM   226 C CB  . CYS A 1 40 ? 10.470  1.301   8.491   1.00 21.34 ? 40  CYS A CB  1 
ATOM   227 S SG  . CYS A 1 40 ? 11.475  2.784   8.680   1.00 24.77 ? 40  CYS A SG  1 
ATOM   228 N N   . LEU A 1 41 ? 8.144   -0.831  9.443   1.00 19.16 ? 41  LEU A N   1 
ATOM   229 C CA  . LEU A 1 41 ? 7.479   -2.096  9.132   1.00 18.39 ? 41  LEU A CA  1 
ATOM   230 C C   . LEU A 1 41 ? 7.447   -2.396  7.640   1.00 17.62 ? 41  LEU A C   1 
ATOM   231 O O   . LEU A 1 41 ? 7.318   -1.489  6.812   1.00 17.29 ? 41  LEU A O   1 
ATOM   232 C CB  . LEU A 1 41 ? 6.035   -2.083  9.636   1.00 18.11 ? 41  LEU A CB  1 
ATOM   233 C CG  . LEU A 1 41 ? 5.867   -1.919  11.147  1.00 19.18 ? 41  LEU A CG  1 
ATOM   234 C CD1 . LEU A 1 41 ? 4.400   -1.813  11.497  1.00 19.74 ? 41  LEU A CD1 1 
ATOM   235 C CD2 . LEU A 1 41 ? 6.506   -3.079  11.904  1.00 19.96 ? 41  LEU A CD2 1 
ATOM   236 N N   . LYS A 1 42 ? 7.527   -3.676  7.303   1.00 17.62 ? 42  LYS A N   1 
ATOM   237 C CA  . LYS A 1 42 ? 7.256   -4.123  5.942   1.00 17.15 ? 42  LYS A CA  1 
ATOM   238 C C   . LYS A 1 42 ? 5.790   -3.880  5.610   1.00 16.38 ? 42  LYS A C   1 
ATOM   239 O O   . LYS A 1 42 ? 4.899   -4.334  6.325   1.00 16.46 ? 42  LYS A O   1 
ATOM   240 C CB  . LYS A 1 42 ? 7.544   -5.614  5.817   1.00 17.80 ? 42  LYS A CB  1 
ATOM   241 C CG  . LYS A 1 42 ? 7.458   -6.119  4.393   1.00 18.28 ? 42  LYS A CG  1 
ATOM   242 C CD  . LYS A 1 42 ? 7.701   -7.606  4.326   1.00 24.13 ? 42  LYS A CD  1 
ATOM   243 C CE  . LYS A 1 42 ? 7.674   -8.089  2.890   1.00 28.94 ? 42  LYS A CE  1 
ATOM   244 N NZ  . LYS A 1 42 ? 8.151   -9.494  2.785   1.00 47.24 ? 42  LYS A NZ  1 
ATOM   245 N N   . CYS A 1 43 ? 5.521   -3.174  4.520   1.00 15.91 ? 43  CYS A N   1 
ATOM   246 C CA  . CYS A 1 43 ? 4.132   -2.925  4.178   1.00 15.41 ? 43  CYS A CA  1 
ATOM   247 C C   . CYS A 1 43 ? 4.026   -2.500  2.734   1.00 15.86 ? 43  CYS A C   1 
ATOM   248 O O   . CYS A 1 43 ? 5.022   -2.134  2.112   1.00 16.45 ? 43  CYS A O   1 
ATOM   249 C CB  . CYS A 1 43 ? 3.519   -1.889  5.126   1.00 15.97 ? 43  CYS A CB  1 
ATOM   250 S SG  . CYS A 1 43 ? 4.428   -0.326  5.293   1.00 17.03 ? 43  CYS A SG  1 
ATOM   251 N N   . VAL A 1 44 ? 2.810   -2.569  2.197   1.00 14.95 ? 44  VAL A N   1 
ATOM   252 C CA  . VAL A 1 44 ? 2.551   -2.100  0.842   1.00 15.11 ? 44  VAL A CA  1 
ATOM   253 C C   . VAL A 1 44 ? 1.961   -0.705  0.927   1.00 14.79 ? 44  VAL A C   1 
ATOM   254 O O   . VAL A 1 44 ? 0.826   -0.512  1.382   1.00 14.93 ? 44  VAL A O   1 
ATOM   255 C CB  . VAL A 1 44 ? 1.622   -3.047  0.069   1.00 15.47 ? 44  VAL A CB  1 
ATOM   256 C CG1 . VAL A 1 44 ? 1.390   -2.521  -1.343  1.00 17.00 ? 44  VAL A CG1 1 
ATOM   257 C CG2 . VAL A 1 44 ? 2.231   -4.445  0.030   1.00 18.15 ? 44  VAL A CG2 1 
ATOM   258 N N   . LEU A 1 45 ? 2.750   0.277   0.506   1.00 15.09 ? 45  LEU A N   1 
ATOM   259 C CA  . LEU A 1 45 ? 2.349   1.675   0.587   1.00 15.43 ? 45  LEU A CA  1 
ATOM   260 C C   . LEU A 1 45 ? 1.391   2.025   -0.532  1.00 15.55 ? 45  LEU A C   1 
ATOM   261 O O   . LEU A 1 45 ? 1.711   1.839   -1.702  1.00 16.61 ? 45  LEU A O   1 
ATOM   262 C CB  . LEU A 1 45 ? 3.575   2.585   0.510   1.00 16.97 ? 45  LEU A CB  1 
ATOM   263 C CG  . LEU A 1 45 ? 3.282   4.084   0.617   1.00 17.09 ? 45  LEU A CG  1 
ATOM   264 C CD1 . LEU A 1 45 ? 2.608   4.417   1.946   1.00 19.39 ? 45  LEU A CD1 1 
ATOM   265 C CD2 . LEU A 1 45 ? 4.555   4.905   0.438   1.00 19.10 ? 45  LEU A CD2 1 
ATOM   266 N N   . PHE A 1 46 ? 0.223   2.539   -0.155  1.00 15.65 ? 46  PHE A N   1 
ATOM   267 C CA  . PHE A 1 46 ? -0.770  3.051   -1.105  1.00 16.05 ? 46  PHE A CA  1 
ATOM   268 C C   . PHE A 1 46 ? -0.741  4.575   -1.046  1.00 16.99 ? 46  PHE A C   1 
ATOM   269 O O   . PHE A 1 46 ? -0.766  5.164   0.052   1.00 17.36 ? 46  PHE A O   1 
ATOM   270 C CB  . PHE A 1 46 ? -2.181  2.608   -0.693  1.00 16.02 ? 46  PHE A CB  1 
ATOM   271 C CG  . PHE A 1 46 ? -2.572  1.215   -1.132  1.00 15.74 ? 46  PHE A CG  1 
ATOM   272 C CD1 . PHE A 1 46 ? -1.680  0.360   -1.770  1.00 15.51 ? 46  PHE A CD1 1 
ATOM   273 C CD2 . PHE A 1 46 ? -3.864  0.769   -0.888  1.00 16.14 ? 46  PHE A CD2 1 
ATOM   274 C CE1 . PHE A 1 46 ? -2.099  -0.913  -2.167  1.00 16.61 ? 46  PHE A CE1 1 
ATOM   275 C CE2 . PHE A 1 46 ? -4.280  -0.491  -1.283  1.00 16.91 ? 46  PHE A CE2 1 
ATOM   276 C CZ  . PHE A 1 46 ? -3.406  -1.328  -1.917  1.00 16.94 ? 46  PHE A CZ  1 
ATOM   277 N N   . VAL A 1 47 ? -0.708  5.215   -2.211  1.00 14.19 ? 47  VAL A N   1 
ATOM   278 C CA  . VAL A 1 47 ? -0.974  6.644   -2.317  1.00 14.87 ? 47  VAL A CA  1 
ATOM   279 C C   . VAL A 1 47 ? -2.315  6.791   -3.031  1.00 14.62 ? 47  VAL A C   1 
ATOM   280 O O   . VAL A 1 47 ? -2.471  6.352   -4.182  1.00 15.12 ? 47  VAL A O   1 
ATOM   281 C CB  . VAL A 1 47 ? 0.119   7.379   -3.126  1.00 15.49 ? 47  VAL A CB  1 
ATOM   282 C CG1 . VAL A 1 47 ? -0.239  8.846   -3.303  1.00 17.34 ? 47  VAL A CG1 1 
ATOM   283 C CG2 . VAL A 1 47 ? 1.482   7.229   -2.449  1.00 16.56 ? 47  VAL A CG2 1 
ATOM   284 N N   . ASP A 1 48 ? -3.295  7.386   -2.361  1.00 15.06 ? 48  ASP A N   1 
ATOM   285 C CA  . ASP A 1 48 ? -4.615  7.490   -2.962  1.00 15.41 ? 48  ASP A CA  1 
ATOM   286 C C   . ASP A 1 48 ? -4.755  8.746   -3.811  1.00 16.52 ? 48  ASP A C   1 
ATOM   287 O O   . ASP A 1 48 ? -3.831  9.556   -3.917  1.00 16.75 ? 48  ASP A O   1 
ATOM   288 C CB  . ASP A 1 48 ? -5.745  7.324   -1.927  1.00 17.31 ? 48  ASP A CB  1 
ATOM   289 C CG  . ASP A 1 48 ? -5.943  8.535   -1.021  1.00 17.76 ? 48  ASP A CG  1 
ATOM   290 O OD1 . ASP A 1 48 ? -5.440  9.642   -1.296  1.00 18.24 ? 48  ASP A OD1 1 
ATOM   291 O OD2 . ASP A 1 48 ? -6.640  8.355   -0.002  1.00 22.88 ? 48  ASP A OD2 1 
ATOM   292 N N   . ALA A 1 49 ? -5.918  8.896   -4.437  1.00 17.99 ? 49  ALA A N   1 
ATOM   293 C CA  . ALA A 1 49 ? -6.164  10.004  -5.355  1.00 19.60 ? 49  ALA A CA  1 
ATOM   294 C C   . ALA A 1 49 ? -6.148  11.366  -4.669  1.00 19.57 ? 49  ALA A C   1 
ATOM   295 O O   . ALA A 1 49 ? -6.035  12.398  -5.332  1.00 24.29 ? 49  ALA A O   1 
ATOM   296 C CB  . ALA A 1 49 ? -7.481  9.794   -6.100  1.00 22.41 ? 49  ALA A CB  1 
ATOM   297 N N   . SER A 1 50 ? -6.261  11.372  -3.344  1.00 19.41 ? 50  SER A N   1 
ATOM   298 C CA  . SER A 1 50 ? -6.171  12.603  -2.570  1.00 19.16 ? 50  SER A CA  1 
ATOM   299 C C   . SER A 1 50 ? -4.779  12.760  -1.948  1.00 18.51 ? 50  SER A C   1 
ATOM   300 O O   . SER A 1 50 ? -4.584  13.546  -1.016  1.00 21.82 ? 50  SER A O   1 
ATOM   301 C CB  . SER A 1 50 ? -7.241  12.633  -1.478  1.00 27.70 ? 50  SER A CB  1 
ATOM   302 O OG  . SER A 1 50 ? -8.542  12.619  -2.044  1.00 29.64 ? 50  SER A OG  1 
ATOM   303 N N   . ASN A 1 51 ? -3.814  12.012  -2.481  1.00 17.49 ? 51  ASN A N   1 
ATOM   304 C CA  . ASN A 1 51 ? -2.416  12.078  -2.037  1.00 17.24 ? 51  ASN A CA  1 
ATOM   305 C C   . ASN A 1 51 ? -2.173  11.668  -0.588  1.00 17.23 ? 51  ASN A C   1 
ATOM   306 O O   . ASN A 1 51 ? -1.160  12.037  0.005   1.00 18.34 ? 51  ASN A O   1 
ATOM   307 C CB  . ASN A 1 51 ? -1.817  13.451  -2.341  1.00 17.95 ? 51  ASN A CB  1 
ATOM   308 C CG  . ASN A 1 51 ? -1.723  13.708  -3.824  1.00 17.90 ? 51  ASN A CG  1 
ATOM   309 O OD1 . ASN A 1 51 ? -0.901  13.107  -4.508  1.00 17.78 ? 51  ASN A OD1 1 
ATOM   310 N ND2 . ASN A 1 51 ? -2.592  14.573  -4.335  1.00 18.61 ? 51  ASN A ND2 1 
ATOM   311 N N   . ARG A 1 52 ? -3.080  10.874  -0.036  1.00 17.09 ? 52  ARG A N   1 
ATOM   312 C CA  . ARG A 1 52 ? -2.915  10.351  1.317   1.00 17.11 ? 52  ARG A CA  1 
ATOM   313 C C   . ARG A 1 52 ? -2.253  8.982   1.264   1.00 17.22 ? 52  ARG A C   1 
ATOM   314 O O   . ARG A 1 52 ? -2.479  8.194   0.335   1.00 16.55 ? 52  ARG A O   1 
ATOM   315 C CB  . ARG A 1 52 ? -4.273  10.239  2.004   1.00 20.03 ? 52  ARG A CB  1 
ATOM   316 C CG  . ARG A 1 52 ? -4.990  11.569  2.152   1.00 25.57 ? 52  ARG A CG  1 
ATOM   317 C CD  . ARG A 1 52 ? -6.430  11.373  2.609   1.00 30.62 ? 52  ARG A CD  1 
ATOM   318 N NE  . ARG A 1 52 ? -7.204  10.581  1.655   1.00 43.81 ? 52  ARG A NE  1 
ATOM   319 C CZ  . ARG A 1 52 ? -8.527  10.451  1.687   1.00 41.59 ? 52  ARG A CZ  1 
ATOM   320 N NH1 . ARG A 1 52 ? -9.234  11.069  2.624   1.00 49.73 ? 52  ARG A NH1 1 
ATOM   321 N NH2 . ARG A 1 52 ? -9.145  9.711   0.776   1.00 37.19 ? 52  ARG A NH2 1 
ATOM   322 N N   . MET A 1 53 ? -1.438  8.693   2.272   1.00 16.78 ? 53  MET A N   1 
ATOM   323 C CA  . MET A 1 53 ? -0.726  7.428   2.344   1.00 16.00 ? 53  MET A CA  1 
ATOM   324 C C   . MET A 1 53 ? -1.298  6.498   3.401   1.00 17.26 ? 53  MET A C   1 
ATOM   325 O O   . MET A 1 53 ? -1.620  6.923   4.512   1.00 18.71 ? 53  MET A O   1 
ATOM   326 C CB  . MET A 1 53 ? 0.744   7.678   2.669   1.00 16.90 ? 53  MET A CB  1 
ATOM   327 C CG  . MET A 1 53 ? 1.563   8.228   1.518   1.00 17.35 ? 53  MET A CG  1 
ATOM   328 S SD  . MET A 1 53 ? 3.271   8.460   2.042   1.00 19.38 ? 53  MET A SD  1 
ATOM   329 C CE  . MET A 1 53 ? 4.013   8.981   0.499   1.00 21.33 ? 53  MET A CE  1 
ATOM   330 N N   . LYS A 1 54 ? -1.400  5.224   3.048   1.00 15.87 ? 54  LYS A N   1 
ATOM   331 C CA  . LYS A 1 54 ? -1.732  4.172   3.990   1.00 17.75 ? 54  LYS A CA  1 
ATOM   332 C C   . LYS A 1 54 ? -0.806  3.021   3.653   1.00 15.24 ? 54  LYS A C   1 
ATOM   333 O O   . LYS A 1 54 ? -0.646  2.679   2.486   1.00 16.44 ? 54  LYS A O   1 
ATOM   334 C CB  . LYS A 1 54 ? -3.188  3.731   3.827   1.00 18.22 ? 54  LYS A CB  1 
ATOM   335 C CG  . LYS A 1 54 ? -4.196  4.758   4.291   1.00 19.28 ? 54  LYS A CG  1 
ATOM   336 C CD  . LYS A 1 54 ? -5.626  4.284   4.055   1.00 20.03 ? 54  LYS A CD  1 
ATOM   337 C CE  . LYS A 1 54 ? -6.628  5.253   4.660   1.00 23.74 ? 54  LYS A CE  1 
ATOM   338 N NZ  . LYS A 1 54 ? -6.540  6.597   4.020   1.00 24.18 ? 54  LYS A NZ  1 
ATOM   339 N N   . CYS A 1 55 ? -0.185  2.423   4.663   1.00 15.66 ? 55  CYS A N   1 
ATOM   340 C CA  . CYS A 1 55 ? 0.715   1.303   4.402   1.00 15.65 ? 55  CYS A CA  1 
ATOM   341 C C   . CYS A 1 55 ? 0.073   0.004   4.866   1.00 14.12 ? 55  CYS A C   1 
ATOM   342 O O   . CYS A 1 55 ? -0.157  -0.216  6.061   1.00 15.42 ? 55  CYS A O   1 
ATOM   343 C CB  . CYS A 1 55 ? 2.085   1.539   5.028   1.00 17.76 ? 55  CYS A CB  1 
ATOM   344 S SG  . CYS A 1 55 ? 3.399   0.845   3.995   1.00 17.68 ? 55  CYS A SG  1 
ATOM   345 N N   . ILE A 1 56 ? -0.250  -0.835  3.889   1.00 14.83 ? 56  ILE A N   1 
ATOM   346 C CA  . ILE A 1 56 ? -1.089  -1.993  4.116   1.00 13.89 ? 56  ILE A CA  1 
ATOM   347 C C   . ILE A 1 56 ? -0.294  -3.169  4.678   1.00 14.01 ? 56  ILE A C   1 
ATOM   348 O O   . ILE A 1 56 ? 0.806   -3.479  4.207   1.00 14.22 ? 56  ILE A O   1 
ATOM   349 C CB  . ILE A 1 56 ? -1.779  -2.447  2.804   1.00 13.73 ? 56  ILE A CB  1 
ATOM   350 C CG1 . ILE A 1 56 ? -2.400  -1.251  2.045   1.00 15.11 ? 56  ILE A CG1 1 
ATOM   351 C CG2 . ILE A 1 56 ? -2.800  -3.512  3.114   1.00 15.57 ? 56  ILE A CG2 1 
ATOM   352 C CD1 . ILE A 1 56 ? -3.391  -0.439  2.847   1.00 15.48 ? 56  ILE A CD1 1 
ATOM   353 N N   . ASP A 1 57 ? -0.877  -3.838  5.667   1.00 14.30 ? 57  ASP A N   1 
ATOM   354 C CA  . ASP A 1 57 ? -0.359  -5.114  6.156   1.00 14.62 ? 57  ASP A CA  1 
ATOM   355 C C   . ASP A 1 57 ? -0.256  -6.092  4.986   1.00 14.46 ? 57  ASP A C   1 
ATOM   356 O O   . ASP A 1 57 ? -1.258  -6.365  4.336   1.00 14.43 ? 57  ASP A O   1 
ATOM   357 C CB  . ASP A 1 57 ? -1.338  -5.643  7.205   1.00 16.20 ? 57  ASP A CB  1 
ATOM   358 C CG  . ASP A 1 57 ? -0.935  -6.985  7.785   1.00 15.46 ? 57  ASP A CG  1 
ATOM   359 O OD1 . ASP A 1 57 ? 0.146   -7.514  7.452   1.00 15.78 ? 57  ASP A OD1 1 
ATOM   360 O OD2 . ASP A 1 57 ? -1.723  -7.499  8.599   1.00 16.72 ? 57  ASP A OD2 1 
ATOM   361 N N   . PRO A 1 58 ? 0.947   -6.620  4.699   1.00 14.59 ? 58  PRO A N   1 
ATOM   362 C CA  . PRO A 1 58 ? 1.084   -7.610  3.618   1.00 15.94 ? 58  PRO A CA  1 
ATOM   363 C C   . PRO A 1 58 ? 0.207   -8.844  3.816   1.00 15.27 ? 58  PRO A C   1 
ATOM   364 O O   . PRO A 1 58 ? -0.046  -9.561  2.851   1.00 17.01 ? 58  PRO A O   1 
ATOM   365 C CB  . PRO A 1 58 ? 2.567   -7.991  3.679   1.00 17.49 ? 58  PRO A CB  1 
ATOM   366 C CG  . PRO A 1 58 ? 3.226   -6.771  4.243   1.00 19.94 ? 58  PRO A CG  1 
ATOM   367 C CD  . PRO A 1 58 ? 2.255   -6.228  5.259   1.00 15.82 ? 58  PRO A CD  1 
ATOM   368 N N   . ASN A 1 59 ? -0.242  -9.096  5.041   1.00 15.42 ? 59  ASN A N   1 
ATOM   369 C CA  . ASN A 1 59 ? -1.095  -10.244 5.316   1.00 15.77 ? 59  ASN A CA  1 
ATOM   370 C C   . ASN A 1 59 ? -2.580  -9.978  5.068   1.00 16.30 ? 59  ASN A C   1 
ATOM   371 O O   . ASN A 1 59 ? -3.397  -10.879 5.236   1.00 18.27 ? 59  ASN A O   1 
ATOM   372 C CB  . ASN A 1 59 ? -0.901  -10.714 6.763   1.00 16.18 ? 59  ASN A CB  1 
ATOM   373 C CG  . ASN A 1 59 ? 0.506   -11.200 7.032   1.00 16.49 ? 59  ASN A CG  1 
ATOM   374 O OD1 . ASN A 1 59 ? 1.102   -11.888 6.211   1.00 18.90 ? 59  ASN A OD1 1 
ATOM   375 N ND2 . ASN A 1 59 ? 1.047   -10.845 8.196   1.00 17.72 ? 59  ASN A ND2 1 
ATOM   376 N N   . ALA A 1 60 ? -2.931  -8.747  4.705   1.00 15.27 ? 60  ALA A N   1 
ATOM   377 C CA  . ALA A 1 60 ? -4.337  -8.421  4.438   1.00 15.36 ? 60  ALA A CA  1 
ATOM   378 C C   . ALA A 1 60 ? -4.952  -9.369  3.415   1.00 16.66 ? 60  ALA A C   1 
ATOM   379 O O   . ALA A 1 60 ? -4.362  -9.608  2.363   1.00 17.21 ? 60  ALA A O   1 
ATOM   380 C CB  . ALA A 1 60 ? -4.467  -6.987  3.964   1.00 15.73 ? 60  ALA A CB  1 
ATOM   381 N N   . SER A 1 61 ? -6.141  -9.887  3.719   1.00 16.59 ? 61  SER A N   1 
ATOM   382 C CA  . SER A 1 61 ? -6.779  -10.879 2.850   1.00 17.68 ? 61  SER A CA  1 
ATOM   383 C C   . SER A 1 61 ? -7.179  -10.309 1.493   1.00 17.01 ? 61  SER A C   1 
ATOM   384 O O   . SER A 1 61 ? -7.156  -11.019 0.487   1.00 18.66 ? 61  SER A O   1 
ATOM   385 C CB  . SER A 1 61 ? -8.019  -11.474 3.521   1.00 20.42 ? 61  SER A CB  1 
ATOM   386 O OG  . SER A 1 61 ? -8.998  -10.475 3.750   1.00 24.41 ? 61  SER A OG  1 
ATOM   387 N N   . TRP A 1 62 ? -7.529  -9.027  1.485   1.00 16.27 ? 62  TRP A N   1 
ATOM   388 C CA  . TRP A 1 62 ? -8.100  -8.377  0.312   1.00 16.29 ? 62  TRP A CA  1 
ATOM   389 C C   . TRP A 1 62 ? -7.030  -7.790  -0.598  1.00 15.75 ? 62  TRP A C   1 
ATOM   390 O O   . TRP A 1 62 ? -7.332  -7.329  -1.702  1.00 16.23 ? 62  TRP A O   1 
ATOM   391 C CB  . TRP A 1 62 ? -9.054  -7.255  0.753   1.00 18.01 ? 62  TRP A CB  1 
ATOM   392 C CG  . TRP A 1 62 ? -8.414  -6.312  1.735   1.00 17.59 ? 62  TRP A CG  1 
ATOM   393 C CD1 . TRP A 1 62 ? -8.514  -6.354  3.093   1.00 17.39 ? 62  TRP A CD1 1 
ATOM   394 C CD2 . TRP A 1 62 ? -7.565  -5.201  1.428   1.00 15.30 ? 62  TRP A CD2 1 
ATOM   395 N NE1 . TRP A 1 62 ? -7.791  -5.333  3.649   1.00 16.97 ? 62  TRP A NE1 1 
ATOM   396 C CE2 . TRP A 1 62 ? -7.180  -4.620  2.653   1.00 16.41 ? 62  TRP A CE2 1 
ATOM   397 C CE3 . TRP A 1 62 ? -7.086  -4.643  0.237   1.00 16.26 ? 62  TRP A CE3 1 
ATOM   398 C CZ2 . TRP A 1 62 ? -6.345  -3.502  2.723   1.00 15.51 ? 62  TRP A CZ2 1 
ATOM   399 C CZ3 . TRP A 1 62 ? -6.255  -3.538  0.305   1.00 15.83 ? 62  TRP A CZ3 1 
ATOM   400 C CH2 . TRP A 1 62 ? -5.887  -2.980  1.545   1.00 16.08 ? 62  TRP A CH2 1 
ATOM   401 N N   . LEU A 1 63 ? -5.784  -7.781  -0.143  1.00 16.65 ? 63  LEU A N   1 
ATOM   402 C CA  . LEU A 1 63 ? -4.755  -7.021  -0.835  1.00 14.92 ? 63  LEU A CA  1 
ATOM   403 C C   . LEU A 1 63 ? -4.439  -7.560  -2.234  1.00 15.23 ? 63  LEU A C   1 
ATOM   404 O O   . LEU A 1 63 ? -4.276  -6.787  -3.180  1.00 16.25 ? 63  LEU A O   1 
ATOM   405 C CB  . LEU A 1 63 ? -3.499  -6.917  0.040   1.00 15.49 ? 63  LEU A CB  1 
ATOM   406 C CG  . LEU A 1 63 ? -2.290  -6.167  -0.519  1.00 14.30 ? 63  LEU A CG  1 
ATOM   407 C CD1 . LEU A 1 63 ? -2.626  -4.738  -0.929  1.00 15.92 ? 63  LEU A CD1 1 
ATOM   408 C CD2 . LEU A 1 63 ? -1.186  -6.165  0.531   1.00 14.99 ? 63  LEU A CD2 1 
ATOM   409 N N   . ALA A 1 64 ? -4.357  -8.877  -2.380  1.00 15.78 ? 64  ALA A N   1 
ATOM   410 C CA  . ALA A 1 64 ? -4.038  -9.440  -3.686  1.00 16.32 ? 64  ALA A CA  1 
ATOM   411 C C   . ALA A 1 64 ? -5.075  -9.053  -4.754  1.00 17.49 ? 64  ALA A C   1 
ATOM   412 O O   . ALA A 1 64 ? -4.714  -8.682  -5.869  1.00 17.68 ? 64  ALA A O   1 
ATOM   413 C CB  . ALA A 1 64 ? -3.897  -10.946 -3.601  1.00 17.98 ? 64  ALA A CB  1 
ATOM   414 N N   . GLU A 1 65 ? -6.358  -9.144  -4.416  1.00 16.82 ? 65  GLU A N   1 
ATOM   415 C CA  . GLU A 1 65 ? -7.400  -8.744  -5.356  1.00 17.21 ? 65  GLU A CA  1 
ATOM   416 C C   . GLU A 1 65 ? -7.327  -7.247  -5.665  1.00 16.65 ? 65  GLU A C   1 
ATOM   417 O O   . GLU A 1 65 ? -7.525  -6.840  -6.813  1.00 16.94 ? 65  GLU A O   1 
ATOM   418 C CB  . GLU A 1 65 ? -8.786  -9.144  -4.854  1.00 19.87 ? 65  GLU A CB  1 
ATOM   419 C CG  . GLU A 1 65 ? -9.873  -8.854  -5.888  1.00 23.00 ? 65  GLU A CG  1 
ATOM   420 C CD  . GLU A 1 65 ? -11.184 -9.578  -5.635  1.00 31.53 ? 65  GLU A CD  1 
ATOM   421 O OE1 . GLU A 1 65 ? -12.153 -9.299  -6.376  1.00 38.42 ? 65  GLU A OE1 1 
ATOM   422 O OE2 . GLU A 1 65 ? -11.256 -10.422 -4.718  1.00 38.35 ? 65  GLU A OE2 1 
ATOM   423 N N   . ARG A 1 66 ? -7.017  -6.428  -4.665  1.00 15.99 ? 66  ARG A N   1 
ATOM   424 C CA  . ARG A 1 66 ? -6.891  -4.998  -4.911  1.00 15.56 ? 66  ARG A CA  1 
ATOM   425 C C   . ARG A 1 66 ? -5.731  -4.699  -5.848  1.00 15.43 ? 66  ARG A C   1 
ATOM   426 O O   . ARG A 1 66 ? -5.849  -3.877  -6.758  1.00 16.26 ? 66  ARG A O   1 
ATOM   427 C CB  . ARG A 1 66 ? -6.774  -4.219  -3.602  1.00 15.55 ? 66  ARG A CB  1 
ATOM   428 C CG  . ARG A 1 66 ? -6.711  -2.701  -3.779  1.00 15.33 ? 66  ARG A CG  1 
ATOM   429 C CD  . ARG A 1 66 ? -7.974  -2.169  -4.444  1.00 16.41 ? 66  ARG A CD  1 
ATOM   430 N NE  . ARG A 1 66 ? -8.146  -0.723  -4.309  1.00 16.61 ? 66  ARG A NE  1 
ATOM   431 C CZ  . ARG A 1 66 ? -8.629  -0.126  -3.224  1.00 16.96 ? 66  ARG A CZ  1 
ATOM   432 N NH1 . ARG A 1 66 ? -8.945  -0.843  -2.150  1.00 18.15 ? 66  ARG A NH1 1 
ATOM   433 N NH2 . ARG A 1 66 ? -8.771  1.191   -3.203  1.00 18.11 ? 66  ARG A NH2 1 
ATOM   434 N N   . LEU A 1 67 ? -4.607  -5.380  -5.638  1.00 17.24 ? 67  LEU A N   1 
ATOM   435 C CA  . LEU A 1 67 ? -3.449  -5.202  -6.506  1.00 17.29 ? 67  LEU A CA  1 
ATOM   436 C C   . LEU A 1 67 ? -3.736  -5.681  -7.936  1.00 18.06 ? 67  LEU A C   1 
ATOM   437 O O   . LEU A 1 67 ? -3.245  -5.089  -8.898  1.00 18.57 ? 67  LEU A O   1 
ATOM   438 C CB  . LEU A 1 67 ? -2.205  -5.898  -5.930  1.00 18.24 ? 67  LEU A CB  1 
ATOM   439 C CG  . LEU A 1 67 ? -1.635  -5.311  -4.632  1.00 18.01 ? 67  LEU A CG  1 
ATOM   440 C CD1 . LEU A 1 67 ? -0.361  -6.031  -4.274  1.00 19.67 ? 67  LEU A CD1 1 
ATOM   441 C CD2 . LEU A 1 67 ? -1.367  -3.832  -4.790  1.00 18.58 ? 67  LEU A CD2 1 
ATOM   442 N N   . TYR A 1 68 ? -4.531  -6.739  -8.068  1.00 19.13 ? 68  TYR A N   1 
ATOM   443 C CA  . TYR A 1 68 ? -4.974  -7.210  -9.383  1.00 20.33 ? 68  TYR A CA  1 
ATOM   444 C C   . TYR A 1 68 ? -5.768  -6.123  -10.107 1.00 19.87 ? 68  TYR A C   1 
ATOM   445 O O   . TYR A 1 68 ? -5.530  -5.836  -11.291 1.00 20.44 ? 68  TYR A O   1 
ATOM   446 C CB  . TYR A 1 68 ? -5.823  -8.483  -9.235  1.00 21.94 ? 68  TYR A CB  1 
ATOM   447 C CG  . TYR A 1 68 ? -6.587  -8.897  -10.488 1.00 28.15 ? 68  TYR A CG  1 
ATOM   448 C CD1 . TYR A 1 68 ? -6.002  -9.710  -11.442 1.00 29.49 ? 68  TYR A CD1 1 
ATOM   449 C CD2 . TYR A 1 68 ? -7.903  -8.484  -10.698 1.00 28.57 ? 68  TYR A CD2 1 
ATOM   450 C CE1 . TYR A 1 68 ? -6.696  -10.094 -12.586 1.00 27.24 ? 68  TYR A CE1 1 
ATOM   451 C CE2 . TYR A 1 68 ? -8.605  -8.863  -11.833 1.00 28.67 ? 68  TYR A CE2 1 
ATOM   452 C CZ  . TYR A 1 68 ? -7.997  -9.670  -12.765 1.00 27.62 ? 68  TYR A CZ  1 
ATOM   453 O OH  . TYR A 1 68 ? -8.699  -10.045 -13.888 1.00 31.87 ? 68  TYR A OH  1 
ATOM   454 N N   . ARG A 1 69 ? -6.721  -5.532  -9.401  1.00 19.29 ? 69  ARG A N   1 
ATOM   455 C CA  . ARG A 1 69 ? -7.558  -4.483  -9.985  1.00 19.42 ? 69  ARG A CA  1 
ATOM   456 C C   . ARG A 1 69 ? -6.709  -3.281  -10.376 1.00 18.44 ? 69  ARG A C   1 
ATOM   457 O O   . ARG A 1 69 ? -6.919  -2.687  -11.439 1.00 19.17 ? 69  ARG A O   1 
ATOM   458 C CB  . ARG A 1 69 ? -8.637  -4.066  -8.995  1.00 21.27 ? 69  ARG A CB  1 
ATOM   459 C CG  . ARG A 1 69 ? -9.654  -5.144  -8.703  1.00 29.81 ? 69  ARG A CG  1 
ATOM   460 C CD  . ARG A 1 69 ? -10.674 -4.652  -7.695  1.00 53.13 ? 69  ARG A CD  1 
ATOM   461 N NE  . ARG A 1 69 ? -11.442 -5.748  -7.120  1.00 45.03 ? 69  ARG A NE  1 
ATOM   462 C CZ  . ARG A 1 69 ? -12.291 -5.606  -6.110  1.00 46.48 ? 69  ARG A CZ  1 
ATOM   463 N NH1 . ARG A 1 69 ? -12.477 -4.411  -5.564  1.00 54.94 ? 69  ARG A NH1 1 
ATOM   464 N NH2 . ARG A 1 69 ? -12.953 -6.656  -5.642  1.00 60.94 ? 69  ARG A NH2 1 
ATOM   465 N N   . LEU A 1 70 ? -5.744  -2.926  -9.530  1.00 17.21 ? 70  LEU A N   1 
ATOM   466 C CA  . LEU A 1 70 ? -4.834  -1.834  -9.845  1.00 16.64 ? 70  LEU A CA  1 
ATOM   467 C C   . LEU A 1 70 ? -4.004  -2.145  -11.083 1.00 17.47 ? 70  LEU A C   1 
ATOM   468 O O   . LEU A 1 70 ? -3.845  -1.295  -11.964 1.00 17.87 ? 70  LEU A O   1 
ATOM   469 C CB  . LEU A 1 70 ? -3.932  -1.512  -8.647  1.00 16.17 ? 70  LEU A CB  1 
ATOM   470 C CG  . LEU A 1 70 ? -4.686  -0.808  -7.521  1.00 16.37 ? 70  LEU A CG  1 
ATOM   471 C CD1 . LEU A 1 70 ? -3.777  -0.649  -6.316  1.00 16.81 ? 70  LEU A CD1 1 
ATOM   472 C CD2 . LEU A 1 70 ? -5.225  0.543   -7.962  1.00 18.71 ? 70  LEU A CD2 1 
ATOM   473 N N   . LYS A 1 71 ? -3.485  -3.366  -11.158 1.00 18.61 ? 71  LYS A N   1 
ATOM   474 C CA  . LYS A 1 71 ? -2.709  -3.783  -12.317 1.00 19.58 ? 71  LYS A CA  1 
ATOM   475 C C   . LYS A 1 71 ? -3.528  -3.686  -13.610 1.00 21.10 ? 71  LYS A C   1 
ATOM   476 O O   . LYS A 1 71 ? -3.008  -3.266  -14.647 1.00 24.17 ? 71  LYS A O   1 
ATOM   477 C CB  . LYS A 1 71 ? -2.175  -5.202  -12.122 1.00 21.08 ? 71  LYS A CB  1 
ATOM   478 C CG  . LYS A 1 71 ? -1.357  -5.720  -13.298 1.00 22.37 ? 71  LYS A CG  1 
ATOM   479 C CD  . LYS A 1 71 ? -0.821  -7.105  -12.996 1.00 25.16 ? 71  LYS A CD  1 
ATOM   480 C CE  . LYS A 1 71 ? -0.059  -7.659  -14.182 1.00 31.17 ? 71  LYS A CE  1 
ATOM   481 N NZ  . LYS A 1 71 ? 0.438   -9.038  -13.912 1.00 36.60 ? 71  LYS A NZ  1 
ATOM   482 N N   . GLU A 1 72 ? -4.806  -4.060  -13.550 1.00 21.34 ? 72  GLU A N   1 
ATOM   483 C CA  . GLU A 1 72 ? -5.694  -3.942  -14.713 1.00 23.21 ? 72  GLU A CA  1 
ATOM   484 C C   . GLU A 1 72 ? -5.792  -2.504  -15.208 1.00 22.64 ? 72  GLU A C   1 
ATOM   485 O O   . GLU A 1 72 ? -5.985  -2.265  -16.399 1.00 24.36 ? 72  GLU A O   1 
ATOM   486 C CB  . GLU A 1 72 ? -7.106  -4.428  -14.379 1.00 25.29 ? 72  GLU A CB  1 
ATOM   487 C CG  . GLU A 1 72 ? -7.266  -5.919  -14.223 1.00 31.06 ? 72  GLU A CG  1 
ATOM   488 C CD  . GLU A 1 72 ? -8.726  -6.331  -14.198 1.00 53.14 ? 72  GLU A CD  1 
ATOM   489 O OE1 . GLU A 1 72 ? -9.472  -5.838  -13.323 1.00 39.90 ? 72  GLU A OE1 1 
ATOM   490 O OE2 . GLU A 1 72 ? -9.130  -7.135  -15.065 1.00 52.71 ? 72  GLU A OE2 1 
ATOM   491 N N   . LYS A 1 73 ? -5.682  -1.557  -14.283 1.00 22.26 ? 73  LYS A N   1 
ATOM   492 C CA  . LYS A 1 73 ? -5.783  -0.131  -14.581 1.00 24.79 ? 73  LYS A CA  1 
ATOM   493 C C   . LYS A 1 73 ? -4.449  0.483   -14.976 1.00 24.03 ? 73  LYS A C   1 
ATOM   494 O O   . LYS A 1 73 ? -4.393  1.653   -15.345 1.00 30.39 ? 73  LYS A O   1 
ATOM   495 C CB  . LYS A 1 73 ? -6.267  0.632   -13.348 1.00 37.26 ? 73  LYS A CB  1 
ATOM   496 C CG  . LYS A 1 73 ? -7.565  0.160   -12.757 1.00 44.12 ? 73  LYS A CG  1 
ATOM   497 C CD  . LYS A 1 73 ? -7.861  0.931   -11.485 1.00 30.80 ? 73  LYS A CD  1 
ATOM   498 C CE  . LYS A 1 73 ? -9.204  0.548   -10.915 1.00 34.08 ? 73  LYS A CE  1 
ATOM   499 N NZ  . LYS A 1 73 ? -10.287 1.041   -11.802 1.00 32.64 ? 73  LYS A NZ  1 
ATOM   500 N N   . GLY A 1 74 ? -3.375  -0.284  -14.875 1.00 22.26 ? 74  GLY A N   1 
ATOM   501 C CA  . GLY A 1 74 ? -2.058  0.234   -15.189 1.00 25.76 ? 74  GLY A CA  1 
ATOM   502 C C   . GLY A 1 74 ? -1.272  0.727   -13.984 1.00 27.07 ? 74  GLY A C   1 
ATOM   503 O O   . GLY A 1 74 ? -0.306  1.474   -14.147 1.00 29.79 ? 74  GLY A O   1 
ATOM   504 N N   . VAL A 1 75 ? -1.676  0.319   -12.779 1.00 18.40 ? 75  VAL A N   1 
ATOM   505 C CA  . VAL A 1 75 ? -0.950  0.679   -11.564 1.00 20.16 ? 75  VAL A CA  1 
ATOM   506 C C   . VAL A 1 75 ? -0.309  -0.566  -10.961 1.00 20.69 ? 75  VAL A C   1 
ATOM   507 O O   . VAL A 1 75 ? -1.003  -1.487  -10.543 1.00 20.36 ? 75  VAL A O   1 
ATOM   508 C CB  . VAL A 1 75 ? -1.873  1.336   -10.521 1.00 17.12 ? 75  VAL A CB  1 
ATOM   509 C CG1 . VAL A 1 75 ? -1.107  1.642   -9.238  1.00 18.98 ? 75  VAL A CG1 1 
ATOM   510 C CG2 . VAL A 1 75 ? -2.466  2.613   -11.077 1.00 21.81 ? 75  VAL A CG2 1 
ATOM   511 N N   . THR A 1 76 ? 1.021   -0.597  -10.946 1.00 22.28 ? 76  THR A N   1 
ATOM   512 C CA  . THR A 1 76 ? 1.762   -1.689  -10.323 1.00 20.85 ? 76  THR A CA  1 
ATOM   513 C C   . THR A 1 76 ? 2.750   -1.105  -9.327  1.00 20.72 ? 76  THR A C   1 
ATOM   514 O O   . THR A 1 76 ? 3.225   0.017   -9.502  1.00 22.10 ? 76  THR A O   1 
ATOM   515 C CB  . THR A 1 76 ? 2.523   -2.529  -11.364 1.00 24.02 ? 76  THR A CB  1 
ATOM   516 O OG1 . THR A 1 76 ? 3.348   -1.669  -12.158 1.00 30.55 ? 76  THR A OG1 1 
ATOM   517 C CG2 . THR A 1 76 ? 1.548   -3.274  -12.276 1.00 24.64 ? 76  THR A CG2 1 
ATOM   518 N N   . CYS A 1 77 ? 3.052   -1.862  -8.280  1.00 20.64 ? 77  CYS A N   1 
ATOM   519 C CA  . CYS A 1 77 ? 3.851   -1.329  -7.186  1.00 23.02 ? 77  CYS A CA  1 
ATOM   520 C C   . CYS A 1 77 ? 5.338   -1.311  -7.518  1.00 26.45 ? 77  CYS A C   1 
ATOM   521 O O   . CYS A 1 77 ? 5.851   -2.224  -8.165  1.00 29.25 ? 77  CYS A O   1 
ATOM   522 C CB  . CYS A 1 77 ? 3.578   -2.112  -5.900  1.00 24.26 ? 77  CYS A CB  1 
ATOM   523 S SG  . CYS A 1 77 ? 1.817   -2.193  -5.474  1.00 22.74 ? 77  CYS A SG  1 
ATOM   524 N N   . ARG A 1 78 ? 6.018   -0.254  -7.084  1.00 24.01 ? 78  ARG A N   1 
ATOM   525 C CA  . ARG A 1 78 ? 7.456   -0.119  -7.276  1.00 27.04 ? 78  ARG A CA  1 
ATOM   526 C C   . ARG A 1 78 ? 8.198   -0.753  -6.111  1.00 37.62 ? 78  ARG A C   1 
ATOM   527 O O   . ARG A 1 78 ? 7.695   -0.774  -4.990  1.00 30.66 ? 78  ARG A O   1 
ATOM   528 C CB  . ARG A 1 78 ? 7.837   1.358   -7.394  1.00 30.89 ? 78  ARG A CB  1 
ATOM   529 C CG  . ARG A 1 78 ? 7.253   2.057   -8.613  1.00 52.44 ? 78  ARG A CG  1 
ATOM   530 C CD  . ARG A 1 78 ? 7.943   1.611   -9.890  1.00 53.05 ? 78  ARG A CD  1 
ATOM   531 N NE  . ARG A 1 78 ? 9.378   1.882   -9.847  1.00 56.81 ? 78  ARG A NE  1 
ATOM   532 C CZ  . ARG A 1 78 ? 9.937   3.019   -10.248 1.00 58.89 ? 78  ARG A CZ  1 
ATOM   533 N NH1 . ARG A 1 78 ? 9.185   3.999   -10.730 1.00 56.51 ? 78  ARG A NH1 1 
ATOM   534 N NH2 . ARG A 1 78 ? 11.252  3.175   -10.170 1.00 57.97 ? 78  ARG A NH2 1 
HETATM 535 O O   . HOH B 2 .  ? -0.494  -9.401  10.235  1.00 16.87 ? 101 HOH A O   1 
HETATM 536 O O   . HOH B 2 .  ? -3.831  -10.756 -0.135  1.00 17.45 ? 102 HOH A O   1 
HETATM 537 O O   . HOH B 2 .  ? 7.633   1.325   6.462   1.00 20.04 ? 103 HOH A O   1 
HETATM 538 O O   . HOH B 2 .  ? -7.333  -10.820 -2.246  1.00 19.66 ? 104 HOH A O   1 
HETATM 539 O O   . HOH B 2 .  ? 2.698   2.553   -8.555  1.00 19.89 ? 105 HOH A O   1 
HETATM 540 O O   . HOH B 2 .  ? 3.895   -11.123 8.980   1.00 23.26 ? 106 HOH A O   1 
HETATM 541 O O   . HOH B 2 .  ? 11.825  -5.679  14.717  1.00 21.21 ? 107 HOH A O   1 
HETATM 542 O O   . HOH B 2 .  ? -0.571  2.606   7.645   1.00 20.03 ? 108 HOH A O   1 
HETATM 543 O O   . HOH B 2 .  ? 0.437   11.444  2.188   0.90 18.26 ? 109 HOH A O   1 
HETATM 544 O O   . HOH B 2 .  ? 4.586   -5.702  8.663   1.00 22.14 ? 110 HOH A O   1 
HETATM 545 O O   . HOH B 2 .  ? -0.864  -3.634  -8.822  1.00 22.73 ? 111 HOH A O   1 
HETATM 546 O O   . HOH B 2 .  ? -7.076  6.152   1.368   1.00 24.69 ? 112 HOH A O   1 
HETATM 547 O O   . HOH B 2 .  ? -7.439  -9.119  6.173   1.00 23.10 ? 113 HOH A O   1 
HETATM 548 O O   . HOH B 2 .  ? -6.862  -0.109  9.160   1.00 23.54 ? 114 HOH A O   1 
HETATM 549 O O   . HOH B 2 .  ? 0.821   12.453  -8.080  1.00 24.89 ? 115 HOH A O   1 
HETATM 550 O O   . HOH B 2 .  ? 8.576   -0.137  12.943  0.80 23.73 ? 116 HOH A O   1 
HETATM 551 O O   . HOH B 2 .  ? -8.244  1.971   5.188   1.00 27.54 ? 117 HOH A O   1 
HETATM 552 O O   . HOH B 2 .  ? -6.744  3.737   -9.458  1.00 24.39 ? 118 HOH A O   1 
HETATM 553 O O   . HOH B 2 .  ? 11.332  -6.675  4.031   1.00 27.78 ? 119 HOH A O   1 
HETATM 554 O O   . HOH B 2 .  ? 2.900   -7.721  8.269   1.00 23.33 ? 120 HOH A O   1 
HETATM 555 O O   . HOH B 2 .  ? 3.594   5.227   11.324  1.00 26.27 ? 121 HOH A O   1 
HETATM 556 O O   . HOH B 2 .  ? 10.429  -2.153  12.497  0.98 23.66 ? 122 HOH A O   1 
HETATM 557 O O   . HOH B 2 .  ? 10.315  0.760   5.158   0.76 27.11 ? 123 HOH A O   1 
HETATM 558 O O   . HOH B 2 .  ? 3.133   -13.833 6.752   0.95 36.53 ? 124 HOH A O   1 
HETATM 559 O O   . HOH B 2 .  ? 7.427   -4.962  1.040   0.92 28.95 ? 125 HOH A O   1 
HETATM 560 O O   . HOH B 2 .  ? -11.297 7.969   -4.834  1.00 33.96 ? 126 HOH A O   1 
HETATM 561 O O   . HOH B 2 .  ? -4.462  8.152   5.106   0.78 27.16 ? 127 HOH A O   1 
HETATM 562 O O   . HOH B 2 .  ? -7.138  -10.135 -16.257 1.00 32.49 ? 128 HOH A O   1 
HETATM 563 O O   . HOH B 2 .  ? 1.293   9.271   -10.015 1.00 37.84 ? 129 HOH A O   1 
HETATM 564 O O   . HOH B 2 .  ? -9.644  -2.368  -12.544 1.00 37.55 ? 130 HOH A O   1 
HETATM 565 O O   . HOH B 2 .  ? -0.898  10.735  4.348   0.74 26.97 ? 131 HOH A O   1 
HETATM 566 O O   . HOH B 2 .  ? -2.051  6.170   -11.506 1.00 28.72 ? 132 HOH A O   1 
HETATM 567 O O   . HOH B 2 .  ? -11.312 4.412   2.987   0.98 32.98 ? 133 HOH A O   1 
HETATM 568 O O   . HOH B 2 .  ? 4.798   9.085   -3.274  1.00 26.64 ? 134 HOH A O   1 
HETATM 569 O O   . HOH B 2 .  ? -12.013 -5.577  2.377   0.80 25.23 ? 135 HOH A O   1 
HETATM 570 O O   . HOH B 2 .  ? 0.048   -1.753  13.322  0.98 29.85 ? 136 HOH A O   1 
HETATM 571 O O   . HOH B 2 .  ? -7.576  2.427   7.788   0.97 30.51 ? 137 HOH A O   1 
HETATM 572 O O   . HOH B 2 .  ? -6.941  3.132   -16.134 0.93 32.10 ? 138 HOH A O   1 
HETATM 573 O O   . HOH B 2 .  ? -5.478  -12.701 5.789   0.72 24.83 ? 139 HOH A O   1 
HETATM 574 O O   . HOH B 2 .  ? 2.328   1.678   -12.240 1.00 33.81 ? 140 HOH A O   1 
HETATM 575 O O   . HOH B 2 .  ? 1.465   4.179   -10.487 0.91 25.30 ? 141 HOH A O   1 
HETATM 576 O O   . HOH B 2 .  ? -11.250 -4.401  4.793   0.97 23.52 ? 142 HOH A O   1 
HETATM 577 O O   . HOH B 2 .  ? -4.442  12.520  -7.628  0.70 25.05 ? 143 HOH A O   1 
HETATM 578 O O   . HOH B 2 .  ? -1.197  5.002   -13.700 1.00 37.78 ? 144 HOH A O   1 
HETATM 579 O O   . HOH B 2 .  ? -7.090  14.729  -5.957  1.00 32.37 ? 145 HOH A O   1 
HETATM 580 O O   . HOH B 2 .  ? -5.864  -0.214  -18.219 1.00 43.52 ? 146 HOH A O   1 
HETATM 581 O O   . HOH B 2 .  ? -5.535  -3.228  12.585  0.38 18.69 ? 147 HOH A O   1 
HETATM 582 O O   . HOH B 2 .  ? 0.014   -13.588 4.374   0.73 27.80 ? 148 HOH A O   1 
HETATM 583 O O   . HOH B 2 .  ? 1.175   6.307   10.221  0.82 24.30 ? 149 HOH A O   1 
HETATM 584 O O   . HOH B 2 .  ? -6.166  -14.589 3.962   0.71 30.23 ? 150 HOH A O   1 
HETATM 585 O O   . HOH B 2 .  ? -1.823  6.768   7.239   1.00 38.20 ? 151 HOH A O   1 
HETATM 586 O O   . HOH B 2 .  ? -4.999  3.625   8.086   1.00 30.04 ? 152 HOH A O   1 
HETATM 587 O O   . HOH B 2 .  ? 1.887   -4.302  -8.319  0.72 27.92 ? 153 HOH A O   1 
HETATM 588 O O   . HOH B 2 .  ? -0.957  4.935   8.972   0.74 23.52 ? 154 HOH A O   1 
HETATM 589 O O   . HOH B 2 .  ? 1.512   -9.502  -16.362 1.00 44.09 ? 155 HOH A O   1 
HETATM 590 O O   . HOH B 2 .  ? -9.861  -6.207  -2.649  0.46 22.38 ? 156 HOH A O   1 
HETATM 591 O O   . HOH B 2 .  ? 3.236   5.972   14.016  0.83 35.69 ? 157 HOH A O   1 
HETATM 592 O O   . HOH B 2 .  ? -10.804 -10.592 1.719   0.54 28.90 ? 158 HOH A O   1 
HETATM 593 O O   . HOH B 2 .  ? -10.157 -10.896 -2.468  0.72 28.64 ? 159 HOH A O   1 
HETATM 594 O O   . HOH B 2 .  ? -8.131  -13.743 0.342   0.50 28.00 ? 160 HOH A O   1 
HETATM 595 O O   . HOH B 2 .  ? -9.087  15.129  -2.974  1.00 40.67 ? 161 HOH A O   1 
HETATM 596 O O   . HOH B 2 .  ? 5.301   -6.462  -0.283  0.71 30.88 ? 162 HOH A O   1 
HETATM 597 O O   . HOH B 2 .  ? -9.457  10.110  -2.615  0.62 30.71 ? 163 HOH A O   1 
HETATM 598 O O   . HOH B 2 .  ? -4.210  1.083   11.467  0.82 38.15 ? 164 HOH A O   1 
HETATM 599 O O   . HOH B 2 .  ? 14.720  2.541   8.219   0.65 28.76 ? 165 HOH A O   1 
HETATM 600 O O   . HOH B 2 .  ? -11.821 -8.221  3.860   0.63 35.47 ? 166 HOH A O   1 
HETATM 601 O O   . HOH B 2 .  ? -9.161  -4.623  9.563   0.54 30.24 ? 167 HOH A O   1 
HETATM 602 O O   . HOH B 2 .  ? -5.374  -4.070  -18.421 0.72 38.68 ? 168 HOH A O   1 
HETATM 603 O O   . HOH B 2 .  ? -7.402  -11.551 7.546   0.88 26.75 ? 169 HOH A O   1 
HETATM 604 O O   . HOH B 2 .  ? 4.919   -13.669 8.809   0.88 27.43 ? 170 HOH A O   1 
HETATM 605 O O   . HOH B 2 .  ? -15.275 -3.222  3.835   0.68 31.90 ? 171 HOH A O   1 
HETATM 606 O O   . HOH B 2 .  ? -5.930  4.215   -12.009 0.52 23.91 ? 172 HOH A O   1 
HETATM 607 O O   . HOH B 2 .  ? -4.836  6.384   7.754   0.51 28.14 ? 173 HOH A O   1 
HETATM 608 O O   . HOH B 2 .  ? 10.830  -8.803  6.052   0.52 30.88 ? 174 HOH A O   1 
HETATM 609 O O   . HOH B 2 .  ? 4.872   3.810   -7.457  0.55 21.87 ? 175 HOH A O   1 
HETATM 610 O O   . HOH B 2 .  ? 1.460   -16.062 4.416   1.00 43.33 ? 176 HOH A O   1 
HETATM 611 O O   . HOH B 2 .  ? -14.098 -7.570  5.206   0.49 32.64 ? 177 HOH A O   1 
HETATM 612 O O   . HOH B 2 .  ? -14.761 -5.476  2.790   1.00 46.72 ? 178 HOH A O   1 
HETATM 613 O O   . HOH B 2 .  ? -11.872 -7.358  -3.705  0.65 40.18 ? 179 HOH A O   1 
HETATM 614 O O   . HOH B 2 .  ? -13.273 -2.629  5.741   0.57 29.58 ? 180 HOH A O   1 
HETATM 615 O O   . HOH B 2 .  ? 8.281   6.672   11.880  0.52 25.72 ? 181 HOH A O   1 
HETATM 616 O O   . HOH B 2 .  ? -11.282 -9.388  -0.879  0.50 29.65 ? 182 HOH A O   1 
HETATM 617 O O   . HOH B 2 .  ? 13.883  -6.154  4.783   0.79 38.01 ? 183 HOH A O   1 
HETATM 618 O O   . HOH B 2 .  ? -5.392  10.332  -9.179  1.00 41.17 ? 184 HOH A O   1 
HETATM 619 O O   . HOH B 2 .  ? 0.174   -6.415  -9.168  0.54 33.21 ? 185 HOH A O   1 
HETATM 620 O O   . HOH B 2 .  ? -4.800  -6.813  -17.293 0.88 42.66 ? 186 HOH A O   1 
HETATM 621 O O   . HOH B 2 .  ? -4.373  -7.577  -13.476 0.43 23.77 ? 187 HOH A O   1 
HETATM 622 O O   . HOH B 2 .  ? 13.199  2.172   5.821   0.45 29.94 ? 188 HOH A O   1 
HETATM 623 O O   . HOH B 2 .  ? 2.189   -0.828  -14.427 0.78 40.21 ? 189 HOH A O   1 
HETATM 624 O O   . HOH B 2 .  ? -1.905  5.578   13.738  1.00 47.84 ? 190 HOH A O   1 
HETATM 625 O O   . HOH B 2 .  ? 3.161   -8.011  0.354   1.00 28.90 ? 191 HOH A O   1 
HETATM 626 O O   . HOH B 2 .  ? -9.958  -6.082  6.595   0.90 33.73 ? 192 HOH A O   1 
HETATM 627 O O   . HOH B 2 .  ? 0.819   9.193   6.123   1.00 45.13 ? 193 HOH A O   1 
HETATM 628 O O   . HOH B 2 .  ? -4.652  15.835  -2.098  0.48 33.29 ? 194 HOH A O   1 
HETATM 629 O O   . HOH B 2 .  ? 10.527  -5.118  -2.943  0.82 39.80 ? 195 HOH A O   1 
HETATM 630 O O   . HOH B 2 .  ? -6.294  6.833   -9.059  0.73 36.74 ? 196 HOH A O   1 
HETATM 631 O O   . HOH B 2 .  ? -10.721 -8.788  -14.673 0.47 26.59 ? 197 HOH A O   1 
HETATM 632 O O   . HOH B 2 .  ? 18.559  -5.637  12.723  1.00 50.55 ? 198 HOH A O   1 
HETATM 633 O O   . HOH B 2 .  ? 5.689   -3.855  -10.098 0.36 31.79 ? 199 HOH A O   1 
HETATM 634 O O   . HOH B 2 .  ? -5.091  15.891  0.641   1.00 42.99 ? 200 HOH A O   1 
HETATM 635 O O   . HOH B 2 .  ? -12.796 -9.536  -13.005 0.54 37.19 ? 201 HOH A O   1 
HETATM 636 O O   . HOH B 2 .  ? 3.662   4.822   16.374  1.00 44.70 ? 202 HOH A O   1 
HETATM 637 O O   . HOH B 2 .  ? 13.886  -2.175  -1.003  1.00 51.97 ? 203 HOH A O   1 
HETATM 638 O O   . HOH B 2 .  ? -9.790  5.465   1.431   1.00 30.84 ? 204 HOH A O   1 
HETATM 639 O O   . HOH B 2 .  ? -1.626  -1.992  -18.295 1.00 52.14 ? 205 HOH A O   1 
HETATM 640 O O   . HOH B 2 .  ? -2.914  -2.326  12.631  1.00 41.03 ? 206 HOH A O   1 
HETATM 641 O O   . HOH B 2 .  ? 15.128  -3.727  0.438   1.00 57.76 ? 207 HOH A O   1 
HETATM 642 O O   . HOH B 2 .  ? -4.073  5.444   0.637   0.78 23.17 ? 208 HOH A O   1 
HETATM 643 O O   . HOH B 2 .  ? -13.317 -0.907  3.060   0.69 39.76 ? 209 HOH A O   1 
HETATM 644 O O   . HOH B 2 .  ? -9.977  -13.965 -1.984  0.66 31.41 ? 210 HOH A O   1 
HETATM 645 O O   . HOH B 2 .  ? -9.439  9.046   -8.795  1.00 41.30 ? 211 HOH A O   1 
HETATM 646 O O   . HOH B 2 .  ? -3.946  10.836  5.761   0.68 41.99 ? 212 HOH A O   1 
HETATM 647 O O   . HOH B 2 .  ? -4.562  3.386   10.630  0.32 26.45 ? 213 HOH A O   1 
# 
loop_
_atom_site_anisotrop.id 
_atom_site_anisotrop.type_symbol 
_atom_site_anisotrop.pdbx_label_atom_id 
_atom_site_anisotrop.pdbx_label_alt_id 
_atom_site_anisotrop.pdbx_label_comp_id 
_atom_site_anisotrop.pdbx_label_asym_id 
_atom_site_anisotrop.pdbx_label_seq_id 
_atom_site_anisotrop.pdbx_PDB_ins_code 
_atom_site_anisotrop.U[1][1] 
_atom_site_anisotrop.U[2][2] 
_atom_site_anisotrop.U[3][3] 
_atom_site_anisotrop.U[1][2] 
_atom_site_anisotrop.U[1][3] 
_atom_site_anisotrop.U[2][3] 
_atom_site_anisotrop.pdbx_auth_seq_id 
_atom_site_anisotrop.pdbx_auth_comp_id 
_atom_site_anisotrop.pdbx_auth_asym_id 
_atom_site_anisotrop.pdbx_auth_atom_id 
1   N N   . PRO A 12 ? 0.5039 0.5843 0.3846 -0.2199 -0.0619 0.0661  12  PRO A N   
2   C CA  . PRO A 12 ? 0.5221 0.5731 0.4385 -0.1855 -0.1012 0.0924  12  PRO A CA  
3   C C   . PRO A 12 ? 0.3774 0.4091 0.3412 -0.1421 -0.0955 0.0675  12  PRO A C   
4   O O   . PRO A 12 ? 0.4172 0.4516 0.3913 -0.1251 -0.0754 0.0403  12  PRO A O   
5   C CB  . PRO A 12 ? 0.5126 0.5549 0.4200 -0.1722 -0.1248 0.1080  12  PRO A CB  
6   C CG  . PRO A 12 ? 0.6689 0.7275 0.5469 -0.1780 -0.0955 0.0796  12  PRO A CG  
7   C CD  . PRO A 12 ? 0.6421 0.7290 0.4916 -0.2226 -0.0606 0.0611  12  PRO A CD  
8   N N   . GLY A 13 ? 0.3665 0.3800 0.3619 -0.1288 -0.1169 0.0802  13  GLY A N   
9   C CA  . GLY A 13 ? 0.3798 0.3773 0.4124 -0.0982 -0.1175 0.0615  13  GLY A CA  
10  C C   . GLY A 13 ? 0.4025 0.3813 0.4393 -0.0656 -0.1337 0.0539  13  GLY A C   
11  O O   . GLY A 13 ? 0.6947 0.6546 0.7529 -0.0504 -0.1529 0.0534  13  GLY A O   
12  N N   . VAL A 14 ? 0.3236 0.3102 0.3407 -0.0585 -0.1229 0.0443  14  VAL A N   
13  C CA  . VAL A 14 ? 0.3007 0.2755 0.3162 -0.0334 -0.1325 0.0359  14  VAL A CA  
14  C C   . VAL A 14 ? 0.2925 0.2744 0.3101 -0.0221 -0.1206 0.0198  14  VAL A C   
15  O O   . VAL A 14 ? 0.3651 0.3613 0.3958 -0.0314 -0.1028 0.0141  14  VAL A O   
16  C CB  . VAL A 14 ? 0.3116 0.2892 0.3113 -0.0351 -0.1367 0.0461  14  VAL A CB  
17  C CG1 . VAL A 14 ? 0.3714 0.3440 0.3847 -0.0517 -0.1575 0.0735  14  VAL A CG1 
18  C CG2 . VAL A 14 ? 0.3414 0.3396 0.3148 -0.0492 -0.1163 0.0421  14  VAL A CG2 
19  N N   . CYS A 15 ? 0.2846 0.2592 0.2968 -0.0059 -0.1298 0.0123  15  CYS A N   
20  C CA  . CYS A 15 ? 0.2678 0.2505 0.2848 -0.0008 -0.1284 0.0075  15  CYS A CA  
21  C C   . CYS A 15 ? 0.2861 0.2698 0.2781 0.0089  -0.1306 0.0015  15  CYS A C   
22  O O   . CYS A 15 ? 0.3327 0.3079 0.3111 0.0108  -0.1391 -0.0083 15  CYS A O   
23  C CB  . CYS A 15 ? 0.2809 0.2575 0.3165 -0.0047 -0.1437 0.0093  15  CYS A CB  
24  S SG  . CYS A 15 ? 0.2803 0.2686 0.3277 -0.0078 -0.1575 0.0180  15  CYS A SG  
25  N N   . PHE A 16 ? 0.2567 0.2526 0.2449 0.0121  -0.1197 0.0034  16  PHE A N   
26  C CA  . PHE A 16 ? 0.2569 0.2565 0.2239 0.0198  -0.1186 -0.0013 16  PHE A CA  
27  C C   . PHE A 16 ? 0.2734 0.2850 0.2355 0.0156  -0.1260 0.0039  16  PHE A C   
28  O O   . PHE A 16 ? 0.2740 0.2953 0.2662 0.0111  -0.1299 0.0165  16  PHE A O   
29  C CB  . PHE A 16 ? 0.2573 0.2635 0.2226 0.0236  -0.1071 0.0015  16  PHE A CB  
30  C CG  . PHE A 16 ? 0.2512 0.2472 0.2164 0.0228  -0.1099 0.0044  16  PHE A CG  
31  C CD1 . PHE A 16 ? 0.2754 0.2697 0.2444 0.0090  -0.1121 0.0141  16  PHE A CD1 
32  C CD2 . PHE A 16 ? 0.2574 0.2480 0.2278 0.0320  -0.1115 -0.0002 16  PHE A CD2 
33  C CE1 . PHE A 16 ? 0.2754 0.2629 0.2512 0.0020  -0.1236 0.0281  16  PHE A CE1 
34  C CE2 . PHE A 16 ? 0.2662 0.2474 0.2600 0.0298  -0.1210 0.0100  16  PHE A CE2 
35  C CZ  . PHE A 16 ? 0.2985 0.2781 0.2938 0.0136  -0.1311 0.0286  16  PHE A CZ  
36  N N   . LYS A 17 ? 0.2941 0.3073 0.2250 0.0125  -0.1282 -0.0056 17  LYS A N   
37  C CA  . LYS A 17 ? 0.3056 0.3357 0.2178 -0.0018 -0.1387 0.0049  17  LYS A CA  
38  C C   . LYS A 17 ? 0.3177 0.3603 0.2087 0.0008  -0.1254 0.0000  17  LYS A C   
39  O O   . LYS A 17 ? 0.3549 0.4161 0.2231 -0.0155 -0.1325 0.0110  17  LYS A O   
40  C CB  . LYS A 17 ? 0.3673 0.3957 0.2472 -0.0216 -0.1515 -0.0044 17  LYS A CB  
41  C CG  . LYS A 17 ? 0.4209 0.4377 0.3268 -0.0255 -0.1683 0.0041  17  LYS A CG  
42  C CD  . LYS A 17 ? 0.5172 0.5337 0.3913 -0.0475 -0.1783 -0.0072 17  LYS A CD  
43  C CE  . LYS A 17 ? 0.6473 0.6522 0.5559 -0.0495 -0.1927 0.0041  17  LYS A CE  
44  N NZ  . LYS A 17 ? 0.7620 0.7684 0.6409 -0.0733 -0.2038 -0.0043 17  LYS A NZ  
45  N N   . VAL A 18 ? 0.2888 0.3232 0.1902 0.0176  -0.1089 -0.0123 18  VAL A N   
46  C CA  . VAL A 18 ? 0.3074 0.3528 0.2027 0.0231  -0.0954 -0.0155 18  VAL A CA  
47  C C   . VAL A 18 ? 0.2742 0.3161 0.1971 0.0374  -0.0906 -0.0062 18  VAL A C   
48  O O   . VAL A 18 ? 0.2969 0.3257 0.2343 0.0414  -0.0921 -0.0066 18  VAL A O   
49  C CB  . VAL A 18 ? 0.5504 0.5917 0.4366 0.0233  -0.0786 -0.0455 18  VAL A CB  
50  C CG1 . VAL A 18 ? 0.5386 0.5891 0.3846 -0.0006 -0.0776 -0.0634 18  VAL A CG1 
51  C CG2 . VAL A 18 ? 0.4343 0.4536 0.3566 0.0359  -0.0780 -0.0558 18  VAL A CG2 
52  N N   . LEU A 19 ? 0.2399 0.2960 0.1673 0.0396  -0.0867 0.0039  19  LEU A N   
53  C CA  . LEU A 19 ? 0.2348 0.2907 0.1831 0.0474  -0.0822 0.0097  19  LEU A CA  
54  C C   . LEU A 19 ? 0.2187 0.2725 0.1696 0.0557  -0.0744 0.0043  19  LEU A C   
55  O O   . LEU A 19 ? 0.2463 0.3082 0.1909 0.0570  -0.0660 -0.0031 19  LEU A O   
56  C CB  . LEU A 19 ? 0.2237 0.2954 0.1925 0.0450  -0.0837 0.0233  19  LEU A CB  
57  C CG  . LEU A 19 ? 0.2030 0.2783 0.2014 0.0370  -0.0929 0.0322  19  LEU A CG  
58  C CD1 . LEU A 19 ? 0.2034 0.2950 0.2466 0.0351  -0.0967 0.0475  19  LEU A CD1 
59  C CD2 . LEU A 19 ? 0.1988 0.2635 0.2120 0.0349  -0.0856 0.0203  19  LEU A CD2 
60  N N   . THR A 20 ? 0.2112 0.2570 0.1745 0.0566  -0.0776 0.0090  20  THR A N   
61  C CA  . THR A 20 ? 0.2123 0.2577 0.1936 0.0623  -0.0770 0.0129  20  THR A CA  
62  C C   . THR A 20 ? 0.1958 0.2547 0.1783 0.0619  -0.0740 0.0209  20  THR A C   
63  O O   . THR A 20 ? 0.2070 0.2698 0.1850 0.0530  -0.0747 0.0229  20  THR A O   
64  C CB  . THR A 20 ? 0.2183 0.2518 0.2135 0.0548  -0.0913 0.0247  20  THR A CB  
65  O OG1 . THR A 20 ? 0.2428 0.2630 0.2538 0.0568  -0.0954 0.0181  20  THR A OG1 
66  C CG2 . THR A 20 ? 0.2196 0.2541 0.2450 0.0564  -0.0987 0.0379  20  THR A CG2 
67  N N   . THR A 21 ? 0.1993 0.2665 0.1948 0.0700  -0.0675 0.0215  21  THR A N   
68  C CA  . THR A 21 ? 0.1826 0.2626 0.1862 0.0706  -0.0659 0.0300  21  THR A CA  
69  C C   . THR A 21 ? 0.1980 0.2763 0.2242 0.0725  -0.0712 0.0386  21  THR A C   
70  O O   . THR A 21 ? 0.1932 0.2779 0.2234 0.0676  -0.0747 0.0452  21  THR A O   
71  C CB  . THR A 21 ? 0.1807 0.2778 0.1822 0.0730  -0.0571 0.0316  21  THR A CB  
72  O OG1 . THR A 21 ? 0.2192 0.3192 0.2216 0.0764  -0.0448 0.0207  21  THR A OG1 
73  C CG2 . THR A 21 ? 0.2006 0.3022 0.1876 0.0646  -0.0619 0.0340  21  THR A CG2 
74  N N   . LYS A 22 ? 0.1942 0.3438 0.2140 0.0620  -0.0600 0.0733  22  LYS A N   
75  C CA  . LYS A 22 ? 0.1927 0.3620 0.2216 0.0740  -0.0471 0.0708  22  LYS A CA  
76  C C   . LYS A 22 ? 0.1677 0.3147 0.2090 0.0586  -0.0546 0.0589  22  LYS A C   
77  O O   . LYS A 22 ? 0.1985 0.3086 0.2210 0.0537  -0.0699 0.0492  22  LYS A O   
78  C CB  . LYS A 22 ? 0.2564 0.4136 0.2283 0.1114  -0.0429 0.0658  22  LYS A CB  
79  C CG  . LYS A 22 ? 0.4512 0.6238 0.3919 0.1391  -0.0295 0.0799  22  LYS A CG  
80  C CD  . LYS A 22 ? 0.5796 0.7306 0.4528 0.1878  -0.0136 0.0779  22  LYS A CD  
81  C CE  . LYS A 22 ? 0.6888 0.8511 0.5264 0.2212  0.0099  0.0931  22  LYS A CE  
82  N NZ  . LYS A 22 ? 0.8673 0.9669 0.6411 0.2129  -0.0153 0.0750  22  LYS A NZ  
83  N N   . GLU A 23 ? 0.1551 0.3223 0.2263 0.0501  -0.0479 0.0639  23  GLU A N   
84  C CA  . GLU A 23 ? 0.1773 0.3177 0.2480 0.0388  -0.0541 0.0533  23  GLU A CA  
85  C C   . GLU A 23 ? 0.1686 0.2961 0.2134 0.0545  -0.0610 0.0416  23  GLU A C   
86  O O   . GLU A 23 ? 0.1775 0.3299 0.2199 0.0719  -0.0560 0.0478  23  GLU A O   
87  C CB  . GLU A 23 ? 0.1681 0.3154 0.2592 0.0223  -0.0554 0.0608  23  GLU A CB  
88  C CG  . GLU A 23 ? 0.1796 0.2881 0.2512 0.0150  -0.0621 0.0488  23  GLU A CG  
89  C CD  . GLU A 23 ? 0.1984 0.2787 0.2623 -0.0047 -0.0714 0.0519  23  GLU A CD  
90  O OE1 . GLU A 23 ? 0.2060 0.3062 0.2929 -0.0184 -0.0794 0.0674  23  GLU A OE1 
91  O OE2 . GLU A 23 ? 0.2357 0.2660 0.2635 -0.0056 -0.0731 0.0411  23  GLU A OE2 
92  N N   . PRO A 24 ? 0.1815 0.2734 0.2124 0.0510  -0.0706 0.0318  24  PRO A N   
93  C CA  . PRO A 24 ? 0.2273 0.2995 0.2334 0.0648  -0.0790 0.0215  24  PRO A CA  
94  C C   . PRO A 24 ? 0.2122 0.3026 0.2307 0.0656  -0.0745 0.0228  24  PRO A C   
95  O O   . PRO A 24 ? 0.2046 0.2948 0.2378 0.0488  -0.0740 0.0255  24  PRO A O   
96  C CB  . PRO A 24 ? 0.2538 0.2924 0.2618 0.0527  -0.0926 0.0218  24  PRO A CB  
97  C CG  . PRO A 24 ? 0.2647 0.3083 0.2929 0.0390  -0.0924 0.0358  24  PRO A CG  
98  C CD  . PRO A 24 ? 0.1920 0.2649 0.2362 0.0370  -0.0732 0.0390  24  PRO A CD  
99  N N   . LYS A 25 ? 0.1956 0.2937 0.2000 0.0875  -0.0724 0.0232  25  LYS A N   
100 C CA  . LYS A 25 ? 0.1873 0.3115 0.2110 0.0870  -0.0719 0.0328  25  LYS A CA  
101 C C   . LYS A 25 ? 0.1980 0.2920 0.2120 0.0817  -0.0811 0.0221  25  LYS A C   
102 O O   . LYS A 25 ? 0.2133 0.3186 0.2393 0.0706  -0.0864 0.0279  25  LYS A O   
103 C CB  . LYS A 25 ? 0.2296 0.3794 0.2511 0.1149  -0.0561 0.0476  25  LYS A CB  
104 C CG  . LYS A 25 ? 0.2515 0.4388 0.2894 0.1214  -0.0403 0.0676  25  LYS A CG  
105 C CD  . LYS A 25 ? 0.3599 0.5656 0.3822 0.1595  -0.0144 0.0862  25  LYS A CD  
106 C CE  . LYS A 25 ? 0.5474 0.7965 0.5891 0.1664  0.0060  0.1142  25  LYS A CE  
107 N NZ  . LYS A 25 ? 0.6536 0.8819 0.6686 0.1691  0.0032  0.0994  25  LYS A NZ  
108 N N   . ALA A 26 ? 0.2084 0.2622 0.1999 0.0878  -0.0874 0.0105  26  ALA A N   
109 C CA  . ALA A 26 ? 0.2157 0.2454 0.2054 0.0848  -0.0946 0.0077  26  ALA A CA  
110 C C   . ALA A 26 ? 0.1965 0.2234 0.2009 0.0676  -0.0932 0.0130  26  ALA A C   
111 O O   . ALA A 26 ? 0.2140 0.2409 0.2248 0.0574  -0.0872 0.0166  26  ALA A O   
112 C CB  . ALA A 26 ? 0.2849 0.2679 0.2521 0.0882  -0.1081 0.0017  26  ALA A CB  
113 N N   . ASN A 27 ? 0.1768 0.2191 0.1709 0.0349  -0.0753 0.0367  27  ASN A N   
114 C CA  . ASN A 27 ? 0.1764 0.2126 0.1663 0.0280  -0.0830 0.0236  27  ASN A CA  
115 C C   . ASN A 27 ? 0.1916 0.2202 0.1703 0.0299  -0.0803 0.0126  27  ASN A C   
116 O O   . ASN A 27 ? 0.1957 0.2193 0.1662 0.0333  -0.0756 0.0122  27  ASN A O   
117 C CB  . ASN A 27 ? 0.1996 0.2394 0.1854 0.0262  -0.0839 0.0226  27  ASN A CB  
118 C CG  . ASN A 27 ? 0.1991 0.2472 0.1979 0.0224  -0.0900 0.0341  27  ASN A CG  
119 O OD1 . ASN A 27 ? 0.2391 0.2882 0.2520 0.0176  -0.0995 0.0406  27  ASN A OD1 
120 N ND2 . ASN A 27 ? 0.2086 0.2629 0.2056 0.0236  -0.0864 0.0386  27  ASN A ND2 
121 N N   . ILE A 28 ? 0.1779 0.2038 0.1554 0.0283  -0.0855 0.0046  28  ILE A N   
122 C CA  . ILE A 28 ? 0.1773 0.2017 0.1490 0.0302  -0.0832 -0.0019 28  ILE A CA  
123 C C   . ILE A 28 ? 0.1800 0.2118 0.1462 0.0319  -0.0823 -0.0047 28  ILE A C   
124 O O   . ILE A 28 ? 0.1896 0.2212 0.1494 0.0354  -0.0865 -0.0086 28  ILE A O   
125 C CB  . ILE A 28 ? 0.1895 0.2090 0.1631 0.0314  -0.0873 -0.0061 28  ILE A CB  
126 C CG1 . ILE A 28 ? 0.1967 0.2141 0.1786 0.0309  -0.0871 0.0013  28  ILE A CG1 
127 C CG2 . ILE A 28 ? 0.1891 0.2113 0.1596 0.0339  -0.0844 -0.0099 28  ILE A CG2 
128 C CD1 . ILE A 28 ? 0.2182 0.2349 0.1944 0.0352  -0.0801 0.0054  28  ILE A CD1 
129 N N   . LYS A 29 ? 0.1773 0.2150 0.1454 0.0307  -0.0785 -0.0010 29  LYS A N   
130 C CA  . LYS A 29 ? 0.1984 0.2510 0.1664 0.0337  -0.0755 0.0029  29  LYS A CA  
131 C C   . LYS A 29 ? 0.1822 0.2473 0.1531 0.0390  -0.0730 0.0050  29  LYS A C   
132 O O   . LYS A 29 ? 0.2148 0.2956 0.1816 0.0481  -0.0685 0.0088  29  LYS A O   
133 C CB  . LYS A 29 ? 0.2212 0.2780 0.1955 0.0284  -0.0743 0.0120  29  LYS A CB  
134 C CG  . LYS A 29 ? 0.2219 0.2695 0.2029 0.0216  -0.0790 0.0164  29  LYS A CG  
135 C CD  . LYS A 29 ? 0.2481 0.2972 0.2358 0.0164  -0.0815 0.0268  29  LYS A CD  
136 C CE  . LYS A 29 ? 0.2423 0.2707 0.2314 0.0096  -0.0929 0.0296  29  LYS A CE  
137 N NZ  . LYS A 29 ? 0.2517 0.2766 0.2478 0.0036  -0.0988 0.0404  29  LYS A NZ  
138 N N   . ARG A 30 ? 0.1908 0.2511 0.1675 0.0357  -0.0751 0.0043  30  ARG A N   
139 C CA  . ARG A 30 ? 0.1818 0.2563 0.1640 0.0410  -0.0727 0.0086  30  ARG A CA  
140 C C   . ARG A 30 ? 0.1794 0.2409 0.1596 0.0409  -0.0761 0.0010  30  ARG A C   
141 O O   . ARG A 30 ? 0.1851 0.2308 0.1644 0.0347  -0.0800 -0.0027 30  ARG A O   
142 C CB  . ARG A 30 ? 0.2103 0.2998 0.2116 0.0331  -0.0744 0.0241  30  ARG A CB  
143 C CG  . ARG A 30 ? 0.2108 0.3200 0.2207 0.0333  -0.0706 0.0378  30  ARG A CG  
144 C CD  . ARG A 30 ? 0.2240 0.3552 0.2606 0.0259  -0.0740 0.0596  30  ARG A CD  
145 N NE  . ARG A 30 ? 0.2228 0.3320 0.2679 0.0101  -0.0892 0.0603  30  ARG A NE  
146 C CZ  . ARG A 30 ? 0.2381 0.3275 0.2823 0.0005  -0.0986 0.0609  30  ARG A CZ  
147 N NH1 . ARG A 30 ? 0.2646 0.3574 0.3043 0.0030  -0.0927 0.0621  30  ARG A NH1 
148 N NH2 . ARG A 30 ? 0.2549 0.3174 0.2988 -0.0095 -0.1154 0.0593  30  ARG A NH2 
149 N N   . CYS A 31 ? 0.1876 0.2573 0.1661 0.0502  -0.0734 0.0003  31  CYS A N   
150 C CA  . CYS A 31 ? 0.1975 0.2581 0.1773 0.0498  -0.0764 -0.0040 31  CYS A CA  
151 C C   . CYS A 31 ? 0.1873 0.2672 0.1750 0.0572  -0.0725 0.0038  31  CYS A C   
152 O O   . CYS A 31 ? 0.1937 0.2941 0.1810 0.0681  -0.0657 0.0118  31  CYS A O   
153 C CB  . CYS A 31 ? 0.2413 0.2818 0.2095 0.0535  -0.0805 -0.0156 31  CYS A CB  
154 S SG  . CYS A 31 ? 0.2663 0.2996 0.2138 0.0698  -0.0825 -0.0241 31  CYS A SG  
155 N N   . TYR A 32 ? 0.1881 0.2639 0.1824 0.0531  -0.0761 0.0039  32  TYR A N   
156 C CA  . TYR A 32 ? 0.1982 0.2943 0.2044 0.0581  -0.0737 0.0142  32  TYR A CA  
157 C C   . TYR A 32 ? 0.2078 0.2907 0.2094 0.0610  -0.0762 0.0064  32  TYR A C   
158 O O   . TYR A 32 ? 0.2328 0.2961 0.2306 0.0534  -0.0818 -0.0008 32  TYR A O   
159 C CB  . TYR A 32 ? 0.1994 0.3075 0.2271 0.0440  -0.0806 0.0290  32  TYR A CB  
160 C CG  . TYR A 32 ? 0.1852 0.3024 0.2222 0.0365  -0.0822 0.0394  32  TYR A CG  
161 C CD1 . TYR A 32 ? 0.2033 0.2970 0.2312 0.0273  -0.0885 0.0313  32  TYR A CD1 
162 C CD2 . TYR A 32 ? 0.2162 0.3679 0.2727 0.0400  -0.0768 0.0603  32  TYR A CD2 
163 C CE1 . TYR A 32 ? 0.2213 0.3208 0.2579 0.0203  -0.0910 0.0412  32  TYR A CE1 
164 C CE2 . TYR A 32 ? 0.2333 0.3949 0.3021 0.0321  -0.0789 0.0730  32  TYR A CE2 
165 C CZ  . TYR A 32 ? 0.2092 0.3422 0.2674 0.0214  -0.0870 0.0620  32  TYR A CZ  
166 O OH  . TYR A 32 ? 0.3075 0.4477 0.3776 0.0137  -0.0901 0.0747  32  TYR A OH  
167 N N   . ASN A 33 ? 0.1934 0.2892 0.1950 0.0746  -0.0709 0.0100  33  ASN A N   
168 C CA  . ASN A 33 ? 0.2213 0.3089 0.2231 0.0769  -0.0735 0.0064  33  ASN A CA  
169 C C   . ASN A 33 ? 0.1926 0.2981 0.2154 0.0677  -0.0772 0.0201  33  ASN A C   
170 O O   . ASN A 33 ? 0.2458 0.3809 0.2842 0.0726  -0.0730 0.0364  33  ASN A O   
171 C CB  . ASN A 33 ? 0.2541 0.3423 0.2423 0.0984  -0.0677 0.0030  33  ASN A CB  
172 C CG  . ASN A 33 ? 0.3175 0.3799 0.2810 0.1075  -0.0706 -0.0119 33  ASN A CG  
173 O OD1 . ASN A 33 ? 0.3813 0.4166 0.3393 0.1003  -0.0794 -0.0223 33  ASN A OD1 
174 N ND2 . ASN A 33 ? 0.3548 0.4263 0.3035 0.1243  -0.0645 -0.0107 33  ASN A ND2 
175 N N   . LEU A 34 ? 0.1832 0.2721 0.2064 0.0558  -0.0862 0.0158  34  LEU A N   
176 C CA  . LEU A 34 ? 0.1827 0.2806 0.2211 0.0468  -0.0954 0.0266  34  LEU A CA  
177 C C   . LEU A 34 ? 0.1849 0.2833 0.2239 0.0532  -0.0949 0.0259  34  LEU A C   
178 O O   . LEU A 34 ? 0.1884 0.2678 0.2137 0.0578  -0.0931 0.0143  34  LEU A O   
179 C CB  . LEU A 34 ? 0.1874 0.2622 0.2182 0.0342  -0.1081 0.0219  34  LEU A CB  
180 C CG  . LEU A 34 ? 0.1985 0.2668 0.2265 0.0276  -0.1104 0.0217  34  LEU A CG  
181 C CD1 . LEU A 34 ? 0.2322 0.2740 0.2479 0.0189  -0.1228 0.0175  34  LEU A CD1 
182 C CD2 . LEU A 34 ? 0.2713 0.3687 0.3217 0.0247  -0.1085 0.0388  34  LEU A CD2 
183 N N   . PRO A 35 ? 0.1906 0.3136 0.2492 0.0531  -0.0971 0.0414  35  PRO A N   
184 C CA  . PRO A 35 ? 0.1876 0.3151 0.2486 0.0606  -0.0959 0.0429  35  PRO A CA  
185 C C   . PRO A 35 ? 0.1915 0.3021 0.2491 0.0508  -0.1093 0.0397  35  PRO A C   
186 O O   . PRO A 35 ? 0.2147 0.3141 0.2704 0.0379  -0.1207 0.0401  35  PRO A O   
187 C CB  . PRO A 35 ? 0.1986 0.3641 0.2850 0.0644  -0.0921 0.0652  35  PRO A CB  
188 C CG  . PRO A 35 ? 0.2122 0.3820 0.3127 0.0475  -0.0998 0.0750  35  PRO A CG  
189 C CD  . PRO A 35 ? 0.1980 0.3503 0.2820 0.0461  -0.1008 0.0626  35  PRO A CD  
190 N N   . LYS A 36 ? 0.1934 0.2987 0.2453 0.0588  -0.1063 0.0353  36  LYS A N   
191 C CA  . LYS A 36 ? 0.2004 0.2960 0.2489 0.0535  -0.1164 0.0354  36  LYS A CA  
192 C C   . LYS A 36 ? 0.2062 0.3215 0.2734 0.0455  -0.1231 0.0497  36  LYS A C   
193 O O   . LYS A 36 ? 0.2233 0.3638 0.3096 0.0512  -0.1166 0.0618  36  LYS A O   
194 C CB  . LYS A 36 ? 0.2008 0.2920 0.2440 0.0652  -0.1101 0.0310  36  LYS A CB  
195 C CG  . LYS A 36 ? 0.2091 0.2970 0.2502 0.0618  -0.1164 0.0346  36  LYS A CG  
196 C CD  . LYS A 36 ? 0.2203 0.2829 0.2389 0.0572  -0.1213 0.0260  36  LYS A CD  
197 C CE  . LYS A 36 ? 0.2332 0.2922 0.2451 0.0587  -0.1265 0.0286  36  LYS A CE  
198 N NZ  . LYS A 36 ? 0.2540 0.2886 0.2386 0.0610  -0.1299 0.0211  36  LYS A NZ  
199 N N   . THR A 37 ? 0.2153 0.3236 0.2981 0.0452  -0.1343 0.0417  37  THR A N   
200 C CA  . THR A 37 ? 0.2317 0.3695 0.3342 0.0399  -0.1433 0.0436  37  THR A CA  
201 C C   . THR A 37 ? 0.2364 0.3683 0.3194 0.0404  -0.1517 0.0379  37  THR A C   
202 O O   . THR A 37 ? 0.2414 0.3511 0.2989 0.0449  -0.1483 0.0353  37  THR A O   
203 C CB  . THR A 37 ? 0.2691 0.4162 0.3921 0.0202  -0.1500 0.0444  37  THR A CB  
204 O OG1 . THR A 37 ? 0.2797 0.3959 0.3823 0.0106  -0.1587 0.0339  37  THR A OG1 
205 C CG2 . THR A 37 ? 0.3321 0.4835 0.4657 0.0187  -0.1347 0.0512  37  THR A CG2 
206 N N   . ASN A 38 ? 0.2508 0.4072 0.3466 0.0358  -0.1624 0.0367  38  ASN A N   
207 C CA  . ASN A 38 ? 0.2648 0.4192 0.3407 0.0369  -0.1713 0.0311  38  ASN A CA  
208 C C   . ASN A 38 ? 0.3542 0.4795 0.4071 0.0291  -0.1760 0.0193  38  ASN A C   
209 O O   . ASN A 38 ? 0.4788 0.5966 0.5061 0.0356  -0.1770 0.0159  38  ASN A O   
210 C CB  . ASN A 38 ? 0.3563 0.5445 0.4507 0.0327  -0.1840 0.0302  38  ASN A CB  
211 C CG  . ASN A 38 ? 0.5230 0.7407 0.6285 0.0498  -0.1802 0.0398  38  ASN A CG  
212 O OD1 . ASN A 38 ? 0.5591 0.8055 0.6932 0.0504  -0.1842 0.0398  38  ASN A OD1 
213 N ND2 . ASN A 38 ? 0.5015 0.7073 0.5867 0.0625  -0.1735 0.0493  38  ASN A ND2 
214 N N   . ASN A 39 ? 0.2741 0.3842 0.3355 0.0168  -0.1788 0.0144  39  ASN A N   
215 C CA  . ASN A 39 ? 0.3188 0.3984 0.3583 0.0124  -0.1854 0.0013  39  ASN A CA  
216 C C   . ASN A 39 ? 0.2804 0.3365 0.3036 0.0186  -0.1738 0.0008  39  ASN A C   
217 O O   . ASN A 39 ? 0.2998 0.3350 0.2988 0.0228  -0.1761 -0.0100 39  ASN A O   
218 C CB  . ASN A 39 ? 0.3539 0.4246 0.4109 -0.0065 -0.2000 -0.0037 39  ASN A CB  
219 C CG  . ASN A 39 ? 0.4262 0.5145 0.4927 -0.0146 -0.2152 -0.0085 39  ASN A CG  
220 O OD1 . ASN A 39 ? 0.4000 0.5026 0.4520 -0.0038 -0.2169 -0.0118 39  ASN A OD1 
221 N ND2 . ASN A 39 ? 0.4670 0.5557 0.5587 -0.0351 -0.2268 -0.0072 39  ASN A ND2 
222 N N   . CYS A 40 ? 0.2571 0.3186 0.2926 0.0212  -0.1618 0.0115  40  CYS A N   
223 C CA  . CYS A 40 ? 0.2473 0.2897 0.2731 0.0238  -0.1527 0.0113  40  CYS A CA  
224 C C   . CYS A 40 ? 0.2326 0.2785 0.2527 0.0341  -0.1388 0.0189  40  CYS A C   
225 O O   . CYS A 40 ? 0.2275 0.2876 0.2606 0.0383  -0.1356 0.0269  40  CYS A O   
226 C CB  . CYS A 40 ? 0.2410 0.2821 0.2877 0.0126  -0.1500 0.0165  40  CYS A CB  
227 S SG  . CYS A 40 ? 0.2798 0.3173 0.3440 -0.0069 -0.1689 0.0139  40  CYS A SG  
228 N N   . LEU A 41 ? 0.2313 0.2640 0.2329 0.0384  -0.1317 0.0166  41  LEU A N   
229 C CA  . LEU A 41 ? 0.2233 0.2549 0.2207 0.0439  -0.1217 0.0242  41  LEU A CA  
230 C C   . LEU A 41 ? 0.2113 0.2380 0.2201 0.0425  -0.1124 0.0263  41  LEU A C   
231 O O   . LEU A 41 ? 0.2072 0.2301 0.2197 0.0380  -0.1098 0.0228  41  LEU A O   
232 C CB  . LEU A 41 ? 0.2278 0.2557 0.2047 0.0465  -0.1172 0.0228  41  LEU A CB  
233 C CG  . LEU A 41 ? 0.2434 0.2813 0.2042 0.0504  -0.1207 0.0216  41  LEU A CG  
234 C CD1 . LEU A 41 ? 0.2545 0.2975 0.1980 0.0545  -0.1146 0.0216  41  LEU A CD1 
235 C CD2 . LEU A 41 ? 0.2494 0.2968 0.2122 0.0526  -0.1220 0.0330  41  LEU A CD2 
236 N N   . LYS A 42 ? 0.2110 0.2357 0.2226 0.0475  -0.1078 0.0319  42  LYS A N   
237 C CA  . LYS A 42 ? 0.2063 0.2240 0.2214 0.0493  -0.0995 0.0307  42  LYS A CA  
238 C C   . LYS A 42 ? 0.2038 0.2121 0.2065 0.0449  -0.0952 0.0274  42  LYS A C   
239 O O   . LYS A 42 ? 0.2092 0.2143 0.2019 0.0430  -0.0962 0.0305  42  LYS A O   
240 C CB  . LYS A 42 ? 0.2174 0.2261 0.2329 0.0575  -0.0994 0.0344  42  LYS A CB  
241 C CG  . LYS A 42 ? 0.2258 0.2266 0.2420 0.0630  -0.0933 0.0293  42  LYS A CG  
242 C CD  . LYS A 42 ? 0.3074 0.2895 0.3199 0.0734  -0.0966 0.0301  42  LYS A CD  
243 C CE  . LYS A 42 ? 0.3725 0.3456 0.3814 0.0824  -0.0927 0.0207  42  LYS A CE  
244 N NZ  . LYS A 42 ? 0.6135 0.5639 0.6175 0.0975  -0.0981 0.0183  42  LYS A NZ  
245 N N   . CYS A 43 ? 0.1976 0.2058 0.2013 0.0436  -0.0904 0.0233  43  CYS A N   
246 C CA  . CYS A 43 ? 0.1960 0.2002 0.1893 0.0415  -0.0874 0.0203  43  CYS A CA  
247 C C   . CYS A 43 ? 0.2012 0.2055 0.1957 0.0430  -0.0820 0.0174  43  CYS A C   
248 O O   . CYS A 43 ? 0.2042 0.2139 0.2071 0.0445  -0.0797 0.0192  43  CYS A O   
249 C CB  . CYS A 43 ? 0.2050 0.2125 0.1892 0.0409  -0.0907 0.0181  43  CYS A CB  
250 S SG  . CYS A 43 ? 0.2190 0.2218 0.2062 0.0398  -0.0970 0.0144  43  CYS A SG  
251 N N   . VAL A 44 ? 0.1927 0.1962 0.1791 0.0426  -0.0800 0.0144  44  VAL A N   
252 C CA  . VAL A 44 ? 0.1950 0.2006 0.1785 0.0457  -0.0758 0.0120  44  VAL A CA  
253 C C   . VAL A 44 ? 0.1926 0.1988 0.1705 0.0466  -0.0761 0.0125  44  VAL A C   
254 O O   . VAL A 44 ? 0.1955 0.2056 0.1663 0.0477  -0.0777 0.0103  44  VAL A O   
255 C CB  . VAL A 44 ? 0.2017 0.2065 0.1797 0.0458  -0.0762 0.0070  44  VAL A CB  
256 C CG1 . VAL A 44 ? 0.2213 0.2319 0.1929 0.0517  -0.0725 0.0042  44  VAL A CG1 
257 C CG2 . VAL A 44 ? 0.2385 0.2322 0.2189 0.0470  -0.0788 0.0047  44  VAL A CG2 
258 N N   . LEU A 45 ? 0.1965 0.1994 0.1776 0.0466  -0.0752 0.0166  45  LEU A N   
259 C CA  . LEU A 45 ? 0.2062 0.1992 0.1807 0.0480  -0.0782 0.0175  45  LEU A CA  
260 C C   . LEU A 45 ? 0.2101 0.2057 0.1750 0.0546  -0.0746 0.0180  45  LEU A C   
261 O O   . LEU A 45 ? 0.2210 0.2235 0.1867 0.0557  -0.0694 0.0223  45  LEU A O   
262 C CB  . LEU A 45 ? 0.2252 0.2102 0.2093 0.0413  -0.0807 0.0249  45  LEU A CB  
263 C CG  . LEU A 45 ? 0.2366 0.1995 0.2130 0.0415  -0.0874 0.0261  45  LEU A CG  
264 C CD1 . LEU A 45 ? 0.2737 0.2250 0.2381 0.0475  -0.0960 0.0146  45  LEU A CD1 
265 C CD2 . LEU A 45 ? 0.2602 0.2147 0.2505 0.0290  -0.0915 0.0368  45  LEU A CD2 
266 N N   . PHE A 46 ? 0.2152 0.2095 0.1698 0.0613  -0.0776 0.0137  46  PHE A N   
267 C CA  . PHE A 46 ? 0.2220 0.2208 0.1671 0.0702  -0.0762 0.0145  46  PHE A CA  
268 C C   . PHE A 46 ? 0.2442 0.2203 0.1808 0.0765  -0.0809 0.0179  46  PHE A C   
269 O O   . PHE A 46 ? 0.2552 0.2170 0.1874 0.0793  -0.0874 0.0124  46  PHE A O   
270 C CB  . PHE A 46 ? 0.2163 0.2348 0.1576 0.0756  -0.0773 0.0083  46  PHE A CB  
271 C CG  . PHE A 46 ? 0.2045 0.2414 0.1522 0.0685  -0.0757 0.0060  46  PHE A CG  
272 C CD1 . PHE A 46 ? 0.2018 0.2333 0.1542 0.0622  -0.0738 0.0062  46  PHE A CD1 
273 C CD2 . PHE A 46 ? 0.2011 0.2613 0.1506 0.0687  -0.0773 0.0037  46  PHE A CD2 
274 C CE1 . PHE A 46 ? 0.2122 0.2517 0.1673 0.0567  -0.0759 0.0013  46  PHE A CE1 
275 C CE2 . PHE A 46 ? 0.2046 0.2767 0.1612 0.0585  -0.0794 0.0019  46  PHE A CE2 
276 C CZ  . PHE A 46 ? 0.2095 0.2665 0.1673 0.0528  -0.0798 -0.0006 46  PHE A CZ  
277 N N   . VAL A 47 ? 0.1767 0.2079 0.1544 0.0373  -0.0901 0.0069  47  VAL A N   
278 C CA  . VAL A 47 ? 0.1883 0.2110 0.1654 0.0371  -0.0924 0.0086  47  VAL A CA  
279 C C   . VAL A 47 ? 0.1815 0.2063 0.1676 0.0393  -0.0924 0.0130  47  VAL A C   
280 O O   . VAL A 47 ? 0.1841 0.2167 0.1737 0.0352  -0.0944 0.0161  47  VAL A O   
281 C CB  . VAL A 47 ? 0.1969 0.2207 0.1711 0.0303  -0.0973 0.0106  47  VAL A CB  
282 C CG1 . VAL A 47 ? 0.2243 0.2367 0.1979 0.0295  -0.1009 0.0133  47  VAL A CG1 
283 C CG2 . VAL A 47 ? 0.2117 0.2371 0.1806 0.0269  -0.0972 0.0088  47  VAL A CG2 
284 N N   . ASP A 48 ? 0.1881 0.2063 0.1777 0.0456  -0.0893 0.0136  48  ASP A N   
285 C CA  . ASP A 48 ? 0.1867 0.2101 0.1887 0.0483  -0.0893 0.0199  48  ASP A CA  
286 C C   . ASP A 48 ? 0.2013 0.2192 0.2071 0.0467  -0.0941 0.0246  48  ASP A C   
287 O O   . ASP A 48 ? 0.2097 0.2190 0.2077 0.0431  -0.0975 0.0227  48  ASP A O   
288 C CB  . ASP A 48 ? 0.2084 0.2328 0.2166 0.0569  -0.0823 0.0205  48  ASP A CB  
289 C CG  . ASP A 48 ? 0.2201 0.2302 0.2244 0.0648  -0.0776 0.0175  48  ASP A CG  
290 O OD1 . ASP A 48 ? 0.2322 0.2298 0.2311 0.0636  -0.0813 0.0165  48  ASP A OD1 
291 O OD2 . ASP A 48 ? 0.2846 0.2950 0.2898 0.0723  -0.0698 0.0162  48  ASP A OD2 
292 N N   . ALA A 49 ? 0.2134 0.2374 0.2326 0.0485  -0.0955 0.0322  49  ALA A N   
293 C CA  . ALA A 49 ? 0.2331 0.2533 0.2581 0.0465  -0.1015 0.0387  49  ALA A CA  
294 C C   . ALA A 49 ? 0.2392 0.2421 0.2622 0.0535  -0.0997 0.0367  49  ALA A C   
295 O O   . ALA A 49 ? 0.3011 0.2962 0.3255 0.0509  -0.1057 0.0411  49  ALA A O   
296 C CB  . ALA A 49 ? 0.2593 0.2913 0.3008 0.0466  -0.1038 0.0488  49  ALA A CB  
297 N N   . SER A 50 ? 0.2417 0.2364 0.2595 0.0619  -0.0919 0.0301  50  SER A N   
298 C CA  . SER A 50 ? 0.2482 0.2215 0.2582 0.0687  -0.0895 0.0258  50  SER A CA  
299 C C   . SER A 50 ? 0.2513 0.2114 0.2405 0.0626  -0.0917 0.0176  50  SER A C   
300 O O   . SER A 50 ? 0.3045 0.2438 0.2807 0.0669  -0.0893 0.0116  50  SER A O   
301 C CB  . SER A 50 ? 0.3557 0.3263 0.3703 0.0824  -0.0786 0.0238  50  SER A CB  
302 O OG  . SER A 50 ? 0.3683 0.3526 0.4053 0.0883  -0.0771 0.0336  50  SER A OG  
303 N N   . ASN A 51 ? 0.2356 0.2075 0.2216 0.0523  -0.0963 0.0177  51  ASN A N   
304 C CA  . ASN A 51 ? 0.2397 0.2050 0.2104 0.0451  -0.0996 0.0129  51  ASN A CA  
305 C C   . ASN A 51 ? 0.2459 0.2041 0.2045 0.0487  -0.0941 0.0054  51  ASN A C   
306 O O   . ASN A 51 ? 0.2684 0.2156 0.2130 0.0434  -0.0977 0.0019  51  ASN A O   
307 C CB  . ASN A 51 ? 0.2567 0.2051 0.2202 0.0398  -0.1073 0.0147  51  ASN A CB  
308 C CG  . ASN A 51 ? 0.2494 0.2081 0.2224 0.0326  -0.1141 0.0230  51  ASN A CG  
309 O OD1 . ASN A 51 ? 0.2428 0.2168 0.2159 0.0243  -0.1167 0.0252  51  ASN A OD1 
310 N ND2 . ASN A 51 ? 0.2585 0.2094 0.2394 0.0364  -0.1164 0.0281  51  ASN A ND2 
311 N N   . ARG A 52 ? 0.2398 0.2057 0.2040 0.0562  -0.0864 0.0041  52  ARG A N   
312 C CA  . ARG A 52 ? 0.2453 0.2070 0.1979 0.0588  -0.0809 -0.0020 52  ARG A CA  
313 C C   . ARG A 52 ? 0.2403 0.2187 0.1950 0.0531  -0.0823 -0.0014 52  ARG A C   
314 O O   . ARG A 52 ? 0.2226 0.2166 0.1894 0.0514  -0.0834 0.0027  52  ARG A O   
315 C CB  . ARG A 52 ? 0.2805 0.2425 0.2380 0.0700  -0.0710 -0.0025 52  ARG A CB  
316 C CG  . ARG A 52 ? 0.3572 0.3013 0.3132 0.0788  -0.0676 -0.0035 52  ARG A CG  
317 C CD  . ARG A 52 ? 0.4147 0.3665 0.3823 0.0912  -0.0565 -0.0014 52  ARG A CD  
318 N NE  . ARG A 52 ? 0.5657 0.5421 0.5566 0.0904  -0.0577 0.0080  52  ARG A NE  
319 C CZ  . ARG A 52 ? 0.5279 0.5166 0.5360 0.0993  -0.0507 0.0142  52  ARG A CZ  
320 N NH1 . ARG A 52 ? 0.6347 0.6144 0.6402 0.1119  -0.0399 0.0114  52  ARG A NH1 
321 N NH2 . ARG A 52 ? 0.4586 0.4685 0.4860 0.0957  -0.0544 0.0237  52  ARG A NH2 
322 N N   . MET A 53 ? 0.2408 0.2142 0.1825 0.0501  -0.0827 -0.0055 53  MET A N   
323 C CA  . MET A 53 ? 0.2254 0.2128 0.1695 0.0457  -0.0842 -0.0047 53  MET A CA  
324 C C   . MET A 53 ? 0.2411 0.2316 0.1829 0.0500  -0.0782 -0.0063 53  MET A C   
325 O O   . MET A 53 ? 0.2676 0.2461 0.1972 0.0532  -0.0741 -0.0100 53  MET A O   
326 C CB  . MET A 53 ? 0.2414 0.2248 0.1759 0.0378  -0.0907 -0.0052 53  MET A CB  
327 C CG  . MET A 53 ? 0.2439 0.2319 0.1835 0.0315  -0.0971 -0.0013 53  MET A CG  
328 S SD  . MET A 53 ? 0.2726 0.2601 0.2037 0.0213  -0.1050 0.0006  53  MET A SD  
329 C CE  . MET A 53 ? 0.2899 0.2890 0.2314 0.0149  -0.1096 0.0069  53  MET A CE  
330 N N   . LYS A 54 ? 0.2154 0.2206 0.1670 0.0495  -0.0780 -0.0036 54  LYS A N   
331 C CA  . LYS A 54 ? 0.2382 0.2479 0.1882 0.0511  -0.0745 -0.0036 54  LYS A CA  
332 C C   . LYS A 54 ? 0.2018 0.2208 0.1563 0.0468  -0.0791 -0.0020 54  LYS A C   
333 O O   . LYS A 54 ? 0.2120 0.2378 0.1750 0.0457  -0.0814 -0.0003 54  LYS A O   
334 C CB  . LYS A 54 ? 0.2380 0.2556 0.1988 0.0562  -0.0691 -0.0003 54  LYS A CB  
335 C CG  . LYS A 54 ? 0.2543 0.2649 0.2133 0.0631  -0.0623 -0.0011 54  LYS A CG  
336 C CD  . LYS A 54 ? 0.2545 0.2781 0.2287 0.0678  -0.0575 0.0049  54  LYS A CD  
337 C CE  . LYS A 54 ? 0.3029 0.3218 0.2772 0.0770  -0.0484 0.0046  54  LYS A CE  
338 N NZ  . LYS A 54 ? 0.3124 0.3195 0.2869 0.0799  -0.0502 0.0030  54  LYS A NZ  
339 N N   . CYS A 55 ? 0.2096 0.2280 0.1573 0.0448  -0.0803 -0.0022 55  CYS A N   
340 C CA  . CYS A 55 ? 0.2047 0.2314 0.1584 0.0424  -0.0842 -0.0001 55  CYS A CA  
341 C C   . CYS A 55 ? 0.1829 0.2136 0.1399 0.0441  -0.0826 0.0020  55  CYS A C   
342 O O   . CYS A 55 ? 0.2027 0.2308 0.1523 0.0435  -0.0813 0.0027  55  CYS A O   
343 C CB  . CYS A 55 ? 0.2339 0.2592 0.1816 0.0378  -0.0893 0.0006  55  CYS A CB  
344 S SG  . CYS A 55 ? 0.2239 0.2614 0.1863 0.0348  -0.0888 0.0043  55  CYS A SG  
345 N N   . ILE A 56 ? 0.1873 0.2230 0.1535 0.0452  -0.0829 0.0034  56  ILE A N   
346 C CA  . ILE A 56 ? 0.1735 0.2113 0.1430 0.0458  -0.0826 0.0062  56  ILE A CA  
347 C C   . ILE A 56 ? 0.1749 0.2124 0.1451 0.0437  -0.0845 0.0081  56  ILE A C   
348 O O   . ILE A 56 ? 0.1761 0.2141 0.1499 0.0431  -0.0851 0.0076  56  ILE A O   
349 C CB  . ILE A 56 ? 0.1684 0.2079 0.1454 0.0450  -0.0825 0.0073  56  ILE A CB  
350 C CG1 . ILE A 56 ? 0.1848 0.2254 0.1638 0.0463  -0.0815 0.0069  56  ILE A CG1 
351 C CG2 . ILE A 56 ? 0.1903 0.2313 0.1700 0.0444  -0.0840 0.0115  56  ILE A CG2 
352 C CD1 . ILE A 56 ? 0.1891 0.2305 0.1683 0.0489  -0.0768 0.0084  56  ILE A CD1 
353 N N   . ASP A 57 ? 0.1795 0.2173 0.1467 0.0435  -0.0859 0.0113  57  ASP A N   
354 C CA  . ASP A 57 ? 0.1832 0.2199 0.1524 0.0413  -0.0887 0.0146  57  ASP A CA  
355 C C   . ASP A 57 ? 0.1798 0.2136 0.1561 0.0423  -0.0896 0.0141  57  ASP A C   
356 O O   . ASP A 57 ? 0.1794 0.2120 0.1571 0.0417  -0.0900 0.0147  57  ASP A O   
357 C CB  . ASP A 57 ? 0.2041 0.2421 0.1694 0.0397  -0.0894 0.0193  57  ASP A CB  
358 C CG  . ASP A 57 ? 0.1950 0.2309 0.1617 0.0371  -0.0944 0.0242  57  ASP A CG  
359 O OD1 . ASP A 57 ? 0.1981 0.2316 0.1700 0.0379  -0.0957 0.0235  57  ASP A OD1 
360 O OD2 . ASP A 57 ? 0.2112 0.2488 0.1751 0.0341  -0.0950 0.0294  57  ASP A OD2 
361 N N   . PRO A 58 ? 0.1809 0.2131 0.1605 0.0441  -0.0909 0.0133  58  PRO A N   
362 C CA  . PRO A 58 ? 0.1992 0.2251 0.1813 0.0476  -0.0929 0.0113  58  PRO A CA  
363 C C   . PRO A 58 ? 0.1938 0.2119 0.1744 0.0457  -0.0972 0.0144  58  PRO A C   
364 O O   . PRO A 58 ? 0.2199 0.2284 0.1980 0.0473  -0.1004 0.0122  58  PRO A O   
365 C CB  . PRO A 58 ? 0.2166 0.2442 0.2036 0.0522  -0.0939 0.0115  58  PRO A CB  
366 C CG  . PRO A 58 ? 0.2443 0.2812 0.2322 0.0493  -0.0917 0.0126  58  PRO A CG  
367 C CD  . PRO A 58 ? 0.1944 0.2311 0.1756 0.0442  -0.0913 0.0143  58  PRO A CD  
368 N N   . ASN A 59 ? 0.1952 0.2156 0.1751 0.0420  -0.0984 0.0197  59  ASN A N   
369 C CA  . ASN A 59 ? 0.2020 0.2163 0.1811 0.0385  -0.1030 0.0246  59  ASN A CA  
370 C C   . ASN A 59 ? 0.2076 0.2256 0.1862 0.0341  -0.1027 0.0273  59  ASN A C   
371 O O   . ASN A 59 ? 0.2336 0.2483 0.2125 0.0294  -0.1068 0.0327  59  ASN A O   
372 C CB  . ASN A 59 ? 0.2064 0.2233 0.1851 0.0357  -0.1050 0.0307  59  ASN A CB  
373 C CG  . ASN A 59 ? 0.2101 0.2241 0.1924 0.0393  -0.1069 0.0308  59  ASN A CG  
374 O OD1 . ASN A 59 ? 0.2426 0.2475 0.2279 0.0445  -0.1093 0.0282  59  ASN A OD1 
375 N ND2 . ASN A 59 ? 0.2238 0.2447 0.2048 0.0372  -0.1066 0.0341  59  ASN A ND2 
376 N N   . ALA A 60 ? 0.1917 0.2175 0.1711 0.0354  -0.0983 0.0248  60  ALA A N   
377 C CA  . ALA A 60 ? 0.1898 0.2219 0.1721 0.0323  -0.0983 0.0290  60  ALA A CA  
378 C C   . ALA A 60 ? 0.2087 0.2327 0.1915 0.0278  -0.1032 0.0307  60  ALA A C   
379 O O   . ALA A 60 ? 0.2206 0.2343 0.1991 0.0293  -0.1050 0.0250  60  ALA A O   
380 C CB  . ALA A 60 ? 0.1918 0.2303 0.1756 0.0357  -0.0933 0.0254  60  ALA A CB  
381 N N   . SER A 61 ? 0.2051 0.2336 0.1916 0.0217  -0.1059 0.0390  61  SER A N   
382 C CA  . SER A 61 ? 0.2229 0.2413 0.2077 0.0149  -0.1123 0.0417  61  SER A CA  
383 C C   . SER A 61 ? 0.2147 0.2324 0.1993 0.0136  -0.1127 0.0392  61  SER A C   
384 O O   . SER A 61 ? 0.2433 0.2459 0.2201 0.0096  -0.1188 0.0369  61  SER A O   
385 C CB  . SER A 61 ? 0.2529 0.2793 0.2437 0.0072  -0.1147 0.0529  61  SER A CB  
386 O OG  . SER A 61 ? 0.2935 0.3396 0.2945 0.0075  -0.1096 0.0587  61  SER A OG  
387 N N   . TRP A 62 ? 0.1981 0.2303 0.1899 0.0167  -0.1071 0.0399  62  TRP A N   
388 C CA  . TRP A 62 ? 0.1966 0.2315 0.1907 0.0144  -0.1074 0.0401  62  TRP A CA  
389 C C   . TRP A 62 ? 0.1949 0.2222 0.1815 0.0188  -0.1059 0.0308  62  TRP A C   
390 O O   . TRP A 62 ? 0.2014 0.2283 0.1871 0.0160  -0.1070 0.0304  62  TRP A O   
391 C CB  . TRP A 62 ? 0.2077 0.2616 0.2150 0.0168  -0.1025 0.0469  62  TRP A CB  
392 C CG  . TRP A 62 ? 0.2001 0.2600 0.2081 0.0253  -0.0967 0.0435  62  TRP A CG  
393 C CD1 . TRP A 62 ? 0.1950 0.2616 0.2041 0.0277  -0.0914 0.0460  62  TRP A CD1 
394 C CD2 . TRP A 62 ? 0.1732 0.2303 0.1777 0.0312  -0.0923 0.0354  62  TRP A CD2 
395 N NE1 . TRP A 62 ? 0.1913 0.2574 0.1959 0.0345  -0.0844 0.0391  62  TRP A NE1 
396 C CE2 . TRP A 62 ? 0.1869 0.2472 0.1893 0.0366  -0.0853 0.0328  62  TRP A CE2 
397 C CE3 . TRP A 62 ? 0.1881 0.2400 0.1895 0.0314  -0.0938 0.0306  62  TRP A CE3 
398 C CZ2 . TRP A 62 ? 0.1783 0.2352 0.1758 0.0416  -0.0812 0.0260  62  TRP A CZ2 
399 C CZ3 . TRP A 62 ? 0.1839 0.2349 0.1826 0.0367  -0.0894 0.0245  62  TRP A CZ3 
400 C CH2 . TRP A 62 ? 0.1871 0.2400 0.1840 0.0415  -0.0836 0.0223  62  TRP A CH2 
401 N N   . LEU A 63 ? 0.2092 0.2319 0.1913 0.0249  -0.1032 0.0242  63  LEU A N   
402 C CA  . LEU A 63 ? 0.1895 0.2101 0.1672 0.0293  -0.1001 0.0168  63  LEU A CA  
403 C C   . LEU A 63 ? 0.2014 0.2089 0.1684 0.0275  -0.1049 0.0121  63  LEU A C   
404 O O   . LEU A 63 ? 0.2145 0.2239 0.1790 0.0272  -0.1036 0.0096  63  LEU A O   
405 C CB  . LEU A 63 ? 0.1967 0.2179 0.1739 0.0355  -0.0964 0.0126  63  LEU A CB  
406 C CG  . LEU A 63 ? 0.1821 0.2040 0.1570 0.0397  -0.0931 0.0066  63  LEU A CG  
407 C CD1 . LEU A 63 ? 0.1991 0.2287 0.1773 0.0386  -0.0898 0.0071  63  LEU A CD1 
408 C CD2 . LEU A 63 ? 0.1894 0.2139 0.1662 0.0435  -0.0906 0.0055  63  LEU A CD2 
409 N N   . ALA A 64 ? 0.2163 0.2088 0.1746 0.0261  -0.1110 0.0109  64  ALA A N   
410 C CA  . ALA A 64 ? 0.2333 0.2096 0.1771 0.0247  -0.1135 0.0049  64  ALA A CA  
411 C C   . ALA A 64 ? 0.2494 0.2258 0.1891 0.0157  -0.1185 0.0085  64  ALA A C   
412 O O   . ALA A 64 ? 0.2565 0.2288 0.1866 0.0152  -0.1173 0.0036  64  ALA A O   
413 C CB  . ALA A 64 ? 0.2644 0.2205 0.1984 0.0242  -0.1183 0.0030  64  ALA A CB  
414 N N   . GLU A 65 ? 0.2356 0.2190 0.1845 0.0081  -0.1212 0.0177  65  GLU A N   
415 C CA  . GLU A 65 ? 0.2389 0.2261 0.1890 -0.0006 -0.1237 0.0231  65  GLU A CA  
416 C C   . GLU A 65 ? 0.2235 0.2265 0.1825 0.0026  -0.1175 0.0235  65  GLU A C   
417 O O   . GLU A 65 ? 0.2297 0.2307 0.1831 -0.0022 -0.1195 0.0235  65  GLU A O   
418 C CB  . GLU A 65 ? 0.2661 0.2610 0.2277 -0.0083 -0.1268 0.0342  65  GLU A CB  
419 C CG  . GLU A 65 ? 0.3043 0.3020 0.2678 -0.0180 -0.1307 0.0408  65  GLU A CG  
420 C CD  . GLU A 65 ? 0.4088 0.4091 0.3801 -0.0279 -0.1362 0.0520  65  GLU A CD  
421 O OE1 . GLU A 65 ? 0.4928 0.4979 0.4691 -0.0360 -0.1394 0.0594  65  GLU A OE1 
422 O OE2 . GLU A 65 ? 0.4954 0.4932 0.4683 -0.0284 -0.1378 0.0543  65  GLU A OE2 
423 N N   . ARG A 66 ? 0.2067 0.2231 0.1777 0.0103  -0.1108 0.0237  66  ARG A N   
424 C CA  . ARG A 66 ? 0.1954 0.2227 0.1731 0.0134  -0.1060 0.0238  66  ARG A CA  
425 C C   . ARG A 66 ? 0.2000 0.2204 0.1658 0.0150  -0.1055 0.0161  66  ARG A C   
426 O O   . ARG A 66 ? 0.2097 0.2332 0.1748 0.0122  -0.1057 0.0173  66  ARG A O   
427 C CB  . ARG A 66 ? 0.1880 0.2262 0.1767 0.0208  -0.1000 0.0248  66  ARG A CB  
428 C CG  . ARG A 66 ? 0.1805 0.2265 0.1756 0.0242  -0.0964 0.0254  66  ARG A CG  
429 C CD  . ARG A 66 ? 0.1887 0.2418 0.1928 0.0205  -0.0986 0.0331  66  ARG A CD  
430 N NE  . ARG A 66 ? 0.1860 0.2460 0.1993 0.0255  -0.0957 0.0353  66  ARG A NE  
431 C CZ  . ARG A 66 ? 0.1845 0.2515 0.2084 0.0324  -0.0926 0.0388  66  ARG A CZ  
432 N NH1 . ARG A 66 ? 0.1974 0.2681 0.2242 0.0345  -0.0914 0.0408  66  ARG A NH1 
433 N NH2 . ARG A 66 ? 0.1959 0.2654 0.2269 0.0376  -0.0910 0.0406  66  ARG A NH2 
434 N N   . LEU A 67 ? 0.2868 0.1989 0.1693 0.0259  -0.1168 0.0053  67  LEU A N   
435 C CA  . LEU A 67 ? 0.2849 0.2029 0.1691 0.0438  -0.1142 0.0028  67  LEU A CA  
436 C C   . LEU A 67 ? 0.3082 0.2063 0.1715 0.0431  -0.1147 -0.0023 67  LEU A C   
437 O O   . LEU A 67 ? 0.3102 0.2192 0.1762 0.0498  -0.1096 -0.0047 67  LEU A O   
438 C CB  . LEU A 67 ? 0.3020 0.2108 0.1804 0.0617  -0.1152 0.0046  67  LEU A CB  
439 C CG  . LEU A 67 ? 0.2833 0.2193 0.1817 0.0599  -0.1149 0.0094  67  LEU A CG  
440 C CD1 . LEU A 67 ? 0.3034 0.2405 0.2036 0.0796  -0.1184 0.0132  67  LEU A CD1 
441 C CD2 . LEU A 67 ? 0.2692 0.2429 0.1939 0.0544  -0.1086 0.0071  67  LEU A CD2 
442 N N   . TYR A 68 ? 0.3417 0.2070 0.1781 0.0311  -0.1200 -0.0048 68  TYR A N   
443 C CA  . TYR A 68 ? 0.3739 0.2168 0.1818 0.0223  -0.1231 -0.0110 68  TYR A CA  
444 C C   . TYR A 68 ? 0.3503 0.2282 0.1767 0.0120  -0.1302 -0.0076 68  TYR A C   
445 O O   . TYR A 68 ? 0.3642 0.2383 0.1743 0.0146  -0.1302 -0.0098 68  TYR A O   
446 C CB  . TYR A 68 ? 0.4187 0.2209 0.1938 0.0029  -0.1281 -0.0148 68  TYR A CB  
447 C CG  . TYR A 68 ? 0.5136 0.2980 0.2579 -0.0175 -0.1359 -0.0220 68  TYR A CG  
448 C CD1 . TYR A 68 ? 0.5633 0.2978 0.2595 -0.0131 -0.1291 -0.0317 68  TYR A CD1 
449 C CD2 . TYR A 68 ? 0.4988 0.3202 0.2668 -0.0407 -0.1467 -0.0184 68  TYR A CD2 
450 C CE1 . TYR A 68 ? 0.5502 0.2688 0.2161 -0.0359 -0.1341 -0.0378 68  TYR A CE1 
451 C CE2 . TYR A 68 ? 0.5072 0.3248 0.2574 -0.0597 -0.1521 -0.0221 68  TYR A CE2 
452 C CZ  . TYR A 68 ? 0.5288 0.2942 0.2264 -0.0593 -0.1462 -0.0314 68  TYR A CZ  
453 O OH  . TYR A 68 ? 0.5913 0.3523 0.2675 -0.0810 -0.1518 -0.0350 68  TYR A OH  
454 N N   . ARG A 69 ? 0.3210 0.2310 0.1810 0.0017  -0.1333 -0.0014 69  ARG A N   
455 C CA  . ARG A 69 ? 0.3009 0.2480 0.1890 -0.0023 -0.1358 0.0049  69  ARG A CA  
456 C C   . ARG A 69 ? 0.2813 0.2407 0.1788 0.0140  -0.1269 0.0085  69  ARG A C   
457 O O   . ARG A 69 ? 0.2896 0.2560 0.1829 0.0148  -0.1294 0.0125  69  ARG A O   
458 C CB  . ARG A 69 ? 0.3024 0.2793 0.2264 -0.0111 -0.1388 0.0101  69  ARG A CB  
459 C CG  . ARG A 69 ? 0.4145 0.3858 0.3324 -0.0346 -0.1482 0.0068  69  ARG A CG  
460 C CD  . ARG A 69 ? 0.6832 0.6905 0.6451 -0.0429 -0.1426 0.0112  69  ARG A CD  
461 N NE  . ARG A 69 ? 0.5867 0.5834 0.5407 -0.0682 -0.1421 0.0063  69  ARG A NE  
462 C CZ  . ARG A 69 ? 0.5868 0.6071 0.5721 -0.0801 -0.1308 0.0073  69  ARG A CZ  
463 N NH1 . ARG A 69 ? 0.6697 0.7224 0.6954 -0.0663 -0.1187 0.0122  69  ARG A NH1 
464 N NH2 . ARG A 69 ? 0.7790 0.7850 0.7514 -0.1073 -0.1280 0.0022  69  ARG A NH2 
465 N N   . LEU A 70 ? 0.2623 0.2227 0.1686 0.0246  -0.1175 0.0074  70  LEU A N   
466 C CA  . LEU A 70 ? 0.2509 0.2198 0.1616 0.0357  -0.1094 0.0089  70  LEU A CA  
467 C C   . LEU A 70 ? 0.2782 0.2277 0.1580 0.0420  -0.1070 0.0042  70  LEU A C   
468 O O   . LEU A 70 ? 0.2858 0.2361 0.1572 0.0437  -0.1030 0.0075  70  LEU A O   
469 C CB  . LEU A 70 ? 0.2363 0.2152 0.1629 0.0405  -0.1005 0.0069  70  LEU A CB  
470 C CG  . LEU A 70 ? 0.2267 0.2193 0.1759 0.0333  -0.0974 0.0106  70  LEU A CG  
471 C CD1 . LEU A 70 ? 0.2291 0.2268 0.1828 0.0322  -0.0911 0.0075  70  LEU A CD1 
472 C CD2 . LEU A 70 ? 0.2486 0.2508 0.2116 0.0351  -0.0915 0.0166  70  LEU A CD2 
473 N N   . LYS A 71 ? 0.3071 0.2338 0.1664 0.0455  -0.1056 -0.0034 71  LYS A N   
474 C CA  . LYS A 71 ? 0.3376 0.2408 0.1656 0.0518  -0.0965 -0.0106 71  LYS A CA  
475 C C   . LYS A 71 ? 0.3741 0.2604 0.1674 0.0393  -0.1058 -0.0093 71  LYS A C   
476 O O   . LYS A 71 ? 0.4246 0.3000 0.1940 0.0412  -0.0966 -0.0111 71  LYS A O   
477 C CB  . LYS A 71 ? 0.3725 0.2457 0.1825 0.0604  -0.0918 -0.0185 71  LYS A CB  
478 C CG  . LYS A 71 ? 0.4101 0.2534 0.1864 0.0690  -0.0760 -0.0285 71  LYS A CG  
479 C CD  . LYS A 71 ? 0.4622 0.2705 0.2233 0.0835  -0.0684 -0.0351 71  LYS A CD  
480 C CE  . LYS A 71 ? 0.5622 0.3347 0.2875 0.0934  -0.0471 -0.0471 71  LYS A CE  
481 N NZ  . LYS A 71 ? 0.6509 0.3804 0.3595 0.1123  -0.0366 -0.0530 71  LYS A NZ  
482 N N   . GLU A 72 ? 0.3770 0.2642 0.1694 0.0242  -0.1228 -0.0059 72  GLU A N   
483 C CA  . GLU A 72 ? 0.4059 0.2935 0.1825 0.0095  -0.1315 -0.0022 72  GLU A CA  
484 C C   . GLU A 72 ? 0.3865 0.2969 0.1767 0.0149  -0.1311 0.0093  72  GLU A C   
485 O O   . GLU A 72 ? 0.4213 0.3215 0.1829 0.0093  -0.1353 0.0125  72  GLU A O   
486 C CB  . GLU A 72 ? 0.4188 0.3258 0.2163 -0.0073 -0.1447 0.0007  72  GLU A CB  
487 C CG  . GLU A 72 ? 0.5131 0.3854 0.2814 -0.0207 -0.1471 -0.0100 72  GLU A CG  
488 C CD  . GLU A 72 ? 0.7809 0.6745 0.5637 -0.0430 -0.1610 -0.0077 72  GLU A CD  
489 O OE1 . GLU A 72 ? 0.5850 0.5178 0.4131 -0.0435 -0.1647 -0.0007 72  GLU A OE1 
490 O OE2 . GLU A 72 ? 0.7945 0.6657 0.5426 -0.0610 -0.1671 -0.0138 72  GLU A OE2 
491 N N   . LYS A 73 ? 0.3608 0.2958 0.1892 0.0248  -0.1258 0.0160  73  LYS A N   
492 C CA  . LYS A 73 ? 0.3859 0.3322 0.2238 0.0317  -0.1241 0.0280  73  LYS A CA  
493 C C   . LYS A 73 ? 0.3939 0.3173 0.2017 0.0404  -0.1106 0.0255  73  LYS A C   
494 O O   . LYS A 73 ? 0.4771 0.3968 0.2806 0.0441  -0.1052 0.0352  73  LYS A O   
495 C CB  . LYS A 73 ? 0.5195 0.4924 0.4038 0.0377  -0.1214 0.0343  73  LYS A CB  
496 C CG  . LYS A 73 ? 0.5874 0.5863 0.5027 0.0308  -0.1304 0.0363  73  LYS A CG  
497 C CD  . LYS A 73 ? 0.4005 0.4164 0.3534 0.0380  -0.1240 0.0404  73  LYS A CD  
498 C CE  . LYS A 73 ? 0.4220 0.4657 0.4070 0.0319  -0.1325 0.0425  73  LYS A CE  
499 N NZ  . LYS A 73 ? 0.3918 0.4586 0.3896 0.0366  -0.1438 0.0534  73  LYS A NZ  
500 N N   . GLY A 74 ? 0.3773 0.2911 0.1772 0.0420  -0.0957 0.0122  74  GLY A N   
501 C CA  . GLY A 74 ? 0.4251 0.3349 0.2188 0.0462  -0.0717 0.0068  74  GLY A CA  
502 C C   . GLY A 74 ? 0.4175 0.3558 0.2551 0.0502  -0.0589 0.0041  74  GLY A C   
503 O O   . GLY A 74 ? 0.4490 0.3930 0.2898 0.0487  -0.0400 0.0016  74  GLY A O   
504 N N   . VAL A 75 ? 0.2923 0.2474 0.1594 0.0517  -0.0689 0.0040  75  VAL A N   
505 C CA  . VAL A 75 ? 0.2950 0.2752 0.1958 0.0523  -0.0609 0.0012  75  VAL A CA  
506 C C   . VAL A 75 ? 0.2959 0.2832 0.2067 0.0604  -0.0636 -0.0057 75  VAL A C   
507 O O   . VAL A 75 ? 0.2976 0.2731 0.2030 0.0614  -0.0762 -0.0049 75  VAL A O   
508 C CB  . VAL A 75 ? 0.2470 0.2357 0.1679 0.0471  -0.0675 0.0076  75  VAL A CB  
509 C CG1 . VAL A 75 ? 0.2560 0.2649 0.2002 0.0427  -0.0610 0.0032  75  VAL A CG1 
510 C CG2 . VAL A 75 ? 0.3122 0.2905 0.2262 0.0453  -0.0632 0.0165  75  VAL A CG2 
511 N N   . THR A 76 ? 0.3048 0.3112 0.2304 0.0666  -0.0508 -0.0116 76  THR A N   
512 C CA  . THR A 76 ? 0.2778 0.2953 0.2191 0.0805  -0.0538 -0.0149 76  THR A CA  
513 C C   . THR A 76 ? 0.2489 0.3105 0.2278 0.0784  -0.0524 -0.0149 76  THR A C   
514 O O   . THR A 76 ? 0.2562 0.3374 0.2460 0.0661  -0.0408 -0.0170 76  THR A O   
515 C CB  . THR A 76 ? 0.3264 0.3310 0.2553 0.0954  -0.0398 -0.0225 76  THR A CB  
516 O OG1 . THR A 76 ? 0.4013 0.4234 0.3362 0.0907  -0.0193 -0.0270 76  THR A OG1 
517 C CG2 . THR A 76 ? 0.3664 0.3215 0.2483 0.0930  -0.0439 -0.0243 76  THR A CG2 
518 N N   . CYS A 77 ? 0.2390 0.3129 0.2326 0.0875  -0.0653 -0.0120 77  CYS A N   
519 C CA  . CYS A 77 ? 0.2446 0.3615 0.2686 0.0810  -0.0713 -0.0105 77  CYS A CA  
520 C C   . CYS A 77 ? 0.2600 0.4241 0.3209 0.0905  -0.0614 -0.0148 77  CYS A C   
521 O O   . CYS A 77 ? 0.2939 0.4561 0.3612 0.1133  -0.0542 -0.0167 77  CYS A O   
522 C CB  . CYS A 77 ? 0.2640 0.3743 0.2834 0.0858  -0.0918 -0.0032 77  CYS A CB  
523 S SG  . CYS A 77 ? 0.2731 0.3349 0.2561 0.0718  -0.0982 0.0003  77  CYS A SG  
524 N N   . ARG A 78 ? 0.2072 0.4128 0.2924 0.0716  -0.0586 -0.0175 78  ARG A N   
525 C CA  . ARG A 78 ? 0.2104 0.4759 0.3412 0.0747  -0.0498 -0.0220 78  ARG A CA  
526 C C   . ARG A 78 ? 0.3178 0.6292 0.4824 0.0867  -0.0737 -0.0149 78  ARG A C   
527 O O   . ARG A 78 ? 0.2394 0.5391 0.3865 0.0780  -0.0950 -0.0085 78  ARG A O   
528 C CB  . ARG A 78 ? 0.2496 0.5369 0.3871 0.0421  -0.0350 -0.0291 78  ARG A CB  
529 C CG  . ARG A 78 ? 0.5495 0.7913 0.6517 0.0324  -0.0114 -0.0331 78  ARG A CG  
530 C CD  . ARG A 78 ? 0.5517 0.8010 0.6629 0.0468  0.0112  -0.0387 78  ARG A CD  
531 N NE  . ARG A 78 ? 0.5590 0.8774 0.7223 0.0402  0.0236  -0.0454 78  ARG A NE  
532 C CZ  . ARG A 78 ? 0.5780 0.9133 0.7461 0.0117  0.0453  -0.0525 78  ARG A CZ  
533 N NH1 . ARG A 78 ? 0.5828 0.8628 0.7015 -0.0088 0.0567  -0.0519 78  ARG A NH1 
534 N NH2 . ARG A 78 ? 0.5237 0.9318 0.7471 0.0036  0.0559  -0.0592 78  ARG A NH2 
535 O O   . HOH B .  ? 0.1823 0.3023 0.1564 0.0554  -0.0738 0.0236  101 HOH A O   
536 O O   . HOH B .  ? 0.2510 0.2193 0.1926 0.0156  -0.1215 0.0341  102 HOH A O   
537 O O   . HOH B .  ? 0.2515 0.2361 0.2740 0.0404  -0.1411 0.0223  103 HOH A O   
538 O O   . HOH B .  ? 0.2584 0.2482 0.2403 0.0125  -0.0976 0.0158  104 HOH A O   
539 O O   . HOH B .  ? 0.2094 0.3280 0.2183 0.0200  -0.0467 -0.0159 105 HOH A O   
540 O O   . HOH B .  ? 0.2482 0.3500 0.2858 0.0637  -0.1481 -0.0222 106 HOH A O   
541 O O   . HOH B .  ? 0.2545 0.3348 0.2167 0.0482  -0.1222 0.0558  107 HOH A O   
542 O O   . HOH B .  ? 0.2542 0.3125 0.1944 0.0686  -0.0641 0.0144  108 HOH A O   
543 O O   . HOH B .  ? 0.2876 0.2107 0.1957 0.0014  -0.1313 0.0334  109 HOH A O   
544 O O   . HOH B .  ? 0.2127 0.3353 0.2929 0.0275  -0.1081 0.1003  110 HOH A O   
545 O O   . HOH B .  ? 0.2807 0.3542 0.2287 0.0440  -0.1097 0.0600  111 HOH A O   
546 O O   . HOH B .  ? 0.3924 0.2990 0.2466 0.0973  -0.0567 0.0424  112 HOH A O   
547 O O   . HOH B .  ? 0.2660 0.3731 0.2387 -0.0277 -0.1038 0.0419  113 HOH A O   
548 O O   . HOH B .  ? 0.2221 0.3501 0.3221 0.0382  -0.0362 -0.0585 114 HOH A O   
549 O O   . HOH B .  ? 0.2705 0.3028 0.3724 -0.0150 -0.1139 0.0815  115 HOH A O   
550 O O   . HOH B .  ? 0.3090 0.3253 0.2674 -0.0153 -0.1187 0.0406  116 HOH A O   
551 O O   . HOH B .  ? 0.3036 0.3567 0.3861 0.0672  -0.1007 0.0345  117 HOH A O   
552 O O   . HOH B .  ? 0.2582 0.3213 0.3471 0.0156  -0.1752 0.0019  118 HOH A O   
553 O O   . HOH B .  ? 0.3615 0.3500 0.3439 0.0792  -0.0971 -0.0430 119 HOH A O   
554 O O   . HOH B .  ? 0.2814 0.3333 0.2717 0.0273  -0.1575 0.0404  120 HOH A O   
555 O O   . HOH B .  ? 0.4043 0.3034 0.2903 0.0970  -0.1050 -0.0246 121 HOH A O   
556 O O   . HOH B .  ? 0.3562 0.3303 0.2123 0.0357  -0.0841 0.0394  122 HOH A O   
557 O O   . HOH B .  ? 0.4383 0.3170 0.2748 0.0806  -0.1113 0.0471  123 HOH A O   
558 O O   . HOH B .  ? 0.3654 0.4974 0.5254 0.1397  -0.1664 -0.0779 124 HOH A O   
559 O O   . HOH B .  ? 0.5588 0.3356 0.2057 0.0029  -0.0911 -0.0033 125 HOH A O   
560 O O   . HOH B .  ? 0.6129 0.3868 0.2906 0.2515  0.0034  0.0647  126 HOH A O   
561 O O   . HOH B .  ? 0.4265 0.3673 0.2381 0.0719  -0.0978 -0.0145 127 HOH A O   
562 O O   . HOH B .  ? 0.4779 0.3707 0.3858 -0.0459 -0.0959 -0.0047 128 HOH A O   
563 O O   . HOH B .  ? 0.5338 0.6100 0.2938 0.0116  -0.1375 -0.0082 129 HOH A O   
564 O O   . HOH B .  ? 0.3424 0.6231 0.4615 -0.0981 -0.2050 0.0843  130 HOH A O   
565 O O   . HOH B .  ? 0.4256 0.3674 0.2317 0.1030  -0.1561 -0.0290 131 HOH A O   
566 O O   . HOH B .  ? 0.5165 0.3380 0.2366 0.0216  -0.1303 0.0331  132 HOH A O   
567 O O   . HOH B .  ? 0.3564 0.4691 0.4277 0.1277  -0.1680 -0.1900 133 HOH A O   
568 O O   . HOH B .  ? 0.3371 0.3656 0.3095 -0.0207 -0.1208 -0.0108 134 HOH A O   
569 O O   . HOH B .  ? 0.1856 0.4180 0.3551 -0.0041 -0.0509 0.0698  135 HOH A O   
570 O O   . HOH B .  ? 0.4349 0.4710 0.2283 -0.1101 -0.1191 0.0750  136 HOH A O   
571 O O   . HOH B .  ? 0.3221 0.4449 0.3923 0.1057  -0.0241 0.0246  137 HOH A O   
572 O O   . HOH B .  ? 0.3624 0.5375 0.3198 0.0895  -0.0531 0.0571  138 HOH A O   
573 O O   . HOH B .  ? 0.3501 0.3430 0.2503 -0.0218 -0.1173 0.0327  139 HOH A O   
574 O O   . HOH B .  ? 0.3778 0.5525 0.3541 -0.0860 -0.0708 0.0801  140 HOH A O   
575 O O   . HOH B .  ? 0.3591 0.3881 0.2142 0.0762  -0.0375 0.0509  141 HOH A O   
576 O O   . HOH B .  ? 0.2263 0.4050 0.2623 0.0326  -0.0513 0.0817  142 HOH A O   
577 O O   . HOH B .  ? 0.2712 0.3659 0.3148 0.0102  -0.1515 0.0901  143 HOH A O   
578 O O   . HOH B .  ? 0.6517 0.5347 0.2492 -0.1153 0.0025  -0.0020 144 HOH A O   
579 O O   . HOH B .  ? 0.4586 0.3722 0.3990 0.0677  -0.0514 0.0456  145 HOH A O   
580 O O   . HOH B .  ? 0.8261 0.5639 0.2636 -0.0003 -0.1078 0.0817  146 HOH A O   
581 O O   . HOH B .  ? 0.2207 0.3369 0.1522 0.0783  -0.0423 0.0634  147 HOH A O   
582 O O   . HOH B .  ? 0.4197 0.3571 0.2794 0.0802  -0.1893 -0.0329 148 HOH A O   
583 O O   . HOH B .  ? 0.3550 0.3261 0.2423 0.0479  -0.1132 -0.0299 149 HOH A O   
584 O O   . HOH B .  ? 0.3094 0.3942 0.4450 -0.0056 -0.0918 0.0311  150 HOH A O   
585 O O   . HOH B .  ? 0.5810 0.5803 0.2901 0.3128  -0.0767 -0.0045 151 HOH A O   
586 O O   . HOH B .  ? 0.3868 0.4476 0.3072 0.1199  -0.1183 -0.0827 152 HOH A O   
587 O O   . HOH B .  ? 0.3008 0.4030 0.3571 0.0435  -0.0598 -0.0975 153 HOH A O   
588 O O   . HOH B .  ? 0.3536 0.3031 0.2370 0.1091  -0.1193 -0.0264 154 HOH A O   
589 O O   . HOH B .  ? 0.6626 0.5599 0.4528 0.0440  0.1201  -0.0052 155 HOH A O   
590 O O   . HOH B .  ? 0.2277 0.3695 0.2533 0.0695  -0.1258 -0.0171 156 HOH A O   
591 O O   . HOH B .  ? 0.5420 0.5084 0.3058 0.1329  -0.0666 -0.1122 157 HOH A O   
592 O O   . HOH B .  ? 0.2645 0.4793 0.3544 -0.0493 -0.1617 0.0726  158 HOH A O   
593 O O   . HOH B .  ? 0.2899 0.3942 0.4040 -0.0112 -0.1209 0.1070  159 HOH A O   
594 O O   . HOH B .  ? 0.3185 0.2477 0.4977 -0.0627 0.0452  -0.1060 160 HOH A O   
595 O O   . HOH B .  ? 0.4100 0.3526 0.7827 0.0049  -0.2331 0.1639  161 HOH A O   
596 O O   . HOH B .  ? 0.3104 0.3459 0.5171 0.0838  -0.1203 -0.1003 162 HOH A O   
597 O O   . HOH B .  ? 0.3639 0.3656 0.4372 -0.1176 -0.0950 0.0276  163 HOH A O   
598 O O   . HOH B .  ? 0.4141 0.5104 0.5250 0.0901  0.0120  -0.1133 164 HOH A O   
599 O O   . HOH B .  ? 0.3086 0.3957 0.3887 -0.0579 -0.1587 0.0360  165 HOH A O   
600 O O   . HOH B .  ? 0.2605 0.5621 0.5252 0.0191  0.0641  -0.0711 166 HOH A O   
601 O O   . HOH B .  ? 0.1878 0.5260 0.4352 0.0371  -0.0308 0.1887  167 HOH A O   
602 O O   . HOH B .  ? 0.6851 0.5338 0.2509 0.0992  -0.0735 -0.0573 168 HOH A O   
603 O O   . HOH B .  ? 0.2850 0.4013 0.3303 -0.0294 -0.1664 0.0915  169 HOH A O   
604 O O   . HOH B .  ? 0.3219 0.3649 0.3556 0.1053  -0.1467 -0.0689 170 HOH A O   
605 O O   . HOH B .  ? 0.2083 0.5534 0.4503 -0.0770 -0.0815 0.0284  171 HOH A O   
606 O O   . HOH B .  ? 0.2376 0.3689 0.3018 -0.0155 -0.0658 0.0897  172 HOH A O   
607 O O   . HOH B .  ? 0.3741 0.4222 0.2728 0.1336  -0.0674 -0.0218 173 HOH A O   
608 O O   . HOH B .  ? 0.3752 0.3919 0.4061 -0.0196 -0.1141 -0.0630 174 HOH A O   
609 O O   . HOH B .  ? 0.2082 0.3760 0.2468 0.0006  -0.0602 -0.0071 175 HOH A O   
610 O O   . HOH B .  ? 0.6703 0.5549 0.4213 0.0647  -0.1775 -0.0097 176 HOH A O   
611 O O   . HOH B .  ? 0.2113 0.6521 0.3768 0.0332  -0.0651 -0.1251 177 HOH A O   
612 O O   . HOH B .  ? 0.2847 0.7774 0.7129 0.0212  -0.1201 -0.1162 178 HOH A O   
613 O O   . HOH B .  ? 0.2908 0.6117 0.6240 -0.0206 -0.1376 -0.1915 179 HOH A O   
614 O O   . HOH B .  ? 0.2257 0.4784 0.4199 -0.0167 -0.0487 0.0220  180 HOH A O   
615 O O   . HOH B .  ? 0.2761 0.3561 0.3452 -0.0036 -0.1582 -0.0322 181 HOH A O   
616 O O   . HOH B .  ? 0.3350 0.4414 0.3501 -0.0242 -0.1622 -0.0559 182 HOH A O   
617 O O   . HOH B .  ? 0.3075 0.6688 0.4679 0.1114  -0.1317 -0.0002 183 HOH A O   
618 O O   . HOH B .  ? 0.4833 0.5769 0.5043 0.0026  -0.2959 -0.0099 184 HOH A O   
619 O O   . HOH B .  ? 0.3985 0.6250 0.2383 0.1372  -0.0036 0.0556  185 HOH A O   
620 O O   . HOH B .  ? 0.5250 0.4073 0.6885 -0.0709 0.0843  -0.1222 186 HOH A O   
621 O O   . HOH B .  ? 0.2563 0.2766 0.3702 0.0110  -0.1317 -0.0671 187 HOH A O   
622 O O   . HOH B .  ? 0.4653 0.4081 0.2641 0.1184  -0.1096 0.0064  188 HOH A O   
623 O O   . HOH B .  ? 0.5341 0.5801 0.4135 0.0840  -0.0204 -0.1107 189 HOH A O   
624 O O   . HOH B .  ? 0.6277 0.6453 0.5446 0.1845  -0.0687 -0.1251 190 HOH A O   
625 O O   . HOH B .  ? 0.3165 0.3849 0.3967 -0.0376 -0.0433 -0.0445 191 HOH A O   
626 O O   . HOH B .  ? 0.2862 0.5456 0.4496 -0.0599 -0.1239 0.2095  192 HOH A O   
627 O O   . HOH B .  ? 0.9181 0.4306 0.3660 0.3040  -0.0059 0.0028  193 HOH A O   
628 O O   . HOH B .  ? 0.2848 0.3105 0.6697 0.0423  0.0447  0.0846  194 HOH A O   
629 O O   . HOH B .  ? 0.3750 0.4621 0.6751 0.0915  0.0410  0.1160  195 HOH A O   
630 O O   . HOH B .  ? 0.2654 0.6422 0.4882 -0.0059 -0.1825 0.0238  196 HOH A O   
631 O O   . HOH B .  ? 0.3961 0.3475 0.2664 -0.0155 -0.1812 0.0520  197 HOH A O   
632 O O   . HOH B .  ? 0.5038 0.5662 0.8508 0.0194  -0.0071 0.1799  198 HOH A O   
633 O O   . HOH B .  ? 0.3472 0.4463 0.4144 0.0752  0.0043  -0.1019 199 HOH A O   
634 O O   . HOH B .  ? 0.4255 0.6960 0.5120 0.2380  -0.1066 -0.1576 200 HOH A O   
635 O O   . HOH B .  ? 0.4823 0.4925 0.4383 0.1244  -0.1541 0.0369  201 HOH A O   
636 O O   . HOH B .  ? 0.8215 0.5288 0.3479 -0.0183 -0.0193 -0.0022 202 HOH A O   
637 O O   . HOH B .  ? 0.7402 0.7100 0.5246 0.1385  -0.0429 0.0955  203 HOH A O   
638 O O   . HOH B .  ? 0.4840 0.4218 0.2661 -0.0296 -0.1031 0.0201  204 HOH A O   
639 O O   . HOH B .  ? 0.6796 0.7933 0.5082 -0.0604 0.0761  -0.0350 205 HOH A O   
640 O O   . HOH B .  ? 0.5563 0.6825 0.3203 0.0329  -0.2300 0.0290  206 HOH A O   
641 O O   . HOH B .  ? 0.6204 0.8351 0.7390 0.1121  0.0767  0.0118  207 HOH A O   
642 O O   . HOH B .  ? 0.2657 0.3820 0.2326 0.0773  -0.0848 0.0388  208 HOH A O   
643 O O   . HOH B .  ? 0.2786 0.5240 0.7082 0.0375  0.0740  0.1096  209 HOH A O   
644 O O   . HOH B .  ? 0.3253 0.4973 0.3708 0.0199  -0.0773 0.0564  210 HOH A O   
645 O O   . HOH B .  ? 0.6148 0.4506 0.5040 -0.1052 -0.2258 0.1759  211 HOH A O   
646 O O   . HOH B .  ? 0.5011 0.5734 0.5207 0.1779  -0.0897 -0.1138 212 HOH A O   
647 O O   . HOH B .  ? 0.4957 0.2502 0.2591 0.1608  -0.0835 0.0124  213 HOH A O   
# 
